data_4ELG
#
_entry.id   4ELG
#
_cell.length_a   68.151
_cell.length_b   135.655
_cell.length_c   168.324
_cell.angle_alpha   90.00
_cell.angle_beta   90.00
_cell.angle_gamma   90.00
#
_symmetry.space_group_name_H-M   'P 21 21 21'
#
loop_
_entity.id
_entity.type
_entity.pdbx_description
1 polymer 'Dihydrofolate reductase'
2 non-polymer (2E)-3-{5-[(2,4-diaminopyrimidin-5-yl)methyl]-2,3-dimethoxyphenyl}-1-[(1S)-1-(2-methylpropyl)phthalazin-2(1H)-yl]prop-2-en-1-one
3 non-polymer 'CALCIUM ION'
4 non-polymer 'CHLORIDE ION'
5 non-polymer '(2E)-3-{5-[(2,4-diaminopyrimidin-5-yl)methyl]-2,3-dimethoxyphenyl}-1-[(1R)-1-(2-methylpropyl)phthalazin-2(1H)-yl]prop-2 -en-1-one'
6 water water
#
_entity_poly.entity_id   1
_entity_poly.type   'polypeptide(L)'
_entity_poly.pdbx_seq_one_letter_code
;MIVSFMVAMDENRVIGKDNNLPWRLPSELQYVKKTTMGHPLIMGRKNYEAIGRPLPGRRNIIVTRNEGYHVEGCEVAHSV
EEVFELCKNEEEIFIFGGAQIYDLFLPYVDKLYITKIHHAFEGDTFFPEMDMTNWKEVFVEKGLTDEKNPYTYYYHVYEK
QQLVPR
;
_entity_poly.pdbx_strand_id   A,B,C,D,E,F,G,H
#
loop_
_chem_comp.id
_chem_comp.type
_chem_comp.name
_chem_comp.formula
52I non-polymer '(2E)-3-{5-[(2,4-diaminopyrimidin-5-yl)methyl]-2,3-dimethoxyphenyl}-1-[(1R)-1-(2-methylpropyl)phthalazin-2(1H)-yl]prop-2 -en-1-one' 'C28 H32 N6 O3'
52J non-polymer (2E)-3-{5-[(2,4-diaminopyrimidin-5-yl)methyl]-2,3-dimethoxyphenyl}-1-[(1S)-1-(2-methylpropyl)phthalazin-2(1H)-yl]prop-2-en-1-one 'C28 H32 N6 O3'
CA non-polymer 'CALCIUM ION' 'Ca 2'
CL non-polymer 'CHLORIDE ION' 'Cl -1'
#
# COMPACT_ATOMS: atom_id res chain seq x y z
N MET A 1 -40.86 -27.78 28.00
CA MET A 1 -40.13 -26.91 27.07
C MET A 1 -39.29 -27.73 26.11
N ILE A 2 -39.65 -27.71 24.83
CA ILE A 2 -38.87 -28.40 23.81
C ILE A 2 -37.62 -27.59 23.48
N VAL A 3 -36.47 -28.21 23.70
CA VAL A 3 -35.22 -27.56 23.35
C VAL A 3 -34.80 -28.06 21.96
N SER A 4 -34.81 -27.15 20.98
CA SER A 4 -34.54 -27.52 19.58
C SER A 4 -33.29 -26.86 19.01
N PHE A 5 -32.49 -27.64 18.27
CA PHE A 5 -31.37 -27.07 17.53
C PHE A 5 -31.84 -26.70 16.13
N MET A 6 -31.51 -25.48 15.71
CA MET A 6 -31.77 -25.06 14.35
C MET A 6 -30.41 -24.87 13.70
N VAL A 7 -30.14 -25.63 12.63
CA VAL A 7 -28.81 -25.59 12.04
C VAL A 7 -28.82 -25.75 10.51
N ALA A 8 -27.94 -25.01 9.85
CA ALA A 8 -27.67 -25.22 8.44
C ALA A 8 -26.19 -25.53 8.27
N MET A 9 -25.88 -26.67 7.68
CA MET A 9 -24.47 -27.05 7.58
C MET A 9 -24.17 -27.75 6.27
N ASP A 10 -22.90 -27.76 5.90
CA ASP A 10 -22.50 -28.43 4.68
C ASP A 10 -22.09 -29.88 4.97
N GLU A 11 -21.51 -30.55 3.97
CA GLU A 11 -21.28 -31.99 4.03
C GLU A 11 -20.16 -32.37 4.99
N ASN A 12 -19.45 -31.36 5.49
CA ASN A 12 -18.42 -31.56 6.49
C ASN A 12 -18.81 -30.83 7.77
N ARG A 13 -20.10 -30.50 7.90
CA ARG A 13 -20.65 -29.86 9.10
C ARG A 13 -20.24 -28.41 9.28
N VAL A 14 -19.65 -27.81 8.25
CA VAL A 14 -19.33 -26.39 8.30
C VAL A 14 -20.59 -25.56 8.56
N ILE A 15 -20.52 -24.65 9.52
CA ILE A 15 -21.64 -23.74 9.77
C ILE A 15 -21.21 -22.27 9.69
N GLY A 16 -19.91 -22.05 9.55
CA GLY A 16 -19.42 -20.69 9.47
C GLY A 16 -18.05 -20.57 8.83
N LYS A 17 -17.78 -19.39 8.30
CA LYS A 17 -16.44 -19.01 7.82
C LYS A 17 -16.25 -17.53 8.16
N ASP A 18 -15.30 -17.24 9.05
CA ASP A 18 -15.01 -15.86 9.48
C ASP A 18 -16.27 -15.14 10.00
N ASN A 19 -17.05 -15.85 10.81
CA ASN A 19 -18.30 -15.32 11.35
C ASN A 19 -19.31 -14.95 10.24
N ASN A 20 -19.45 -15.83 9.26
CA ASN A 20 -20.42 -15.64 8.19
C ASN A 20 -20.89 -16.98 7.65
N LEU A 21 -22.00 -16.98 6.91
CA LEU A 21 -22.39 -18.19 6.19
C LEU A 21 -21.57 -18.23 4.90
N PRO A 22 -21.06 -19.41 4.55
CA PRO A 22 -20.30 -19.50 3.30
C PRO A 22 -21.23 -19.55 2.10
N TRP A 23 -22.52 -19.70 2.35
CA TRP A 23 -23.49 -19.78 1.26
C TRP A 23 -24.55 -18.67 1.34
N ARG A 24 -25.17 -18.33 0.22
CA ARG A 24 -26.31 -17.40 0.25
C ARG A 24 -27.55 -18.12 -0.28
N LEU A 25 -28.40 -18.54 0.65
CA LEU A 25 -29.59 -19.31 0.33
C LEU A 25 -30.78 -18.67 1.01
N PRO A 26 -31.36 -17.63 0.38
CA PRO A 26 -32.48 -16.89 0.98
C PRO A 26 -33.66 -17.79 1.34
N SER A 27 -33.93 -18.78 0.48
CA SER A 27 -35.06 -19.69 0.72
C SER A 27 -34.85 -20.46 2.02
N GLU A 28 -33.61 -20.88 2.27
CA GLU A 28 -33.28 -21.56 3.52
C GLU A 28 -33.65 -20.69 4.72
N LEU A 29 -33.25 -19.43 4.68
CA LEU A 29 -33.54 -18.50 5.77
C LEU A 29 -35.05 -18.26 5.91
N GLN A 30 -35.76 -18.26 4.79
CA GLN A 30 -37.22 -18.19 4.85
C GLN A 30 -37.78 -19.43 5.57
N TYR A 31 -37.14 -20.58 5.38
CA TYR A 31 -37.55 -21.79 6.10
C TYR A 31 -37.38 -21.58 7.59
N VAL A 32 -36.20 -21.09 7.95
CA VAL A 32 -35.88 -20.77 9.34
C VAL A 32 -36.90 -19.81 9.93
N LYS A 33 -37.24 -18.75 9.18
CA LYS A 33 -38.19 -17.78 9.69
C LYS A 33 -39.54 -18.44 9.95
N LYS A 34 -40.03 -19.21 8.98
CA LYS A 34 -41.31 -19.90 9.14
C LYS A 34 -41.26 -20.89 10.29
N THR A 35 -40.18 -21.65 10.38
CA THR A 35 -40.09 -22.68 11.40
C THR A 35 -40.07 -22.11 12.83
N THR A 36 -39.35 -21.00 13.03
CA THR A 36 -39.11 -20.49 14.38
C THR A 36 -40.13 -19.46 14.86
N MET A 37 -41.05 -19.09 13.97
CA MET A 37 -42.05 -18.07 14.29
C MET A 37 -42.74 -18.30 15.64
N GLY A 38 -42.75 -17.28 16.48
CA GLY A 38 -43.42 -17.33 17.78
C GLY A 38 -42.60 -18.04 18.85
N HIS A 39 -41.33 -18.29 18.55
CA HIS A 39 -40.44 -19.01 19.45
C HIS A 39 -39.12 -18.29 19.60
N PRO A 40 -38.56 -18.33 20.83
CA PRO A 40 -37.26 -17.71 21.10
C PRO A 40 -36.13 -18.31 20.27
N LEU A 41 -35.28 -17.45 19.72
CA LEU A 41 -34.02 -17.84 19.10
C LEU A 41 -32.94 -17.65 20.14
N ILE A 42 -32.16 -18.70 20.40
CA ILE A 42 -31.06 -18.58 21.34
C ILE A 42 -29.76 -18.62 20.55
N MET A 43 -28.93 -17.60 20.71
CA MET A 43 -27.68 -17.55 19.96
C MET A 43 -26.56 -16.89 20.75
N GLY A 44 -25.32 -17.27 20.44
CA GLY A 44 -24.17 -16.61 21.03
C GLY A 44 -23.99 -15.21 20.45
N ARG A 45 -23.22 -14.39 21.15
CA ARG A 45 -22.96 -13.02 20.73
C ARG A 45 -22.40 -12.95 19.32
N LYS A 46 -21.37 -13.76 19.03
CA LYS A 46 -20.72 -13.77 17.72
C LYS A 46 -21.69 -14.10 16.59
N ASN A 47 -22.55 -15.09 16.85
CA ASN A 47 -23.60 -15.44 15.92
C ASN A 47 -24.53 -14.25 15.74
N TYR A 48 -24.96 -13.63 16.85
CA TYR A 48 -25.78 -12.42 16.75
C TYR A 48 -25.10 -11.32 15.89
N GLU A 49 -23.85 -11.01 16.19
CA GLU A 49 -23.16 -9.94 15.46
C GLU A 49 -22.90 -10.29 13.99
N ALA A 50 -22.91 -11.58 13.67
CA ALA A 50 -22.73 -12.01 12.29
C ALA A 50 -23.99 -11.69 11.49
N ILE A 51 -25.14 -11.81 12.16
CA ILE A 51 -26.43 -11.46 11.58
C ILE A 51 -26.60 -9.94 11.61
N GLY A 52 -26.05 -9.30 12.64
CA GLY A 52 -25.94 -7.86 12.67
C GLY A 52 -27.17 -7.09 13.13
N ARG A 53 -28.29 -7.80 13.31
CA ARG A 53 -29.52 -7.15 13.76
C ARG A 53 -30.47 -8.14 14.45
N PRO A 54 -31.44 -7.61 15.23
CA PRO A 54 -32.43 -8.53 15.80
C PRO A 54 -33.34 -9.09 14.71
N LEU A 55 -33.59 -10.40 14.75
CA LEU A 55 -34.56 -11.02 13.85
C LEU A 55 -35.98 -10.83 14.42
N PRO A 56 -36.79 -10.01 13.74
CA PRO A 56 -38.07 -9.55 14.28
C PRO A 56 -39.10 -10.67 14.37
N GLY A 57 -40.12 -10.47 15.21
CA GLY A 57 -41.16 -11.46 15.39
C GLY A 57 -40.76 -12.60 16.30
N ARG A 58 -39.59 -12.47 16.91
CA ARG A 58 -39.05 -13.51 17.77
C ARG A 58 -38.37 -12.93 19.01
N ARG A 59 -38.38 -13.69 20.09
CA ARG A 59 -37.57 -13.35 21.24
C ARG A 59 -36.13 -13.66 20.91
N ASN A 60 -35.35 -12.61 20.70
CA ASN A 60 -33.93 -12.80 20.44
C ASN A 60 -33.23 -12.84 21.78
N ILE A 61 -32.52 -13.92 22.06
CA ILE A 61 -31.83 -14.06 23.33
C ILE A 61 -30.37 -14.34 23.06
N ILE A 62 -29.52 -13.39 23.44
CA ILE A 62 -28.09 -13.54 23.20
C ILE A 62 -27.41 -14.14 24.43
N VAL A 63 -26.62 -15.19 24.22
CA VAL A 63 -25.91 -15.82 25.32
C VAL A 63 -24.44 -15.41 25.36
N THR A 64 -24.06 -14.69 26.40
CA THR A 64 -22.67 -14.31 26.61
C THR A 64 -22.26 -14.33 28.07
N ARG A 65 -21.00 -14.67 28.33
CA ARG A 65 -20.45 -14.58 29.68
C ARG A 65 -20.38 -13.13 30.20
N ASN A 66 -20.36 -12.17 29.28
CA ASN A 66 -20.21 -10.75 29.62
C ASN A 66 -21.44 -10.12 30.30
N GLU A 67 -21.33 -9.83 31.59
CA GLU A 67 -22.48 -9.38 32.39
C GLU A 67 -23.15 -8.05 31.97
N GLY A 68 -22.41 -7.15 31.36
CA GLY A 68 -22.99 -5.88 30.96
C GLY A 68 -23.21 -5.70 29.47
N TYR A 69 -23.29 -6.82 28.74
CA TYR A 69 -23.59 -6.77 27.33
C TYR A 69 -25.08 -6.55 27.15
N HIS A 70 -25.42 -5.52 26.38
CA HIS A 70 -26.81 -5.23 26.04
C HIS A 70 -26.88 -4.79 24.59
N VAL A 71 -27.89 -5.27 23.88
CA VAL A 71 -28.30 -4.59 22.65
C VAL A 71 -29.80 -4.33 22.70
N GLU A 72 -30.23 -3.20 22.14
CA GLU A 72 -31.66 -2.88 22.10
C GLU A 72 -32.44 -3.89 21.26
N GLY A 73 -33.63 -4.25 21.70
CA GLY A 73 -34.44 -5.22 21.00
C GLY A 73 -34.04 -6.67 21.19
N CYS A 74 -33.19 -6.93 22.17
CA CYS A 74 -32.73 -8.29 22.46
C CYS A 74 -32.63 -8.55 23.97
N GLU A 75 -32.69 -9.82 24.35
CA GLU A 75 -32.44 -10.21 25.74
C GLU A 75 -31.07 -10.86 25.87
N VAL A 76 -30.41 -10.61 26.99
CA VAL A 76 -29.09 -11.17 27.21
C VAL A 76 -29.09 -12.18 28.38
N ALA A 77 -28.58 -13.38 28.13
CA ALA A 77 -28.52 -14.41 29.15
C ALA A 77 -27.07 -14.85 29.29
N HIS A 78 -26.66 -15.21 30.50
CA HIS A 78 -25.25 -15.47 30.73
C HIS A 78 -24.92 -16.93 31.06
N SER A 79 -25.93 -17.78 30.92
CA SER A 79 -25.78 -19.19 31.22
C SER A 79 -26.98 -19.95 30.70
N VAL A 80 -26.85 -21.27 30.61
CA VAL A 80 -27.98 -22.12 30.26
C VAL A 80 -29.12 -21.94 31.27
N GLU A 81 -28.77 -21.98 32.57
CA GLU A 81 -29.78 -21.82 33.62
C GLU A 81 -30.58 -20.52 33.42
N GLU A 82 -29.87 -19.46 33.06
CA GLU A 82 -30.51 -18.16 32.85
C GLU A 82 -31.44 -18.19 31.64
N VAL A 83 -31.01 -18.88 30.59
CA VAL A 83 -31.87 -19.10 29.42
C VAL A 83 -33.15 -19.86 29.78
N PHE A 84 -33.04 -20.93 30.56
CA PHE A 84 -34.24 -21.71 30.91
C PHE A 84 -35.19 -20.91 31.80
N GLU A 85 -34.64 -20.10 32.68
CA GLU A 85 -35.44 -19.22 33.52
C GLU A 85 -36.17 -18.17 32.66
N LEU A 86 -35.45 -17.55 31.74
CA LEU A 86 -36.05 -16.58 30.83
C LEU A 86 -37.16 -17.20 30.00
N CYS A 87 -36.97 -18.44 29.59
CA CYS A 87 -37.93 -19.11 28.72
C CYS A 87 -38.83 -20.10 29.46
N LYS A 88 -38.97 -19.90 30.77
CA LYS A 88 -39.69 -20.88 31.60
C LYS A 88 -41.09 -21.23 31.09
N ASN A 89 -41.76 -20.26 30.47
CA ASN A 89 -43.10 -20.52 29.95
C ASN A 89 -43.14 -20.88 28.46
N GLU A 90 -41.97 -20.94 27.83
CA GLU A 90 -41.91 -21.24 26.40
C GLU A 90 -42.15 -22.71 26.11
N GLU A 91 -42.95 -23.00 25.10
CA GLU A 91 -43.17 -24.40 24.71
C GLU A 91 -41.99 -24.97 23.92
N GLU A 92 -41.32 -24.12 23.14
CA GLU A 92 -40.18 -24.53 22.33
C GLU A 92 -39.19 -23.37 22.16
N ILE A 93 -37.90 -23.66 22.26
CA ILE A 93 -36.89 -22.64 21.99
C ILE A 93 -35.93 -23.15 20.92
N PHE A 94 -35.33 -22.24 20.16
CA PHE A 94 -34.42 -22.68 19.11
C PHE A 94 -32.99 -22.24 19.37
N ILE A 95 -32.13 -23.23 19.53
CA ILE A 95 -30.72 -22.95 19.69
C ILE A 95 -30.21 -22.66 18.28
N PHE A 96 -29.78 -21.42 18.08
CA PHE A 96 -29.53 -20.86 16.76
C PHE A 96 -28.07 -20.89 16.40
N GLY A 97 -27.27 -21.30 17.36
CA GLY A 97 -25.89 -21.52 17.05
C GLY A 97 -24.92 -20.55 17.67
N GLY A 98 -23.72 -20.69 17.16
CA GLY A 98 -22.53 -20.69 17.95
C GLY A 98 -22.37 -22.17 18.15
N ALA A 99 -21.37 -22.76 17.49
CA ALA A 99 -20.92 -24.11 17.80
C ALA A 99 -20.86 -24.32 19.33
N GLN A 100 -20.21 -23.39 20.02
CA GLN A 100 -20.10 -23.43 21.46
C GLN A 100 -21.48 -23.39 22.11
N ILE A 101 -22.40 -22.61 21.53
CA ILE A 101 -23.76 -22.52 22.06
C ILE A 101 -24.48 -23.88 21.90
N TYR A 102 -24.34 -24.52 20.74
CA TYR A 102 -24.84 -25.88 20.58
C TYR A 102 -24.29 -26.82 21.67
N ASP A 103 -23.00 -26.72 21.98
CA ASP A 103 -22.45 -27.61 23.01
C ASP A 103 -23.09 -27.36 24.38
N LEU A 104 -23.36 -26.09 24.69
CA LEU A 104 -24.03 -25.74 25.95
C LEU A 104 -25.40 -26.40 26.12
N PHE A 105 -26.18 -26.51 25.04
CA PHE A 105 -27.55 -27.01 25.18
C PHE A 105 -27.70 -28.47 24.77
N LEU A 106 -26.57 -29.06 24.35
CA LEU A 106 -26.50 -30.48 24.01
C LEU A 106 -27.14 -31.44 25.02
N PRO A 107 -26.91 -31.22 26.32
CA PRO A 107 -27.50 -32.24 27.21
C PRO A 107 -29.03 -32.09 27.34
N TYR A 108 -29.59 -31.07 26.69
CA TYR A 108 -31.01 -30.75 26.88
C TYR A 108 -31.84 -30.86 25.60
N VAL A 109 -31.15 -30.92 24.46
CA VAL A 109 -31.83 -30.88 23.17
C VAL A 109 -32.80 -32.04 22.99
N ASP A 110 -34.00 -31.73 22.49
CA ASP A 110 -35.02 -32.75 22.23
C ASP A 110 -35.34 -32.91 20.75
N LYS A 111 -34.90 -31.95 19.95
CA LYS A 111 -35.34 -31.92 18.56
C LYS A 111 -34.29 -31.24 17.68
N LEU A 112 -34.04 -31.80 16.50
CA LEU A 112 -32.99 -31.29 15.60
C LEU A 112 -33.58 -30.86 14.26
N TYR A 113 -33.47 -29.57 13.97
CA TYR A 113 -33.86 -29.06 12.66
C TYR A 113 -32.56 -28.79 11.92
N ILE A 114 -32.17 -29.73 11.09
CA ILE A 114 -30.88 -29.64 10.43
C ILE A 114 -31.06 -29.45 8.94
N THR A 115 -30.54 -28.35 8.41
CA THR A 115 -30.51 -28.17 6.97
C THR A 115 -29.16 -28.71 6.48
N LYS A 116 -29.18 -29.65 5.54
CA LYS A 116 -27.92 -30.23 5.04
C LYS A 116 -27.64 -29.80 3.59
N ILE A 117 -26.56 -29.04 3.40
CA ILE A 117 -26.23 -28.51 2.09
C ILE A 117 -25.23 -29.43 1.39
N HIS A 118 -25.56 -29.86 0.17
CA HIS A 118 -24.74 -30.86 -0.53
C HIS A 118 -23.56 -30.24 -1.27
N HIS A 119 -22.62 -29.71 -0.51
CA HIS A 119 -21.46 -29.03 -1.06
C HIS A 119 -20.44 -28.90 0.06
N ALA A 120 -19.17 -28.83 -0.30
CA ALA A 120 -18.12 -28.57 0.67
C ALA A 120 -17.56 -27.16 0.49
N PHE A 121 -17.76 -26.33 1.50
CA PHE A 121 -17.24 -24.96 1.51
C PHE A 121 -15.97 -24.88 2.35
N GLU A 122 -15.28 -23.74 2.25
CA GLU A 122 -14.23 -23.41 3.21
C GLU A 122 -14.91 -22.93 4.49
N GLY A 123 -14.47 -23.44 5.64
CA GLY A 123 -15.09 -23.11 6.92
C GLY A 123 -14.10 -23.16 8.06
N ASP A 124 -14.46 -22.56 9.18
CA ASP A 124 -13.55 -22.54 10.32
C ASP A 124 -14.29 -22.89 11.61
N THR A 125 -15.60 -23.07 11.49
CA THR A 125 -16.42 -23.51 12.62
C THR A 125 -17.47 -24.53 12.14
N PHE A 126 -17.82 -25.45 13.04
CA PHE A 126 -18.54 -26.67 12.68
C PHE A 126 -19.65 -27.06 13.65
N PHE A 127 -20.70 -27.68 13.13
CA PHE A 127 -21.73 -28.26 13.99
C PHE A 127 -21.10 -29.48 14.68
N PRO A 128 -21.14 -29.51 16.02
CA PRO A 128 -20.52 -30.62 16.76
C PRO A 128 -21.04 -31.99 16.31
N GLU A 129 -20.16 -32.99 16.28
CA GLU A 129 -20.55 -34.35 15.97
C GLU A 129 -21.61 -34.79 16.98
N MET A 130 -22.60 -35.56 16.51
CA MET A 130 -23.63 -36.10 17.39
C MET A 130 -23.89 -37.56 17.04
N ASP A 131 -24.08 -38.39 18.06
CA ASP A 131 -24.49 -39.77 17.84
C ASP A 131 -25.93 -39.79 17.35
N MET A 132 -26.12 -40.11 16.08
CA MET A 132 -27.44 -40.03 15.48
C MET A 132 -28.28 -41.30 15.69
N THR A 133 -27.71 -42.34 16.30
CA THR A 133 -28.51 -43.52 16.67
C THR A 133 -29.41 -43.18 17.86
N ASN A 134 -29.08 -42.09 18.55
CA ASN A 134 -29.97 -41.51 19.56
C ASN A 134 -31.19 -40.85 18.90
N TRP A 135 -31.12 -40.63 17.60
CA TRP A 135 -32.11 -39.82 16.91
C TRP A 135 -32.85 -40.55 15.81
N LYS A 136 -33.93 -39.93 15.33
CA LYS A 136 -34.78 -40.55 14.36
C LYS A 136 -35.46 -39.49 13.52
N GLU A 137 -35.38 -39.65 12.21
CA GLU A 137 -35.92 -38.64 11.31
C GLU A 137 -37.43 -38.73 11.26
N VAL A 138 -38.07 -37.58 11.48
CA VAL A 138 -39.53 -37.49 11.42
C VAL A 138 -39.98 -36.72 10.17
N PHE A 139 -39.07 -35.93 9.59
CA PHE A 139 -39.40 -35.13 8.41
C PHE A 139 -38.17 -34.82 7.54
N VAL A 140 -38.36 -34.83 6.22
CA VAL A 140 -37.32 -34.46 5.28
C VAL A 140 -37.99 -33.76 4.10
N GLU A 141 -37.30 -32.78 3.52
CA GLU A 141 -37.81 -32.07 2.35
C GLU A 141 -36.66 -31.45 1.59
N LYS A 142 -36.61 -31.69 0.28
CA LYS A 142 -35.56 -31.07 -0.58
C LYS A 142 -35.79 -29.57 -0.64
N GLY A 143 -34.73 -28.80 -0.37
CA GLY A 143 -34.79 -27.36 -0.43
C GLY A 143 -34.94 -26.83 -1.86
N LEU A 144 -35.45 -25.61 -1.99
CA LEU A 144 -35.56 -24.96 -3.29
C LEU A 144 -34.19 -24.54 -3.87
N THR A 145 -33.79 -25.20 -4.95
CA THR A 145 -32.57 -24.85 -5.65
C THR A 145 -32.87 -24.11 -6.96
N ASP A 146 -32.27 -22.92 -7.14
CA ASP A 146 -32.55 -22.10 -8.31
C ASP A 146 -31.51 -20.99 -8.50
N GLU A 147 -31.87 -19.91 -9.20
CA GLU A 147 -30.93 -18.82 -9.48
C GLU A 147 -30.40 -18.16 -8.21
N LYS A 148 -31.26 -18.03 -7.21
CA LYS A 148 -30.92 -17.33 -5.99
C LYS A 148 -30.44 -18.28 -4.89
N ASN A 149 -30.71 -19.57 -5.09
CA ASN A 149 -30.28 -20.58 -4.14
C ASN A 149 -29.51 -21.65 -4.91
N PRO A 150 -28.21 -21.40 -5.13
CA PRO A 150 -27.47 -22.21 -6.11
C PRO A 150 -27.36 -23.67 -5.70
N TYR A 151 -27.11 -23.93 -4.42
CA TYR A 151 -26.72 -25.25 -3.99
C TYR A 151 -27.91 -26.17 -3.77
N THR A 152 -27.61 -27.47 -3.73
CA THR A 152 -28.62 -28.47 -3.39
C THR A 152 -28.58 -28.69 -1.87
N TYR A 153 -29.74 -28.64 -1.24
CA TYR A 153 -29.81 -28.78 0.21
C TYR A 153 -31.15 -29.37 0.61
N TYR A 154 -31.16 -29.98 1.80
CA TYR A 154 -32.32 -30.70 2.29
C TYR A 154 -32.61 -30.32 3.75
N TYR A 155 -33.89 -30.08 4.06
CA TYR A 155 -34.34 -29.87 5.43
C TYR A 155 -34.58 -31.23 6.05
N HIS A 156 -34.01 -31.42 7.24
CA HIS A 156 -34.21 -32.65 8.04
C HIS A 156 -34.66 -32.27 9.45
N VAL A 157 -35.60 -33.05 9.99
CA VAL A 157 -36.03 -32.85 11.38
C VAL A 157 -35.95 -34.18 12.12
N TYR A 158 -35.27 -34.18 13.26
CA TYR A 158 -35.09 -35.40 14.05
C TYR A 158 -35.67 -35.29 15.46
N GLU A 159 -36.29 -36.37 15.93
CA GLU A 159 -36.65 -36.47 17.34
C GLU A 159 -35.92 -37.63 18.02
N LYS A 160 -36.00 -37.67 19.35
CA LYS A 160 -35.34 -38.70 20.14
C LYS A 160 -35.82 -40.09 19.77
N GLN A 161 -34.86 -40.97 19.52
CA GLN A 161 -35.16 -42.37 19.28
C GLN A 161 -35.60 -42.99 20.61
N GLN A 162 -36.81 -43.54 20.62
CA GLN A 162 -37.36 -44.19 21.79
C GLN A 162 -36.77 -45.59 21.91
N LEU A 163 -36.19 -45.90 23.07
CA LEU A 163 -35.68 -47.24 23.31
C LEU A 163 -36.81 -48.21 23.66
N VAL A 164 -36.80 -49.38 23.03
CA VAL A 164 -37.72 -50.46 23.42
C VAL A 164 -37.07 -51.31 24.54
N PRO A 165 -37.74 -51.39 25.70
CA PRO A 165 -37.11 -52.05 26.86
C PRO A 165 -36.81 -53.54 26.65
N ARG A 166 -35.73 -54.02 27.26
CA ARG A 166 -35.45 -55.45 27.25
C ARG A 166 -36.40 -56.15 28.21
N MET B 1 -3.25 13.40 -5.25
CA MET B 1 -4.04 12.54 -4.38
C MET B 1 -3.18 12.04 -3.24
N ILE B 2 -3.54 12.43 -2.02
CA ILE B 2 -2.81 11.92 -0.88
C ILE B 2 -3.25 10.50 -0.52
N VAL B 3 -2.29 9.58 -0.58
CA VAL B 3 -2.54 8.19 -0.21
C VAL B 3 -2.03 8.00 1.23
N SER B 4 -2.99 7.78 2.13
CA SER B 4 -2.73 7.75 3.58
C SER B 4 -3.04 6.40 4.18
N PHE B 5 -2.12 5.87 5.01
CA PHE B 5 -2.45 4.64 5.72
C PHE B 5 -3.15 5.05 7.00
N MET B 6 -4.23 4.37 7.33
CA MET B 6 -4.87 4.56 8.64
C MET B 6 -4.71 3.24 9.36
N VAL B 7 -4.08 3.28 10.54
CA VAL B 7 -3.74 2.04 11.23
C VAL B 7 -3.68 2.18 12.75
N ALA B 8 -4.19 1.16 13.45
CA ALA B 8 -4.03 1.06 14.90
C ALA B 8 -3.35 -0.28 15.18
N MET B 9 -2.22 -0.23 15.88
CA MET B 9 -1.48 -1.46 16.15
C MET B 9 -0.88 -1.49 17.54
N ASP B 10 -0.55 -2.69 18.02
CA ASP B 10 0.04 -2.82 19.35
C ASP B 10 1.58 -2.75 19.33
N GLU B 11 2.20 -3.04 20.46
CA GLU B 11 3.66 -3.00 20.63
C GLU B 11 4.39 -3.76 19.55
N ASN B 12 3.76 -4.85 19.07
CA ASN B 12 4.41 -5.77 18.16
C ASN B 12 3.80 -5.69 16.78
N ARG B 13 3.06 -4.61 16.53
CA ARG B 13 2.42 -4.31 15.25
C ARG B 13 1.19 -5.19 14.99
N VAL B 14 0.62 -5.77 16.03
CA VAL B 14 -0.61 -6.53 15.84
C VAL B 14 -1.71 -5.59 15.37
N ILE B 15 -2.41 -5.98 14.30
CA ILE B 15 -3.56 -5.21 13.83
C ILE B 15 -4.86 -6.02 13.89
N GLY B 16 -4.75 -7.31 14.22
CA GLY B 16 -5.94 -8.13 14.26
C GLY B 16 -5.74 -9.50 14.87
N LYS B 17 -6.86 -10.09 15.30
CA LYS B 17 -6.92 -11.44 15.85
C LYS B 17 -8.30 -11.99 15.54
N ASP B 18 -8.35 -13.01 14.68
CA ASP B 18 -9.61 -13.65 14.28
C ASP B 18 -10.59 -12.64 13.69
N ASN B 19 -10.08 -11.80 12.78
CA ASN B 19 -10.87 -10.74 12.14
C ASN B 19 -11.57 -9.80 13.11
N ASN B 20 -10.81 -9.33 14.09
CA ASN B 20 -11.29 -8.33 15.03
C ASN B 20 -10.11 -7.68 15.73
N LEU B 21 -10.35 -6.54 16.36
CA LEU B 21 -9.33 -5.87 17.16
C LEU B 21 -9.24 -6.56 18.51
N PRO B 22 -8.02 -6.88 18.94
CA PRO B 22 -7.79 -7.46 20.28
C PRO B 22 -8.15 -6.50 21.41
N TRP B 23 -8.26 -5.21 21.08
CA TRP B 23 -8.56 -4.20 22.09
C TRP B 23 -9.90 -3.53 21.78
N ARG B 24 -10.50 -2.94 22.81
CA ARG B 24 -11.72 -2.14 22.61
C ARG B 24 -11.46 -0.70 23.03
N LEU B 25 -11.27 0.17 22.03
CA LEU B 25 -10.97 1.56 22.33
C LEU B 25 -11.89 2.45 21.52
N PRO B 26 -13.12 2.68 22.03
CA PRO B 26 -14.12 3.51 21.33
C PRO B 26 -13.56 4.87 20.95
N SER B 27 -12.81 5.47 21.87
CA SER B 27 -12.20 6.77 21.63
C SER B 27 -11.28 6.76 20.40
N GLU B 28 -10.54 5.67 20.21
CA GLU B 28 -9.62 5.51 19.09
C GLU B 28 -10.39 5.51 17.78
N LEU B 29 -11.53 4.81 17.78
CA LEU B 29 -12.42 4.76 16.62
C LEU B 29 -13.11 6.11 16.34
N GLN B 30 -13.41 6.87 17.39
CA GLN B 30 -13.89 8.25 17.20
C GLN B 30 -12.83 9.11 16.50
N TYR B 31 -11.56 8.85 16.82
CA TYR B 31 -10.46 9.52 16.13
C TYR B 31 -10.44 9.10 14.66
N VAL B 32 -10.62 7.80 14.42
CA VAL B 32 -10.72 7.31 13.03
C VAL B 32 -11.84 8.01 12.25
N LYS B 33 -13.01 8.11 12.89
CA LYS B 33 -14.17 8.72 12.27
C LYS B 33 -13.90 10.18 11.92
N LYS B 34 -13.44 10.95 12.90
CA LYS B 34 -13.11 12.35 12.72
C LYS B 34 -12.07 12.56 11.62
N THR B 35 -11.04 11.73 11.64
CA THR B 35 -9.93 11.89 10.70
C THR B 35 -10.34 11.59 9.25
N THR B 36 -11.12 10.54 9.04
CA THR B 36 -11.41 10.06 7.69
C THR B 36 -12.68 10.65 7.13
N MET B 37 -13.32 11.50 7.92
CA MET B 37 -14.59 12.10 7.53
C MET B 37 -14.47 12.77 6.16
N GLY B 38 -15.31 12.36 5.22
CA GLY B 38 -15.37 13.00 3.92
C GLY B 38 -14.35 12.42 2.94
N HIS B 39 -13.64 11.38 3.37
CA HIS B 39 -12.65 10.73 2.51
C HIS B 39 -12.92 9.24 2.38
N PRO B 40 -12.64 8.67 1.20
CA PRO B 40 -12.86 7.25 0.97
C PRO B 40 -12.03 6.37 1.89
N LEU B 41 -12.64 5.29 2.38
CA LEU B 41 -11.93 4.25 3.10
C LEU B 41 -11.68 3.13 2.11
N ILE B 42 -10.43 2.69 2.00
CA ILE B 42 -10.08 1.58 1.13
C ILE B 42 -9.81 0.38 2.01
N MET B 43 -10.57 -0.70 1.85
CA MET B 43 -10.33 -1.88 2.68
C MET B 43 -10.52 -3.21 1.95
N GLY B 44 -9.83 -4.26 2.42
CA GLY B 44 -10.00 -5.57 1.80
C GLY B 44 -11.33 -6.16 2.23
N ARG B 45 -11.80 -7.15 1.47
CA ARG B 45 -13.08 -7.80 1.79
C ARG B 45 -13.13 -8.29 3.23
N LYS B 46 -12.09 -9.01 3.67
CA LYS B 46 -12.07 -9.58 5.01
C LYS B 46 -12.22 -8.50 6.08
N ASN B 47 -11.46 -7.42 5.94
CA ASN B 47 -11.56 -6.26 6.82
C ASN B 47 -12.95 -5.65 6.81
N TYR B 48 -13.53 -5.46 5.63
CA TYR B 48 -14.88 -4.90 5.59
C TYR B 48 -15.86 -5.82 6.32
N GLU B 49 -15.78 -7.12 6.06
CA GLU B 49 -16.73 -8.04 6.66
C GLU B 49 -16.52 -8.20 8.17
N ALA B 50 -15.31 -7.87 8.65
CA ALA B 50 -15.04 -7.82 10.08
C ALA B 50 -15.82 -6.66 10.70
N ILE B 51 -15.75 -5.51 10.05
CA ILE B 51 -16.54 -4.36 10.45
C ILE B 51 -18.04 -4.67 10.32
N GLY B 52 -18.48 -5.17 9.16
CA GLY B 52 -19.83 -5.71 9.03
C GLY B 52 -20.89 -4.85 8.33
N ARG B 53 -20.64 -3.55 8.27
CA ARG B 53 -21.54 -2.63 7.56
C ARG B 53 -20.75 -1.45 6.96
N PRO B 54 -21.35 -0.73 6.00
CA PRO B 54 -20.66 0.47 5.48
C PRO B 54 -20.50 1.51 6.58
N LEU B 55 -19.34 2.17 6.63
CA LEU B 55 -19.13 3.24 7.59
C LEU B 55 -19.68 4.52 6.96
N PRO B 56 -20.66 5.15 7.63
CA PRO B 56 -21.41 6.29 7.08
C PRO B 56 -20.52 7.49 6.79
N GLY B 57 -20.93 8.31 5.82
CA GLY B 57 -20.25 9.57 5.53
C GLY B 57 -18.93 9.44 4.79
N ARG B 58 -18.57 8.21 4.41
CA ARG B 58 -17.38 7.98 3.61
C ARG B 58 -17.70 7.02 2.47
N ARG B 59 -16.99 7.16 1.34
CA ARG B 59 -17.02 6.12 0.33
C ARG B 59 -16.30 4.89 0.87
N ASN B 60 -17.03 3.77 0.93
CA ASN B 60 -16.46 2.51 1.34
C ASN B 60 -16.11 1.76 0.07
N ILE B 61 -14.83 1.55 -0.15
CA ILE B 61 -14.36 0.89 -1.36
C ILE B 61 -13.69 -0.40 -0.96
N ILE B 62 -14.27 -1.53 -1.39
CA ILE B 62 -13.73 -2.82 -1.00
C ILE B 62 -12.82 -3.39 -2.10
N VAL B 63 -11.65 -3.83 -1.70
CA VAL B 63 -10.67 -4.36 -2.62
C VAL B 63 -10.71 -5.88 -2.62
N THR B 64 -10.99 -6.46 -3.78
CA THR B 64 -11.05 -7.91 -3.92
C THR B 64 -10.84 -8.35 -5.36
N ARG B 65 -10.08 -9.43 -5.51
CA ARG B 65 -9.83 -10.05 -6.80
C ARG B 65 -11.12 -10.58 -7.42
N ASN B 66 -12.14 -10.75 -6.59
CA ASN B 66 -13.38 -11.44 -6.96
C ASN B 66 -14.29 -10.55 -7.84
N GLU B 67 -14.48 -10.95 -9.10
CA GLU B 67 -15.18 -10.08 -10.07
C GLU B 67 -16.70 -10.13 -9.95
N GLY B 68 -17.21 -11.03 -9.11
CA GLY B 68 -18.64 -11.11 -8.88
C GLY B 68 -19.07 -10.46 -7.57
N TYR B 69 -18.09 -10.08 -6.76
CA TYR B 69 -18.37 -9.52 -5.43
C TYR B 69 -19.09 -8.17 -5.51
N HIS B 70 -20.08 -7.99 -4.63
CA HIS B 70 -20.81 -6.74 -4.54
C HIS B 70 -21.54 -6.64 -3.20
N VAL B 71 -21.47 -5.46 -2.59
CA VAL B 71 -22.14 -5.16 -1.34
C VAL B 71 -22.82 -3.81 -1.42
N GLU B 72 -24.13 -3.78 -1.13
CA GLU B 72 -24.88 -2.52 -1.14
C GLU B 72 -24.21 -1.48 -0.24
N GLY B 73 -24.28 -0.21 -0.66
CA GLY B 73 -23.65 0.86 0.10
C GLY B 73 -22.15 0.92 -0.08
N CYS B 74 -21.60 -0.02 -0.86
CA CYS B 74 -20.15 -0.06 -1.04
C CYS B 74 -19.75 -0.11 -2.51
N GLU B 75 -18.55 0.39 -2.81
CA GLU B 75 -18.00 0.23 -4.14
C GLU B 75 -16.91 -0.82 -4.08
N VAL B 76 -16.72 -1.52 -5.19
CA VAL B 76 -15.74 -2.60 -5.27
C VAL B 76 -14.68 -2.28 -6.33
N ALA B 77 -13.41 -2.42 -5.96
CA ALA B 77 -12.32 -2.32 -6.93
C ALA B 77 -11.54 -3.62 -6.83
N HIS B 78 -10.98 -4.04 -7.96
CA HIS B 78 -10.37 -5.36 -8.06
C HIS B 78 -8.88 -5.25 -8.21
N SER B 79 -8.38 -4.02 -8.19
CA SER B 79 -6.97 -3.78 -8.37
C SER B 79 -6.62 -2.38 -7.90
N VAL B 80 -5.35 -2.14 -7.73
CA VAL B 80 -4.87 -0.82 -7.34
C VAL B 80 -5.20 0.22 -8.43
N GLU B 81 -5.04 -0.16 -9.69
CA GLU B 81 -5.48 0.65 -10.83
C GLU B 81 -6.94 1.11 -10.69
N GLU B 82 -7.84 0.18 -10.39
CA GLU B 82 -9.25 0.51 -10.19
C GLU B 82 -9.51 1.48 -9.03
N VAL B 83 -8.87 1.22 -7.89
CA VAL B 83 -8.99 2.15 -6.77
C VAL B 83 -8.63 3.56 -7.22
N PHE B 84 -7.48 3.66 -7.90
CA PHE B 84 -7.00 4.97 -8.33
C PHE B 84 -7.96 5.63 -9.33
N GLU B 85 -8.64 4.82 -10.15
CA GLU B 85 -9.60 5.36 -11.10
C GLU B 85 -10.84 5.88 -10.38
N LEU B 86 -11.37 5.06 -9.47
CA LEU B 86 -12.54 5.43 -8.67
C LEU B 86 -12.31 6.71 -7.88
N CYS B 87 -11.08 6.86 -7.38
CA CYS B 87 -10.72 8.00 -6.53
C CYS B 87 -10.01 9.11 -7.28
N LYS B 88 -10.17 9.09 -8.61
CA LYS B 88 -9.69 10.12 -9.55
C LYS B 88 -9.66 11.52 -8.97
N ASN B 89 -10.79 11.93 -8.40
CA ASN B 89 -11.00 13.31 -7.99
C ASN B 89 -10.82 13.54 -6.48
N GLU B 90 -10.37 12.52 -5.77
CA GLU B 90 -10.21 12.63 -4.32
C GLU B 90 -8.93 13.40 -3.91
N GLU B 91 -9.06 14.24 -2.89
CA GLU B 91 -7.93 14.94 -2.27
C GLU B 91 -7.03 13.91 -1.57
N GLU B 92 -7.67 12.97 -0.88
CA GLU B 92 -6.98 12.08 0.05
C GLU B 92 -7.80 10.82 0.30
N ILE B 93 -7.12 9.66 0.32
CA ILE B 93 -7.83 8.41 0.60
C ILE B 93 -7.10 7.69 1.72
N PHE B 94 -7.82 6.83 2.42
CA PHE B 94 -7.30 6.16 3.59
C PHE B 94 -7.32 4.67 3.43
N ILE B 95 -6.11 4.12 3.32
CA ILE B 95 -5.97 2.68 3.29
C ILE B 95 -6.28 2.14 4.71
N PHE B 96 -7.34 1.35 4.78
CA PHE B 96 -7.93 1.01 6.08
C PHE B 96 -7.57 -0.38 6.53
N GLY B 97 -6.79 -1.05 5.70
CA GLY B 97 -6.21 -2.29 6.13
C GLY B 97 -6.78 -3.55 5.55
N GLY B 98 -6.37 -4.61 6.23
CA GLY B 98 -5.95 -5.83 5.62
C GLY B 98 -4.47 -5.56 5.44
N ALA B 99 -3.63 -6.33 6.14
CA ALA B 99 -2.18 -6.33 5.91
C ALA B 99 -1.85 -6.34 4.43
N GLN B 100 -2.50 -7.22 3.68
CA GLN B 100 -2.24 -7.35 2.23
C GLN B 100 -2.56 -6.08 1.47
N ILE B 101 -3.58 -5.36 1.95
CA ILE B 101 -4.03 -4.13 1.33
C ILE B 101 -3.00 -3.02 1.54
N TYR B 102 -2.51 -2.91 2.78
CA TYR B 102 -1.39 -2.00 3.04
C TYR B 102 -0.25 -2.33 2.07
N ASP B 103 0.04 -3.62 1.90
CA ASP B 103 1.14 -4.00 1.00
C ASP B 103 0.89 -3.57 -0.46
N LEU B 104 -0.36 -3.57 -0.89
CA LEU B 104 -0.68 -3.17 -2.26
C LEU B 104 -0.43 -1.69 -2.50
N PHE B 105 -0.66 -0.89 -1.48
CA PHE B 105 -0.57 0.56 -1.62
C PHE B 105 0.72 1.18 -1.14
N LEU B 106 1.61 0.31 -0.64
CA LEU B 106 2.92 0.71 -0.14
C LEU B 106 3.76 1.54 -1.15
N PRO B 107 3.72 1.20 -2.46
CA PRO B 107 4.51 2.03 -3.38
C PRO B 107 3.92 3.43 -3.53
N TYR B 108 2.73 3.66 -2.99
CA TYR B 108 2.04 4.91 -3.24
C TYR B 108 1.83 5.77 -2.01
N VAL B 109 2.09 5.22 -0.81
CA VAL B 109 1.65 5.89 0.41
C VAL B 109 2.43 7.18 0.67
N ASP B 110 1.72 8.25 1.02
CA ASP B 110 2.34 9.55 1.25
C ASP B 110 2.22 10.01 2.70
N LYS B 111 1.36 9.34 3.45
CA LYS B 111 1.05 9.80 4.80
C LYS B 111 0.62 8.63 5.70
N LEU B 112 1.11 8.61 6.95
CA LEU B 112 0.78 7.50 7.85
C LEU B 112 0.12 8.07 9.10
N TYR B 113 -1.09 7.57 9.41
CA TYR B 113 -1.77 7.89 10.66
C TYR B 113 -1.78 6.59 11.43
N ILE B 114 -0.85 6.51 12.36
CA ILE B 114 -0.65 5.28 13.09
C ILE B 114 -1.03 5.47 14.58
N THR B 115 -1.98 4.67 15.06
CA THR B 115 -2.24 4.66 16.50
C THR B 115 -1.43 3.52 17.13
N LYS B 116 -0.58 3.89 18.07
CA LYS B 116 0.31 2.91 18.69
C LYS B 116 -0.19 2.66 20.11
N ILE B 117 -0.57 1.41 20.36
CA ILE B 117 -1.15 1.01 21.63
C ILE B 117 -0.05 0.36 22.45
N HIS B 118 0.19 0.88 23.65
CA HIS B 118 1.31 0.41 24.47
C HIS B 118 0.93 -0.83 25.27
N HIS B 119 0.75 -1.93 24.54
CA HIS B 119 0.35 -3.19 25.16
C HIS B 119 0.63 -4.30 24.15
N ALA B 120 0.89 -5.52 24.62
CA ALA B 120 1.13 -6.64 23.72
C ALA B 120 -0.08 -7.58 23.73
N PHE B 121 -0.74 -7.72 22.58
CA PHE B 121 -1.90 -8.60 22.50
C PHE B 121 -1.60 -9.88 21.75
N GLU B 122 -2.50 -10.86 21.89
CA GLU B 122 -2.49 -12.01 21.00
C GLU B 122 -3.01 -11.56 19.64
N GLY B 123 -2.26 -11.85 18.59
CA GLY B 123 -2.66 -11.39 17.26
C GLY B 123 -2.26 -12.36 16.17
N ASP B 124 -2.91 -12.26 15.02
CA ASP B 124 -2.60 -13.19 13.94
C ASP B 124 -2.28 -12.47 12.63
N THR B 125 -2.49 -11.17 12.62
CA THR B 125 -2.15 -10.38 11.45
C THR B 125 -1.44 -9.11 11.90
N PHE B 126 -0.60 -8.55 11.03
CA PHE B 126 0.36 -7.55 11.47
C PHE B 126 0.50 -6.39 10.48
N PHE B 127 0.77 -5.20 11.00
CA PHE B 127 1.07 -4.08 10.10
C PHE B 127 2.48 -4.30 9.58
N PRO B 128 2.65 -4.42 8.24
CA PRO B 128 3.99 -4.76 7.73
C PRO B 128 5.04 -3.73 8.15
N GLU B 129 6.28 -4.19 8.26
CA GLU B 129 7.37 -3.33 8.69
C GLU B 129 7.60 -2.22 7.69
N MET B 130 8.03 -1.06 8.18
CA MET B 130 8.31 0.07 7.30
C MET B 130 9.57 0.78 7.74
N ASP B 131 10.40 1.18 6.78
CA ASP B 131 11.59 1.97 7.09
C ASP B 131 11.16 3.40 7.44
N MET B 132 11.23 3.73 8.72
CA MET B 132 10.72 5.01 9.19
C MET B 132 11.73 6.15 9.04
N THR B 133 12.95 5.83 8.61
CA THR B 133 13.92 6.86 8.30
C THR B 133 13.47 7.73 7.11
N ASN B 134 12.61 7.17 6.26
CA ASN B 134 11.99 7.91 5.16
C ASN B 134 10.93 8.89 5.65
N TRP B 135 10.54 8.79 6.91
CA TRP B 135 9.34 9.46 7.41
C TRP B 135 9.61 10.48 8.50
N LYS B 136 8.76 11.50 8.58
CA LYS B 136 8.87 12.48 9.65
C LYS B 136 7.56 12.65 10.37
N GLU B 137 7.64 12.57 11.70
CA GLU B 137 6.45 12.75 12.51
C GLU B 137 6.05 14.21 12.49
N VAL B 138 4.80 14.48 12.13
CA VAL B 138 4.30 15.84 12.04
C VAL B 138 3.26 16.08 13.12
N PHE B 139 2.76 15.00 13.70
CA PHE B 139 1.81 15.14 14.81
C PHE B 139 1.81 13.93 15.77
N VAL B 140 1.61 14.19 17.05
CA VAL B 140 1.52 13.14 18.08
C VAL B 140 0.53 13.61 19.14
N GLU B 141 -0.22 12.66 19.71
CA GLU B 141 -1.13 12.98 20.79
C GLU B 141 -1.46 11.72 21.61
N LYS B 142 -1.30 11.84 22.93
CA LYS B 142 -1.69 10.74 23.81
C LYS B 142 -3.20 10.53 23.73
N GLY B 143 -3.62 9.30 23.46
CA GLY B 143 -5.04 9.00 23.38
C GLY B 143 -5.66 8.96 24.77
N LEU B 144 -6.99 9.04 24.82
CA LEU B 144 -7.72 9.04 26.07
C LEU B 144 -7.75 7.66 26.73
N THR B 145 -7.14 7.57 27.92
CA THR B 145 -7.19 6.35 28.70
C THR B 145 -8.21 6.56 29.84
N ASP B 146 -9.22 5.70 29.90
CA ASP B 146 -10.22 5.74 30.97
C ASP B 146 -10.90 4.37 31.13
N GLU B 147 -12.01 4.35 31.85
CA GLU B 147 -12.79 3.12 32.03
C GLU B 147 -13.14 2.47 30.69
N LYS B 148 -13.50 3.28 29.71
CA LYS B 148 -13.93 2.75 28.42
C LYS B 148 -12.76 2.42 27.49
N ASN B 149 -11.59 2.97 27.80
CA ASN B 149 -10.41 2.76 26.96
C ASN B 149 -9.24 2.39 27.85
N PRO B 150 -9.16 1.11 28.22
CA PRO B 150 -8.28 0.67 29.31
C PRO B 150 -6.86 0.34 28.88
N TYR B 151 -6.35 1.05 27.88
CA TYR B 151 -4.95 0.90 27.53
C TYR B 151 -4.32 2.26 27.31
N THR B 152 -2.99 2.31 27.36
CA THR B 152 -2.28 3.52 26.96
C THR B 152 -1.96 3.45 25.46
N TYR B 153 -2.35 4.46 24.70
CA TYR B 153 -2.08 4.48 23.25
C TYR B 153 -1.82 5.90 22.81
N TYR B 154 -1.13 6.06 21.66
CA TYR B 154 -0.80 7.37 21.13
C TYR B 154 -1.11 7.47 19.64
N TYR B 155 -1.78 8.56 19.26
CA TYR B 155 -1.92 8.96 17.87
C TYR B 155 -0.62 9.56 17.37
N HIS B 156 -0.17 9.05 16.22
CA HIS B 156 1.00 9.56 15.52
C HIS B 156 0.62 9.80 14.04
N VAL B 157 1.10 10.90 13.45
CA VAL B 157 0.93 11.15 12.00
C VAL B 157 2.29 11.38 11.37
N TYR B 158 2.58 10.68 10.27
CA TYR B 158 3.89 10.82 9.61
C TYR B 158 3.77 11.24 8.11
N GLU B 159 4.66 12.13 7.66
CA GLU B 159 4.81 12.46 6.22
C GLU B 159 6.23 12.16 5.70
N LYS B 160 6.42 12.14 4.39
CA LYS B 160 7.76 11.85 3.85
C LYS B 160 8.76 12.89 4.32
N GLN B 161 9.95 12.43 4.69
CA GLN B 161 11.06 13.31 4.97
C GLN B 161 11.39 13.96 3.62
N GLN B 162 11.34 15.28 3.55
CA GLN B 162 11.61 15.93 2.29
C GLN B 162 13.11 15.81 2.00
N LEU B 163 13.45 15.60 0.74
CA LEU B 163 14.83 15.35 0.35
C LEU B 163 15.62 16.65 0.17
N VAL B 164 16.72 16.77 0.92
CA VAL B 164 17.66 17.87 0.71
C VAL B 164 18.74 17.39 -0.25
N PRO B 165 18.92 18.10 -1.36
CA PRO B 165 19.83 17.66 -2.43
C PRO B 165 21.30 17.65 -2.01
N ARG B 166 22.05 16.65 -2.47
CA ARG B 166 23.49 16.59 -2.26
C ARG B 166 24.19 17.70 -3.04
N MET C 1 -31.67 -12.49 -10.54
CA MET C 1 -30.94 -12.10 -11.75
C MET C 1 -31.78 -12.42 -12.97
N ILE C 2 -31.57 -11.67 -14.04
CA ILE C 2 -32.24 -12.00 -15.29
C ILE C 2 -31.38 -13.02 -16.05
N VAL C 3 -31.96 -14.17 -16.41
CA VAL C 3 -31.23 -15.17 -17.19
C VAL C 3 -31.61 -15.04 -18.67
N SER C 4 -30.76 -14.36 -19.42
CA SER C 4 -31.09 -14.03 -20.80
C SER C 4 -30.38 -14.93 -21.80
N PHE C 5 -31.12 -15.46 -22.76
CA PHE C 5 -30.49 -16.17 -23.88
C PHE C 5 -30.11 -15.15 -24.95
N MET C 6 -28.89 -15.29 -25.48
CA MET C 6 -28.41 -14.45 -26.58
C MET C 6 -28.07 -15.40 -27.70
N VAL C 7 -28.81 -15.30 -28.81
CA VAL C 7 -28.67 -16.27 -29.90
C VAL C 7 -28.82 -15.64 -31.29
N ALA C 8 -27.98 -16.09 -32.22
CA ALA C 8 -28.16 -15.77 -33.63
C ALA C 8 -28.43 -17.09 -34.35
N MET C 9 -29.56 -17.18 -35.04
CA MET C 9 -29.90 -18.43 -35.70
C MET C 9 -30.56 -18.22 -37.06
N ASP C 10 -30.55 -19.26 -37.88
CA ASP C 10 -31.16 -19.15 -39.21
C ASP C 10 -32.60 -19.67 -39.24
N GLU C 11 -33.14 -19.85 -40.44
CA GLU C 11 -34.52 -20.25 -40.63
C GLU C 11 -34.83 -21.59 -40.00
N ASN C 12 -33.81 -22.42 -39.90
CA ASN C 12 -33.99 -23.76 -39.37
C ASN C 12 -33.36 -23.92 -38.00
N ARG C 13 -33.11 -22.78 -37.33
CA ARG C 13 -32.57 -22.71 -35.97
C ARG C 13 -31.09 -23.10 -35.91
N VAL C 14 -30.45 -23.17 -37.07
CA VAL C 14 -29.01 -23.41 -37.09
C VAL C 14 -28.28 -22.30 -36.34
N ILE C 15 -27.35 -22.68 -35.48
CA ILE C 15 -26.58 -21.72 -34.71
C ILE C 15 -25.11 -22.01 -34.87
N GLY C 16 -24.81 -23.10 -35.58
CA GLY C 16 -23.43 -23.48 -35.77
C GLY C 16 -23.18 -24.52 -36.82
N LYS C 17 -21.95 -24.55 -37.31
CA LYS C 17 -21.48 -25.57 -38.23
C LYS C 17 -19.99 -25.70 -38.01
N ASP C 18 -19.54 -26.92 -37.73
CA ASP C 18 -18.12 -27.19 -37.47
C ASP C 18 -17.66 -26.29 -36.33
N ASN C 19 -18.51 -26.20 -35.30
CA ASN C 19 -18.34 -25.27 -34.17
C ASN C 19 -18.59 -23.79 -34.48
N ASN C 20 -18.32 -23.40 -35.73
CA ASN C 20 -18.30 -22.01 -36.14
C ASN C 20 -19.67 -21.48 -36.58
N LEU C 21 -19.72 -20.18 -36.86
CA LEU C 21 -20.91 -19.57 -37.44
C LEU C 21 -20.86 -19.80 -38.95
N PRO C 22 -22.00 -20.21 -39.54
CA PRO C 22 -22.05 -20.42 -40.99
C PRO C 22 -22.12 -19.11 -41.75
N TRP C 23 -22.21 -17.99 -41.03
CA TRP C 23 -22.38 -16.68 -41.66
C TRP C 23 -21.37 -15.70 -41.10
N ARG C 24 -21.15 -14.60 -41.81
CA ARG C 24 -20.28 -13.54 -41.31
C ARG C 24 -21.01 -12.21 -41.30
N LEU C 25 -21.40 -11.79 -40.11
CA LEU C 25 -22.24 -10.61 -39.94
C LEU C 25 -21.66 -9.72 -38.86
N PRO C 26 -20.57 -9.00 -39.19
CA PRO C 26 -19.86 -8.12 -38.25
C PRO C 26 -20.85 -7.21 -37.53
N SER C 27 -21.84 -6.70 -38.26
CA SER C 27 -22.87 -5.85 -37.65
C SER C 27 -23.62 -6.59 -36.52
N GLU C 28 -24.04 -7.82 -36.78
CA GLU C 28 -24.74 -8.62 -35.77
C GLU C 28 -23.93 -8.72 -34.48
N LEU C 29 -22.61 -8.87 -34.63
CA LEU C 29 -21.73 -9.02 -33.48
C LEU C 29 -21.59 -7.70 -32.73
N GLN C 30 -21.61 -6.58 -33.46
CA GLN C 30 -21.71 -5.29 -32.80
C GLN C 30 -23.00 -5.18 -31.94
N TYR C 31 -24.10 -5.72 -32.45
CA TYR C 31 -25.32 -5.77 -31.65
C TYR C 31 -25.07 -6.59 -30.37
N VAL C 32 -24.41 -7.74 -30.51
CA VAL C 32 -24.08 -8.56 -29.35
C VAL C 32 -23.23 -7.77 -28.35
N LYS C 33 -22.25 -7.05 -28.84
CA LYS C 33 -21.37 -6.27 -27.97
C LYS C 33 -22.14 -5.21 -27.21
N LYS C 34 -22.95 -4.45 -27.93
CA LYS C 34 -23.71 -3.34 -27.37
C LYS C 34 -24.68 -3.85 -26.32
N THR C 35 -25.38 -4.93 -26.66
CA THR C 35 -26.45 -5.46 -25.83
C THR C 35 -25.94 -6.06 -24.52
N THR C 36 -24.74 -6.60 -24.53
CA THR C 36 -24.25 -7.34 -23.36
C THR C 36 -23.30 -6.52 -22.47
N MET C 37 -23.06 -5.28 -22.86
CA MET C 37 -22.20 -4.38 -22.10
C MET C 37 -22.62 -4.34 -20.63
N GLY C 38 -21.64 -4.52 -19.74
CA GLY C 38 -21.92 -4.50 -18.31
C GLY C 38 -22.48 -5.81 -17.77
N HIS C 39 -22.60 -6.82 -18.61
CA HIS C 39 -23.12 -8.11 -18.14
C HIS C 39 -22.23 -9.30 -18.49
N PRO C 40 -22.26 -10.35 -17.63
CA PRO C 40 -21.46 -11.56 -17.87
C PRO C 40 -21.91 -12.31 -19.12
N LEU C 41 -20.97 -12.99 -19.77
CA LEU C 41 -21.25 -13.87 -20.89
C LEU C 41 -20.98 -15.29 -20.43
N ILE C 42 -21.99 -16.16 -20.52
CA ILE C 42 -21.81 -17.55 -20.14
C ILE C 42 -21.76 -18.39 -21.42
N MET C 43 -20.68 -19.15 -21.61
CA MET C 43 -20.59 -19.96 -22.82
C MET C 43 -19.95 -21.32 -22.57
N GLY C 44 -20.33 -22.32 -23.37
CA GLY C 44 -19.69 -23.62 -23.30
C GLY C 44 -18.25 -23.50 -23.76
N ARG C 45 -17.43 -24.47 -23.38
CA ARG C 45 -16.03 -24.47 -23.78
C ARG C 45 -15.86 -24.35 -25.30
N LYS C 46 -16.61 -25.17 -26.04
CA LYS C 46 -16.51 -25.25 -27.51
C LYS C 46 -16.89 -23.94 -28.20
N ASN C 47 -17.92 -23.31 -27.66
CA ASN C 47 -18.34 -21.99 -28.10
C ASN C 47 -17.25 -20.94 -27.80
N TYR C 48 -16.67 -20.97 -26.59
CA TYR C 48 -15.57 -20.05 -26.28
C TYR C 48 -14.38 -20.24 -27.23
N GLU C 49 -14.06 -21.50 -27.52
CA GLU C 49 -12.89 -21.78 -28.37
C GLU C 49 -13.15 -21.37 -29.83
N ALA C 50 -14.40 -21.40 -30.27
CA ALA C 50 -14.74 -20.92 -31.60
C ALA C 50 -14.56 -19.40 -31.67
N ILE C 51 -14.76 -18.73 -30.54
CA ILE C 51 -14.56 -17.29 -30.44
C ILE C 51 -13.07 -16.96 -30.36
N GLY C 52 -12.32 -17.72 -29.57
CA GLY C 52 -10.87 -17.61 -29.57
C GLY C 52 -10.27 -16.78 -28.46
N ARG C 53 -11.03 -15.81 -27.97
CA ARG C 53 -10.51 -14.90 -26.96
C ARG C 53 -11.61 -14.46 -26.02
N PRO C 54 -11.24 -14.06 -24.79
CA PRO C 54 -12.23 -13.41 -23.93
C PRO C 54 -12.75 -12.17 -24.64
N LEU C 55 -14.07 -12.01 -24.68
CA LEU C 55 -14.64 -10.76 -25.15
C LEU C 55 -14.37 -9.70 -24.09
N PRO C 56 -13.68 -8.62 -24.48
CA PRO C 56 -13.23 -7.58 -23.54
C PRO C 56 -14.37 -6.83 -22.87
N GLY C 57 -14.10 -6.26 -21.70
CA GLY C 57 -15.08 -5.46 -20.98
C GLY C 57 -16.22 -6.25 -20.36
N ARG C 58 -16.10 -7.57 -20.36
CA ARG C 58 -17.14 -8.44 -19.80
C ARG C 58 -16.53 -9.60 -19.05
N ARG C 59 -17.21 -10.04 -17.98
CA ARG C 59 -16.91 -11.33 -17.36
C ARG C 59 -17.22 -12.43 -18.36
N ASN C 60 -16.19 -13.17 -18.75
CA ASN C 60 -16.37 -14.32 -19.62
C ASN C 60 -16.35 -15.59 -18.77
N ILE C 61 -17.51 -16.24 -18.70
CA ILE C 61 -17.62 -17.45 -17.89
C ILE C 61 -17.78 -18.68 -18.79
N ILE C 62 -16.81 -19.58 -18.70
CA ILE C 62 -16.82 -20.77 -19.50
C ILE C 62 -17.39 -21.93 -18.70
N VAL C 63 -18.31 -22.67 -19.31
CA VAL C 63 -18.95 -23.80 -18.65
C VAL C 63 -18.38 -25.12 -19.17
N THR C 64 -17.79 -25.89 -18.27
CA THR C 64 -17.21 -27.19 -18.65
C THR C 64 -17.16 -28.18 -17.49
N ARG C 65 -17.41 -29.44 -17.80
CA ARG C 65 -17.31 -30.53 -16.84
C ARG C 65 -15.88 -30.64 -16.29
N ASN C 66 -14.90 -30.27 -17.10
CA ASN C 66 -13.49 -30.44 -16.71
C ASN C 66 -13.00 -29.49 -15.63
N GLU C 67 -12.61 -30.05 -14.49
CA GLU C 67 -12.26 -29.29 -13.30
C GLU C 67 -10.91 -28.57 -13.40
N GLY C 68 -10.04 -29.05 -14.28
CA GLY C 68 -8.73 -28.45 -14.44
C GLY C 68 -8.64 -27.44 -15.58
N TYR C 69 -9.76 -27.19 -16.26
CA TYR C 69 -9.77 -26.27 -17.39
C TYR C 69 -9.62 -24.83 -16.94
N HIS C 70 -8.59 -24.15 -17.43
CA HIS C 70 -8.35 -22.77 -17.05
C HIS C 70 -8.00 -21.96 -18.28
N VAL C 71 -8.56 -20.76 -18.37
CA VAL C 71 -8.18 -19.82 -19.42
C VAL C 71 -7.95 -18.44 -18.81
N GLU C 72 -6.80 -17.85 -19.08
CA GLU C 72 -6.50 -16.51 -18.60
C GLU C 72 -7.57 -15.55 -19.15
N GLY C 73 -7.96 -14.56 -18.35
CA GLY C 73 -9.00 -13.63 -18.75
C GLY C 73 -10.41 -14.17 -18.57
N CYS C 74 -10.54 -15.45 -18.28
CA CYS C 74 -11.88 -16.05 -18.12
C CYS C 74 -12.07 -16.76 -16.77
N GLU C 75 -13.31 -16.75 -16.28
CA GLU C 75 -13.70 -17.58 -15.15
C GLU C 75 -14.35 -18.86 -15.68
N VAL C 76 -14.17 -19.95 -14.94
CA VAL C 76 -14.73 -21.23 -15.35
C VAL C 76 -15.74 -21.72 -14.33
N ALA C 77 -16.88 -22.20 -14.81
CA ALA C 77 -17.88 -22.82 -13.94
C ALA C 77 -18.15 -24.24 -14.43
N HIS C 78 -18.48 -25.13 -13.51
CA HIS C 78 -18.53 -26.55 -13.86
C HIS C 78 -19.93 -27.13 -13.80
N SER C 79 -20.92 -26.27 -13.61
CA SER C 79 -22.30 -26.69 -13.40
C SER C 79 -23.16 -25.44 -13.42
N VAL C 80 -24.45 -25.62 -13.60
CA VAL C 80 -25.39 -24.49 -13.49
C VAL C 80 -25.32 -23.87 -12.07
N GLU C 81 -25.23 -24.71 -11.05
CA GLU C 81 -25.08 -24.25 -9.67
C GLU C 81 -23.95 -23.23 -9.54
N GLU C 82 -22.79 -23.60 -10.05
CA GLU C 82 -21.61 -22.74 -9.96
C GLU C 82 -21.77 -21.44 -10.77
N VAL C 83 -22.50 -21.48 -11.88
CA VAL C 83 -22.71 -20.23 -12.62
C VAL C 83 -23.52 -19.28 -11.75
N PHE C 84 -24.57 -19.83 -11.15
CA PHE C 84 -25.49 -19.04 -10.35
C PHE C 84 -24.83 -18.48 -9.09
N GLU C 85 -23.84 -19.22 -8.57
CA GLU C 85 -23.05 -18.76 -7.44
C GLU C 85 -22.15 -17.60 -7.87
N LEU C 86 -21.45 -17.79 -8.99
CA LEU C 86 -20.54 -16.77 -9.53
C LEU C 86 -21.27 -15.49 -9.88
N CYS C 87 -22.52 -15.65 -10.32
CA CYS C 87 -23.33 -14.50 -10.73
C CYS C 87 -24.38 -14.08 -9.71
N LYS C 88 -24.16 -14.47 -8.46
CA LYS C 88 -25.16 -14.27 -7.41
C LYS C 88 -25.52 -12.80 -7.26
N ASN C 89 -24.59 -11.92 -7.62
CA ASN C 89 -24.83 -10.49 -7.50
C ASN C 89 -25.12 -9.79 -8.86
N GLU C 90 -25.27 -10.55 -9.94
CA GLU C 90 -25.50 -9.94 -11.26
C GLU C 90 -26.95 -9.57 -11.49
N GLU C 91 -27.17 -8.43 -12.16
CA GLU C 91 -28.52 -8.01 -12.54
C GLU C 91 -29.00 -8.85 -13.75
N GLU C 92 -28.12 -9.08 -14.70
CA GLU C 92 -28.50 -9.86 -15.88
C GLU C 92 -27.30 -10.61 -16.42
N ILE C 93 -27.53 -11.84 -16.88
CA ILE C 93 -26.46 -12.63 -17.48
C ILE C 93 -26.95 -13.15 -18.82
N PHE C 94 -25.99 -13.34 -19.74
CA PHE C 94 -26.29 -13.79 -21.09
C PHE C 94 -25.69 -15.14 -21.39
N ILE C 95 -26.59 -16.11 -21.52
CA ILE C 95 -26.22 -17.44 -22.00
C ILE C 95 -25.90 -17.28 -23.47
N PHE C 96 -24.64 -17.53 -23.80
CA PHE C 96 -24.10 -17.18 -25.11
C PHE C 96 -24.11 -18.40 -26.00
N GLY C 97 -24.44 -19.53 -25.39
CA GLY C 97 -24.77 -20.69 -26.15
C GLY C 97 -23.72 -21.74 -26.25
N GLY C 98 -23.90 -22.53 -27.30
CA GLY C 98 -23.67 -23.94 -27.30
C GLY C 98 -25.08 -24.46 -27.03
N ALA C 99 -25.63 -25.22 -27.97
CA ALA C 99 -26.94 -25.86 -27.82
C ALA C 99 -27.14 -26.42 -26.41
N GLN C 100 -26.14 -27.16 -25.96
CA GLN C 100 -26.20 -27.83 -24.67
C GLN C 100 -26.25 -26.81 -23.54
N ILE C 101 -25.58 -25.67 -23.72
CA ILE C 101 -25.56 -24.65 -22.68
C ILE C 101 -26.92 -24.01 -22.58
N TYR C 102 -27.55 -23.75 -23.73
CA TYR C 102 -28.94 -23.31 -23.75
C TYR C 102 -29.83 -24.33 -23.04
N ASP C 103 -29.61 -25.61 -23.32
CA ASP C 103 -30.46 -26.65 -22.70
C ASP C 103 -30.34 -26.63 -21.17
N LEU C 104 -29.12 -26.42 -20.67
CA LEU C 104 -28.92 -26.37 -19.22
C LEU C 104 -29.65 -25.22 -18.57
N PHE C 105 -29.74 -24.07 -19.24
CA PHE C 105 -30.33 -22.89 -18.59
C PHE C 105 -31.79 -22.61 -18.92
N LEU C 106 -32.38 -23.53 -19.69
CA LEU C 106 -33.79 -23.45 -20.05
C LEU C 106 -34.79 -23.38 -18.88
N PRO C 107 -34.55 -24.12 -17.78
CA PRO C 107 -35.55 -24.00 -16.71
C PRO C 107 -35.51 -22.61 -16.07
N TYR C 108 -34.48 -21.84 -16.39
CA TYR C 108 -34.24 -20.56 -15.71
C TYR C 108 -34.40 -19.30 -16.55
N VAL C 109 -34.61 -19.48 -17.85
CA VAL C 109 -34.51 -18.37 -18.79
C VAL C 109 -35.64 -17.36 -18.60
N ASP C 110 -35.26 -16.09 -18.52
CA ASP C 110 -36.23 -15.03 -18.29
C ASP C 110 -36.44 -14.13 -19.53
N LYS C 111 -35.51 -14.17 -20.45
CA LYS C 111 -35.52 -13.21 -21.53
C LYS C 111 -34.77 -13.74 -22.73
N LEU C 112 -35.32 -13.47 -23.93
CA LEU C 112 -34.73 -13.99 -25.17
C LEU C 112 -34.33 -12.87 -26.12
N TYR C 113 -33.05 -12.83 -26.48
CA TYR C 113 -32.57 -11.89 -27.49
C TYR C 113 -32.19 -12.74 -28.69
N ILE C 114 -33.09 -12.80 -29.65
CA ILE C 114 -32.90 -13.74 -30.76
C ILE C 114 -32.63 -12.99 -32.07
N THR C 115 -31.50 -13.28 -32.70
CA THR C 115 -31.28 -12.75 -34.04
C THR C 115 -31.76 -13.79 -35.04
N LYS C 116 -32.72 -13.42 -35.88
CA LYS C 116 -33.25 -14.35 -36.89
C LYS C 116 -32.73 -13.97 -38.28
N ILE C 117 -31.86 -14.82 -38.81
CA ILE C 117 -31.29 -14.62 -40.14
C ILE C 117 -32.13 -15.31 -41.20
N HIS C 118 -32.58 -14.53 -42.18
CA HIS C 118 -33.52 -15.00 -43.18
C HIS C 118 -32.83 -15.76 -44.33
N HIS C 119 -32.22 -16.89 -43.97
CA HIS C 119 -31.53 -17.76 -44.92
C HIS C 119 -31.45 -19.15 -44.30
N ALA C 120 -31.28 -20.17 -45.14
CA ALA C 120 -31.06 -21.53 -44.66
C ALA C 120 -29.61 -21.93 -44.93
N PHE C 121 -28.82 -22.08 -43.88
CA PHE C 121 -27.43 -22.52 -44.04
C PHE C 121 -27.33 -24.02 -43.78
N GLU C 122 -26.18 -24.62 -44.07
CA GLU C 122 -25.89 -25.95 -43.55
C GLU C 122 -25.24 -25.83 -42.16
N GLY C 123 -25.74 -26.60 -41.20
CA GLY C 123 -25.26 -26.53 -39.84
C GLY C 123 -25.27 -27.92 -39.24
N ASP C 124 -24.93 -28.00 -37.95
CA ASP C 124 -24.89 -29.30 -37.28
C ASP C 124 -25.38 -29.17 -35.84
N THR C 125 -25.55 -27.93 -35.40
CA THR C 125 -26.13 -27.67 -34.08
C THR C 125 -27.26 -26.63 -34.20
N PHE C 126 -28.19 -26.66 -33.24
CA PHE C 126 -29.44 -25.90 -33.36
C PHE C 126 -29.88 -25.25 -32.06
N PHE C 127 -30.59 -24.13 -32.18
CA PHE C 127 -31.26 -23.57 -31.04
C PHE C 127 -32.49 -24.45 -30.78
N PRO C 128 -32.65 -24.91 -29.53
CA PRO C 128 -33.74 -25.85 -29.28
C PRO C 128 -35.10 -25.17 -29.41
N GLU C 129 -36.11 -25.96 -29.75
CA GLU C 129 -37.47 -25.47 -29.88
C GLU C 129 -37.95 -24.85 -28.56
N MET C 130 -38.66 -23.74 -28.67
CA MET C 130 -39.28 -23.15 -27.50
C MET C 130 -40.73 -22.80 -27.82
N ASP C 131 -41.61 -23.01 -26.85
CA ASP C 131 -43.00 -22.63 -27.05
C ASP C 131 -43.12 -21.11 -26.86
N MET C 132 -43.40 -20.41 -27.95
CA MET C 132 -43.35 -18.96 -27.95
C MET C 132 -44.66 -18.31 -27.50
N THR C 133 -45.70 -19.13 -27.30
CA THR C 133 -46.93 -18.62 -26.69
C THR C 133 -46.66 -18.15 -25.25
N ASN C 134 -45.58 -18.64 -24.67
CA ASN C 134 -45.14 -18.17 -23.35
C ASN C 134 -44.45 -16.81 -23.40
N TRP C 135 -44.15 -16.34 -24.62
CA TRP C 135 -43.26 -15.20 -24.79
C TRP C 135 -43.86 -14.04 -25.56
N LYS C 136 -43.37 -12.84 -25.28
CA LYS C 136 -43.93 -11.64 -25.87
C LYS C 136 -42.81 -10.79 -26.41
N GLU C 137 -42.95 -10.38 -27.67
CA GLU C 137 -41.93 -9.54 -28.27
C GLU C 137 -42.01 -8.15 -27.68
N VAL C 138 -40.89 -7.66 -27.16
CA VAL C 138 -40.87 -6.32 -26.59
C VAL C 138 -40.02 -5.41 -27.47
N PHE C 139 -39.18 -6.02 -28.32
CA PHE C 139 -38.38 -5.25 -29.27
C PHE C 139 -38.06 -6.00 -30.58
N VAL C 140 -38.08 -5.26 -31.69
CA VAL C 140 -37.66 -5.79 -32.97
C VAL C 140 -36.88 -4.70 -33.75
N GLU C 141 -35.87 -5.14 -34.51
CA GLU C 141 -35.11 -4.23 -35.37
C GLU C 141 -34.52 -5.03 -36.54
N LYS C 142 -34.68 -4.51 -37.75
CA LYS C 142 -34.07 -5.13 -38.91
C LYS C 142 -32.57 -4.86 -38.88
N GLY C 143 -31.77 -5.92 -39.02
CA GLY C 143 -30.33 -5.77 -38.93
C GLY C 143 -29.77 -5.13 -40.20
N LEU C 144 -28.55 -4.61 -40.12
CA LEU C 144 -27.90 -3.95 -41.25
C LEU C 144 -27.40 -4.97 -42.28
N THR C 145 -27.93 -4.87 -43.49
CA THR C 145 -27.52 -5.70 -44.61
C THR C 145 -26.80 -4.85 -45.68
N ASP C 146 -25.55 -5.20 -45.97
CA ASP C 146 -24.73 -4.50 -46.97
C ASP C 146 -23.66 -5.46 -47.42
N GLU C 147 -22.59 -4.92 -48.04
CA GLU C 147 -21.47 -5.71 -48.56
C GLU C 147 -20.85 -6.67 -47.52
N LYS C 148 -20.68 -6.18 -46.31
CA LYS C 148 -20.03 -6.92 -45.22
C LYS C 148 -21.01 -7.81 -44.47
N ASN C 149 -22.29 -7.51 -44.57
CA ASN C 149 -23.32 -8.31 -43.92
C ASN C 149 -24.34 -8.73 -44.98
N PRO C 150 -24.02 -9.80 -45.73
CA PRO C 150 -24.75 -10.22 -46.94
C PRO C 150 -26.24 -10.51 -46.70
N TYR C 151 -26.55 -11.21 -45.62
CA TYR C 151 -27.89 -11.73 -45.41
C TYR C 151 -28.85 -10.73 -44.79
N THR C 152 -30.15 -11.03 -44.91
CA THR C 152 -31.19 -10.24 -44.25
C THR C 152 -31.47 -10.86 -42.87
N TYR C 153 -31.49 -10.05 -41.83
CA TYR C 153 -31.69 -10.56 -40.47
C TYR C 153 -32.32 -9.52 -39.55
N TYR C 154 -32.96 -10.01 -38.49
CA TYR C 154 -33.67 -9.15 -37.54
C TYR C 154 -33.34 -9.50 -36.10
N TYR C 155 -33.08 -8.47 -35.29
CA TYR C 155 -33.00 -8.60 -33.85
C TYR C 155 -34.39 -8.61 -33.22
N HIS C 156 -34.68 -9.67 -32.46
CA HIS C 156 -35.94 -9.80 -31.75
C HIS C 156 -35.63 -9.91 -30.25
N VAL C 157 -36.48 -9.32 -29.41
CA VAL C 157 -36.32 -9.46 -27.95
C VAL C 157 -37.65 -9.87 -27.33
N TYR C 158 -37.62 -10.89 -26.46
CA TYR C 158 -38.87 -11.40 -25.89
C TYR C 158 -38.77 -11.49 -24.34
N GLU C 159 -39.87 -11.18 -23.65
CA GLU C 159 -39.99 -11.41 -22.22
C GLU C 159 -41.21 -12.31 -22.00
N LYS C 160 -41.31 -12.93 -20.82
CA LYS C 160 -42.45 -13.81 -20.53
C LYS C 160 -43.76 -13.05 -20.69
N GLN C 161 -44.75 -13.68 -21.32
CA GLN C 161 -46.08 -13.10 -21.41
C GLN C 161 -46.78 -13.29 -20.07
N GLN C 162 -47.15 -12.20 -19.41
CA GLN C 162 -47.92 -12.34 -18.17
C GLN C 162 -49.38 -12.59 -18.49
N LEU C 163 -49.96 -13.58 -17.81
CA LEU C 163 -51.35 -13.90 -18.03
C LEU C 163 -52.23 -13.01 -17.16
N VAL C 164 -53.44 -12.75 -17.63
CA VAL C 164 -54.44 -12.08 -16.81
C VAL C 164 -55.23 -13.18 -16.09
N PRO C 165 -55.35 -13.05 -14.77
CA PRO C 165 -56.08 -14.06 -13.97
C PRO C 165 -57.55 -14.15 -14.35
N ARG C 166 -58.15 -15.34 -14.19
CA ARG C 166 -59.57 -15.51 -14.48
C ARG C 166 -60.45 -14.81 -13.44
N MET D 1 -0.05 21.29 47.67
CA MET D 1 0.58 22.21 46.72
C MET D 1 1.40 21.42 45.69
N ILE D 2 1.08 21.61 44.42
CA ILE D 2 1.82 20.90 43.38
C ILE D 2 3.10 21.69 43.07
N VAL D 3 4.24 21.03 43.26
CA VAL D 3 5.52 21.63 42.95
C VAL D 3 5.93 21.20 41.53
N SER D 4 5.81 22.12 40.58
CA SER D 4 6.06 21.80 39.18
C SER D 4 7.34 22.41 38.61
N PHE D 5 8.15 21.58 37.93
CA PHE D 5 9.28 22.11 37.16
C PHE D 5 8.80 22.51 35.77
N MET D 6 9.12 23.75 35.39
CA MET D 6 8.90 24.22 34.02
C MET D 6 10.29 24.41 33.40
N VAL D 7 10.57 23.68 32.32
CA VAL D 7 11.90 23.70 31.68
C VAL D 7 11.88 23.51 30.16
N ALA D 8 12.79 24.21 29.49
CA ALA D 8 13.07 23.95 28.08
C ALA D 8 14.54 23.52 28.01
N MET D 9 14.79 22.36 27.44
CA MET D 9 16.17 21.88 27.32
C MET D 9 16.42 21.23 25.98
N ASP D 10 17.69 21.16 25.60
CA ASP D 10 18.06 20.48 24.36
C ASP D 10 18.42 19.02 24.58
N GLU D 11 18.95 18.38 23.54
CA GLU D 11 19.27 16.96 23.60
C GLU D 11 20.31 16.63 24.67
N ASN D 12 21.13 17.61 25.05
CA ASN D 12 22.12 17.40 26.11
C ASN D 12 21.71 18.04 27.43
N ARG D 13 20.42 18.34 27.57
CA ARG D 13 19.87 18.94 28.78
C ARG D 13 20.36 20.37 29.03
N VAL D 14 20.89 21.00 27.98
CA VAL D 14 21.28 22.41 28.07
C VAL D 14 20.06 23.28 28.30
N ILE D 15 20.16 24.21 29.24
CA ILE D 15 19.04 25.10 29.53
C ILE D 15 19.48 26.57 29.47
N GLY D 16 20.77 26.80 29.25
CA GLY D 16 21.28 28.15 29.09
C GLY D 16 22.66 28.25 28.46
N LYS D 17 23.02 29.47 28.04
CA LYS D 17 24.38 29.79 27.60
C LYS D 17 24.58 31.26 27.86
N ASP D 18 25.56 31.60 28.70
CA ASP D 18 25.75 32.97 29.20
C ASP D 18 24.43 33.47 29.77
N ASN D 19 23.77 32.61 30.56
CA ASN D 19 22.44 32.88 31.11
C ASN D 19 21.30 32.87 30.08
N ASN D 20 21.55 33.44 28.90
CA ASN D 20 20.55 33.46 27.83
C ASN D 20 20.25 32.07 27.24
N LEU D 21 19.07 31.93 26.64
CA LEU D 21 18.71 30.70 25.93
C LEU D 21 19.42 30.70 24.58
N PRO D 22 19.99 29.54 24.21
CA PRO D 22 20.75 29.41 22.95
C PRO D 22 19.80 29.41 21.75
N TRP D 23 18.51 29.18 22.01
CA TRP D 23 17.49 29.17 20.96
C TRP D 23 16.53 30.33 21.13
N ARG D 24 15.96 30.79 20.03
CA ARG D 24 14.84 31.72 20.08
C ARG D 24 13.58 31.05 19.51
N LEU D 25 12.68 30.66 20.41
CA LEU D 25 11.44 29.99 20.05
C LEU D 25 10.24 30.68 20.70
N PRO D 26 9.76 31.77 20.08
CA PRO D 26 8.63 32.56 20.61
C PRO D 26 7.43 31.70 20.98
N SER D 27 7.14 30.71 20.14
CA SER D 27 5.98 29.85 20.38
C SER D 27 6.12 29.07 21.70
N GLU D 28 7.33 28.60 21.97
CA GLU D 28 7.61 27.86 23.20
C GLU D 28 7.30 28.74 24.41
N LEU D 29 7.67 30.02 24.32
CA LEU D 29 7.47 30.97 25.41
C LEU D 29 5.99 31.33 25.60
N GLN D 30 5.23 31.32 24.51
CA GLN D 30 3.79 31.48 24.63
C GLN D 30 3.19 30.28 25.36
N TYR D 31 3.70 29.08 25.09
CA TYR D 31 3.27 27.88 25.84
C TYR D 31 3.55 28.06 27.32
N VAL D 32 4.72 28.62 27.64
CA VAL D 32 5.08 28.89 29.02
C VAL D 32 4.10 29.86 29.70
N LYS D 33 3.89 31.02 29.09
CA LYS D 33 2.95 32.01 29.65
C LYS D 33 1.57 31.40 29.88
N LYS D 34 1.08 30.69 28.86
CA LYS D 34 -0.21 30.00 28.94
C LYS D 34 -0.25 29.01 30.11
N THR D 35 0.71 28.09 30.17
CA THR D 35 0.73 27.04 31.20
C THR D 35 0.87 27.58 32.63
N THR D 36 1.69 28.62 32.82
CA THR D 36 1.98 29.14 34.15
C THR D 36 1.01 30.23 34.61
N MET D 37 -0.01 30.50 33.80
CA MET D 37 -0.97 31.56 34.11
C MET D 37 -1.70 31.32 35.43
N GLY D 38 -1.77 32.36 36.25
CA GLY D 38 -2.46 32.28 37.53
C GLY D 38 -1.71 31.49 38.59
N HIS D 39 -0.45 31.15 38.29
CA HIS D 39 0.36 30.39 39.24
C HIS D 39 1.69 31.07 39.51
N PRO D 40 2.24 30.85 40.72
CA PRO D 40 3.51 31.51 41.05
C PRO D 40 4.64 30.93 40.24
N LEU D 41 5.54 31.82 39.84
CA LEU D 41 6.71 31.46 39.08
C LEU D 41 7.86 31.63 40.03
N ILE D 42 8.62 30.55 40.24
CA ILE D 42 9.72 30.60 41.16
C ILE D 42 11.02 30.57 40.39
N MET D 43 11.82 31.63 40.50
CA MET D 43 13.09 31.62 39.79
C MET D 43 14.26 32.16 40.58
N GLY D 44 15.47 31.74 40.19
CA GLY D 44 16.66 32.27 40.81
C GLY D 44 16.86 33.69 40.36
N ARG D 45 17.62 34.46 41.15
CA ARG D 45 17.91 35.83 40.79
C ARG D 45 18.51 35.93 39.38
N LYS D 46 19.53 35.12 39.08
CA LYS D 46 20.22 35.16 37.77
C LYS D 46 19.24 34.92 36.62
N ASN D 47 18.39 33.92 36.80
CA ASN D 47 17.39 33.55 35.81
C ASN D 47 16.41 34.70 35.58
N TYR D 48 16.04 35.39 36.67
CA TYR D 48 15.11 36.51 36.54
C TYR D 48 15.75 37.68 35.79
N GLU D 49 17.00 38.01 36.13
CA GLU D 49 17.68 39.13 35.47
C GLU D 49 17.96 38.85 34.00
N ALA D 50 18.02 37.58 33.63
CA ALA D 50 18.17 37.21 32.21
C ALA D 50 16.91 37.59 31.43
N ILE D 51 15.77 37.51 32.10
CA ILE D 51 14.48 37.87 31.50
C ILE D 51 14.23 39.39 31.52
N GLY D 52 14.63 40.06 32.59
CA GLY D 52 14.63 41.52 32.61
C GLY D 52 13.43 42.24 33.21
N ARG D 53 12.29 41.55 33.31
CA ARG D 53 11.09 42.18 33.86
C ARG D 53 10.21 41.17 34.60
N PRO D 54 9.39 41.67 35.55
CA PRO D 54 8.40 40.77 36.17
C PRO D 54 7.43 40.26 35.13
N LEU D 55 7.23 38.96 35.10
CA LEU D 55 6.34 38.35 34.11
C LEU D 55 4.89 38.53 34.53
N PRO D 56 4.16 39.36 33.77
CA PRO D 56 2.83 39.86 34.12
C PRO D 56 1.84 38.73 34.44
N GLY D 57 0.91 38.99 35.35
CA GLY D 57 -0.18 38.07 35.63
C GLY D 57 0.20 36.82 36.42
N ARG D 58 1.38 36.85 37.03
CA ARG D 58 1.82 35.75 37.90
C ARG D 58 2.44 36.29 39.19
N ARG D 59 2.43 35.47 40.23
CA ARG D 59 3.24 35.75 41.40
C ARG D 59 4.70 35.45 41.07
N ASN D 60 5.50 36.48 40.91
CA ASN D 60 6.90 36.30 40.59
C ASN D 60 7.73 36.20 41.86
N ILE D 61 8.30 35.03 42.11
CA ILE D 61 9.07 34.83 43.34
C ILE D 61 10.55 34.55 43.05
N ILE D 62 11.40 35.50 43.43
CA ILE D 62 12.82 35.39 43.18
C ILE D 62 13.56 34.76 44.35
N VAL D 63 14.37 33.75 44.04
CA VAL D 63 15.12 33.03 45.07
C VAL D 63 16.59 33.45 45.07
N THR D 64 17.05 33.96 46.21
CA THR D 64 18.44 34.38 46.39
C THR D 64 18.81 34.42 47.87
N ARG D 65 20.07 34.13 48.17
CA ARG D 65 20.61 34.19 49.53
C ARG D 65 20.65 35.63 50.06
N ASN D 66 20.64 36.59 49.13
CA ASN D 66 20.82 38.00 49.47
C ASN D 66 19.61 38.64 50.17
N GLU D 67 19.76 38.93 51.47
CA GLU D 67 18.67 39.49 52.25
C GLU D 67 18.32 40.92 51.87
N GLY D 68 19.24 41.60 51.18
CA GLY D 68 19.02 42.97 50.77
C GLY D 68 18.44 43.11 49.38
N TYR D 69 18.31 41.99 48.67
CA TYR D 69 17.81 42.02 47.30
C TYR D 69 16.32 42.32 47.24
N HIS D 70 15.95 43.31 46.42
CA HIS D 70 14.56 43.73 46.26
C HIS D 70 14.26 44.16 44.82
N VAL D 71 13.09 43.74 44.33
CA VAL D 71 12.68 44.05 42.96
C VAL D 71 11.19 44.43 42.91
N GLU D 72 10.89 45.57 42.31
CA GLU D 72 9.51 46.04 42.19
C GLU D 72 8.66 45.07 41.39
N GLY D 73 7.47 44.77 41.91
CA GLY D 73 6.55 43.86 41.24
C GLY D 73 6.86 42.41 41.51
N CYS D 74 7.80 42.16 42.42
CA CYS D 74 8.19 40.80 42.75
C CYS D 74 8.36 40.58 44.24
N GLU D 75 8.20 39.33 44.66
CA GLU D 75 8.53 38.92 46.01
C GLU D 75 9.86 38.19 45.96
N VAL D 76 10.62 38.29 47.05
CA VAL D 76 11.91 37.63 47.13
C VAL D 76 11.91 36.63 48.28
N ALA D 77 12.30 35.40 47.99
CA ALA D 77 12.44 34.38 49.01
C ALA D 77 13.91 33.99 49.12
N HIS D 78 14.35 33.62 50.32
CA HIS D 78 15.77 33.38 50.53
C HIS D 78 16.13 31.93 50.77
N SER D 79 15.14 31.04 50.70
CA SER D 79 15.32 29.62 50.95
C SER D 79 14.12 28.85 50.47
N VAL D 80 14.24 27.53 50.47
CA VAL D 80 13.12 26.67 50.10
C VAL D 80 11.99 26.82 51.12
N GLU D 81 12.37 26.91 52.40
CA GLU D 81 11.39 27.08 53.47
C GLU D 81 10.54 28.32 53.24
N GLU D 82 11.20 29.43 52.90
CA GLU D 82 10.51 30.70 52.62
C GLU D 82 9.58 30.62 51.40
N VAL D 83 10.03 29.95 50.34
CA VAL D 83 9.17 29.78 49.17
C VAL D 83 7.91 29.02 49.60
N PHE D 84 8.12 27.97 50.40
CA PHE D 84 6.99 27.16 50.85
C PHE D 84 6.05 27.92 51.77
N GLU D 85 6.59 28.79 52.62
CA GLU D 85 5.76 29.66 53.47
C GLU D 85 4.97 30.64 52.61
N LEU D 86 5.62 31.19 51.59
CA LEU D 86 4.99 32.17 50.72
C LEU D 86 3.87 31.54 49.90
N CYS D 87 4.06 30.28 49.53
CA CYS D 87 3.10 29.58 48.68
C CYS D 87 2.23 28.60 49.42
N LYS D 88 2.12 28.78 50.73
CA LYS D 88 1.42 27.82 51.58
C LYS D 88 -0.04 27.59 51.18
N ASN D 89 -0.65 28.58 50.53
CA ASN D 89 -2.02 28.44 50.08
C ASN D 89 -2.12 28.27 48.56
N GLU D 90 -0.99 27.95 47.93
CA GLU D 90 -0.96 27.85 46.47
C GLU D 90 -1.27 26.43 46.01
N GLU D 91 -2.09 26.35 44.96
CA GLU D 91 -2.49 25.06 44.39
C GLU D 91 -1.33 24.41 43.62
N GLU D 92 -0.59 25.24 42.89
CA GLU D 92 0.52 24.73 42.08
C GLU D 92 1.51 25.85 41.85
N ILE D 93 2.79 25.55 42.02
CA ILE D 93 3.82 26.54 41.77
C ILE D 93 4.77 25.98 40.72
N PHE D 94 5.37 26.90 39.95
CA PHE D 94 6.25 26.50 38.87
C PHE D 94 7.67 26.93 39.14
N ILE D 95 8.52 25.92 39.33
CA ILE D 95 9.95 26.17 39.45
C ILE D 95 10.44 26.55 38.05
N PHE D 96 10.89 27.79 37.90
CA PHE D 96 11.17 28.35 36.59
C PHE D 96 12.63 28.27 36.18
N GLY D 97 13.46 27.82 37.10
CA GLY D 97 14.82 27.51 36.74
C GLY D 97 15.90 28.40 37.27
N GLY D 98 17.04 28.24 36.60
CA GLY D 98 18.31 28.29 37.24
C GLY D 98 18.51 26.81 37.58
N ALA D 99 19.62 26.23 37.12
CA ALA D 99 19.92 24.84 37.45
C ALA D 99 19.97 24.62 38.98
N GLN D 100 20.57 25.56 39.69
CA GLN D 100 20.72 25.45 41.13
C GLN D 100 19.37 25.49 41.82
N ILE D 101 18.42 26.22 41.26
CA ILE D 101 17.08 26.33 41.80
C ILE D 101 16.36 25.01 41.62
N TYR D 102 16.51 24.41 40.42
CA TYR D 102 15.96 23.07 40.19
C TYR D 102 16.53 22.09 41.23
N ASP D 103 17.83 22.19 41.51
CA ASP D 103 18.43 21.30 42.48
C ASP D 103 17.75 21.41 43.85
N LEU D 104 17.51 22.65 44.30
CA LEU D 104 16.86 22.89 45.59
C LEU D 104 15.47 22.31 45.73
N PHE D 105 14.70 22.26 44.65
CA PHE D 105 13.31 21.81 44.73
C PHE D 105 13.10 20.37 44.27
N LEU D 106 14.20 19.73 43.91
CA LEU D 106 14.23 18.31 43.55
C LEU D 106 13.56 17.35 44.56
N PRO D 107 13.81 17.52 45.87
CA PRO D 107 13.18 16.56 46.79
C PRO D 107 11.66 16.70 46.86
N TYR D 108 11.10 17.74 46.23
CA TYR D 108 9.69 18.06 46.38
C TYR D 108 8.88 18.05 45.09
N VAL D 109 9.53 17.91 43.95
CA VAL D 109 8.82 18.06 42.66
C VAL D 109 7.79 16.95 42.44
N ASP D 110 6.61 17.34 41.97
CA ASP D 110 5.52 16.40 41.74
C ASP D 110 5.12 16.27 40.28
N LYS D 111 5.56 17.24 39.47
CA LYS D 111 5.10 17.31 38.10
C LYS D 111 6.18 17.98 37.24
N LEU D 112 6.35 17.50 36.01
CA LEU D 112 7.41 17.99 35.14
C LEU D 112 6.83 18.46 33.82
N TYR D 113 7.03 19.74 33.51
CA TYR D 113 6.64 20.29 32.22
C TYR D 113 7.93 20.54 31.48
N ILE D 114 8.29 19.59 30.64
CA ILE D 114 9.60 19.61 29.99
C ILE D 114 9.46 19.82 28.49
N THR D 115 10.04 20.91 27.98
CA THR D 115 10.12 21.09 26.53
C THR D 115 11.45 20.50 26.05
N LYS D 116 11.37 19.51 25.16
CA LYS D 116 12.56 18.85 24.65
C LYS D 116 12.81 19.36 23.24
N ILE D 117 13.88 20.14 23.08
CA ILE D 117 14.23 20.67 21.76
C ILE D 117 15.18 19.69 21.08
N HIS D 118 14.85 19.26 19.86
CA HIS D 118 15.62 18.23 19.19
C HIS D 118 16.85 18.79 18.46
N HIS D 119 17.82 19.25 19.24
CA HIS D 119 19.01 19.88 18.72
C HIS D 119 20.05 19.96 19.85
N ALA D 120 21.32 20.14 19.48
CA ALA D 120 22.40 20.28 20.45
C ALA D 120 23.01 21.68 20.34
N PHE D 121 22.86 22.49 21.38
CA PHE D 121 23.36 23.87 21.36
C PHE D 121 24.63 23.97 22.16
N GLU D 122 25.31 25.11 22.08
CA GLU D 122 26.37 25.39 23.03
C GLU D 122 25.70 25.89 24.30
N GLY D 123 26.05 25.30 25.43
CA GLY D 123 25.46 25.69 26.69
C GLY D 123 26.44 25.56 27.85
N ASP D 124 26.20 26.31 28.92
CA ASP D 124 27.10 26.28 30.06
C ASP D 124 26.36 25.87 31.33
N THR D 125 25.05 25.67 31.20
CA THR D 125 24.22 25.26 32.34
C THR D 125 23.17 24.22 31.91
N PHE D 126 22.84 23.30 32.82
CA PHE D 126 22.07 22.11 32.46
C PHE D 126 20.92 21.77 33.40
N PHE D 127 19.91 21.10 32.85
CA PHE D 127 18.85 20.54 33.67
C PHE D 127 19.40 19.30 34.39
N PRO D 128 19.20 19.25 35.72
CA PRO D 128 19.71 18.11 36.52
C PRO D 128 19.19 16.79 35.97
N GLU D 129 20.03 15.76 35.99
CA GLU D 129 19.60 14.42 35.60
C GLU D 129 18.48 13.94 36.52
N MET D 130 17.48 13.27 35.94
CA MET D 130 16.37 12.75 36.72
C MET D 130 16.02 11.32 36.31
N ASP D 131 15.78 10.48 37.31
CA ASP D 131 15.32 9.12 37.06
C ASP D 131 13.86 9.13 36.58
N MET D 132 13.65 8.98 35.28
CA MET D 132 12.31 9.04 34.71
C MET D 132 11.50 7.74 34.84
N THR D 133 12.08 6.72 35.48
CA THR D 133 11.33 5.49 35.76
C THR D 133 10.24 5.75 36.80
N ASN D 134 10.43 6.80 37.58
CA ASN D 134 9.48 7.22 38.60
C ASN D 134 8.33 8.04 38.02
N TRP D 135 8.48 8.44 36.76
CA TRP D 135 7.57 9.39 36.15
C TRP D 135 6.74 8.82 35.01
N LYS D 136 5.53 9.34 34.86
CA LYS D 136 4.63 8.93 33.79
C LYS D 136 4.24 10.13 32.96
N GLU D 137 4.35 9.98 31.64
CA GLU D 137 3.97 11.05 30.74
C GLU D 137 2.46 11.11 30.66
N VAL D 138 1.90 12.30 30.88
CA VAL D 138 0.45 12.44 30.84
C VAL D 138 0.02 13.27 29.65
N PHE D 139 1.00 13.85 28.96
CA PHE D 139 0.70 14.69 27.80
C PHE D 139 1.96 14.95 26.98
N VAL D 140 1.78 15.01 25.66
CA VAL D 140 2.86 15.31 24.73
C VAL D 140 2.26 16.10 23.55
N GLU D 141 3.07 16.96 22.96
CA GLU D 141 2.62 17.79 21.86
C GLU D 141 3.83 18.35 21.14
N LYS D 142 3.88 18.13 19.83
CA LYS D 142 4.98 18.66 19.03
C LYS D 142 4.85 20.19 18.99
N GLY D 143 5.95 20.88 19.28
CA GLY D 143 5.96 22.32 19.17
C GLY D 143 5.86 22.79 17.74
N LEU D 144 5.45 24.05 17.57
CA LEU D 144 5.33 24.68 16.28
C LEU D 144 6.72 24.98 15.72
N THR D 145 7.04 24.37 14.58
CA THR D 145 8.28 24.67 13.89
C THR D 145 7.98 25.43 12.61
N ASP D 146 8.60 26.61 12.46
CA ASP D 146 8.41 27.50 11.33
C ASP D 146 9.58 28.46 11.26
N GLU D 147 9.43 29.50 10.43
CA GLU D 147 10.50 30.49 10.22
C GLU D 147 10.94 31.16 11.52
N LYS D 148 9.99 31.41 12.42
CA LYS D 148 10.27 32.11 13.67
C LYS D 148 10.77 31.16 14.74
N ASN D 149 10.34 29.90 14.62
CA ASN D 149 10.75 28.86 15.56
C ASN D 149 11.44 27.76 14.79
N PRO D 150 12.73 27.96 14.48
CA PRO D 150 13.33 27.12 13.44
C PRO D 150 13.62 25.68 13.86
N TYR D 151 13.48 25.36 15.14
CA TYR D 151 13.87 24.05 15.64
C TYR D 151 12.69 23.09 15.84
N THR D 152 12.98 21.79 15.87
CA THR D 152 11.96 20.79 16.19
C THR D 152 12.03 20.58 17.72
N TYR D 153 10.88 20.69 18.38
CA TYR D 153 10.79 20.50 19.83
C TYR D 153 9.41 19.98 20.16
N TYR D 154 9.27 19.45 21.37
CA TYR D 154 8.03 18.82 21.83
C TYR D 154 7.78 19.17 23.30
N TYR D 155 6.56 19.56 23.63
CA TYR D 155 6.16 19.71 25.02
C TYR D 155 5.82 18.35 25.63
N HIS D 156 6.39 18.08 26.81
CA HIS D 156 6.07 16.87 27.57
C HIS D 156 5.59 17.25 28.98
N VAL D 157 4.55 16.57 29.45
CA VAL D 157 4.12 16.72 30.85
C VAL D 157 4.15 15.36 31.57
N TYR D 158 4.94 15.29 32.65
CA TYR D 158 5.06 14.06 33.43
C TYR D 158 4.52 14.27 34.86
N GLU D 159 3.86 13.24 35.39
CA GLU D 159 3.49 13.18 36.82
C GLU D 159 4.12 11.92 37.42
N LYS D 160 4.11 11.77 38.74
CA LYS D 160 4.70 10.56 39.31
C LYS D 160 3.87 9.31 39.00
N GLN D 161 4.58 8.19 38.86
CA GLN D 161 3.91 6.91 38.65
C GLN D 161 3.28 6.51 39.97
N GLN D 162 2.00 6.14 39.95
CA GLN D 162 1.30 5.74 41.17
C GLN D 162 1.80 4.38 41.64
N LEU D 163 1.81 4.19 42.95
CA LEU D 163 2.20 2.91 43.49
C LEU D 163 1.01 1.96 43.42
N VAL D 164 1.18 0.82 42.74
CA VAL D 164 0.29 -0.30 42.97
C VAL D 164 0.99 -1.14 44.03
N PRO D 165 0.41 -1.18 45.24
CA PRO D 165 1.07 -1.88 46.34
C PRO D 165 1.11 -3.38 46.08
N ARG D 166 2.06 -4.07 46.72
CA ARG D 166 2.02 -5.53 46.75
C ARG D 166 1.14 -5.94 47.90
N MET E 1 10.43 36.74 8.84
CA MET E 1 11.16 37.06 7.63
C MET E 1 10.25 36.90 6.43
N ILE E 2 10.46 37.73 5.41
CA ILE E 2 9.77 37.52 4.15
C ILE E 2 10.53 36.46 3.35
N VAL E 3 9.90 35.29 3.19
CA VAL E 3 10.48 34.24 2.38
C VAL E 3 10.04 34.47 0.92
N SER E 4 10.98 34.89 0.07
CA SER E 4 10.69 35.22 -1.32
C SER E 4 11.32 34.27 -2.35
N PHE E 5 10.52 33.84 -3.33
CA PHE E 5 11.05 33.12 -4.47
C PHE E 5 11.53 34.11 -5.53
N MET E 6 12.73 33.88 -6.03
CA MET E 6 13.26 34.65 -7.14
C MET E 6 13.51 33.64 -8.23
N VAL E 7 12.84 33.82 -9.38
CA VAL E 7 12.93 32.85 -10.47
C VAL E 7 12.74 33.49 -11.85
N ALA E 8 13.49 32.99 -12.83
CA ALA E 8 13.24 33.31 -14.22
C ALA E 8 12.89 32.02 -14.94
N MET E 9 11.78 32.01 -15.69
CA MET E 9 11.33 30.79 -16.35
C MET E 9 10.64 31.09 -17.68
N ASP E 10 10.57 30.08 -18.54
CA ASP E 10 9.95 30.28 -19.85
C ASP E 10 8.47 29.90 -19.85
N GLU E 11 7.88 29.80 -21.04
CA GLU E 11 6.46 29.49 -21.24
C GLU E 11 6.03 28.22 -20.55
N ASN E 12 6.96 27.29 -20.39
CA ASN E 12 6.65 25.97 -19.83
C ASN E 12 7.35 25.75 -18.49
N ARG E 13 7.69 26.86 -17.83
CA ARG E 13 8.34 26.86 -16.51
C ARG E 13 9.76 26.29 -16.48
N VAL E 14 10.42 26.26 -17.63
CA VAL E 14 11.82 25.85 -17.66
C VAL E 14 12.69 26.87 -16.91
N ILE E 15 13.56 26.39 -16.02
CA ILE E 15 14.44 27.28 -15.27
C ILE E 15 15.92 26.96 -15.48
N GLY E 16 16.18 25.92 -16.27
CA GLY E 16 17.55 25.54 -16.57
C GLY E 16 17.62 24.44 -17.60
N LYS E 17 18.78 24.32 -18.24
CA LYS E 17 19.07 23.26 -19.20
C LYS E 17 20.50 22.88 -18.95
N ASP E 18 20.74 21.61 -18.63
CA ASP E 18 21.99 21.19 -18.00
C ASP E 18 22.15 22.05 -16.74
N ASN E 19 23.36 22.57 -16.52
CA ASN E 19 23.58 23.50 -15.42
C ASN E 19 23.76 24.93 -15.92
N ASN E 20 22.81 25.39 -16.71
CA ASN E 20 22.87 26.75 -17.25
C ASN E 20 21.49 27.33 -17.55
N LEU E 21 21.44 28.63 -17.78
CA LEU E 21 20.22 29.30 -18.25
C LEU E 21 20.19 29.19 -19.76
N PRO E 22 19.06 28.73 -20.32
CA PRO E 22 18.92 28.53 -21.76
C PRO E 22 18.93 29.86 -22.52
N TRP E 23 18.67 30.95 -21.80
CA TRP E 23 18.61 32.28 -22.41
C TRP E 23 19.73 33.16 -21.86
N ARG E 24 20.11 34.17 -22.62
CA ARG E 24 21.08 35.15 -22.16
C ARG E 24 20.43 36.53 -22.13
N LEU E 25 20.03 36.93 -20.93
CA LEU E 25 19.31 38.18 -20.70
C LEU E 25 20.02 38.97 -19.61
N PRO E 26 21.11 39.66 -19.98
CA PRO E 26 21.90 40.45 -18.99
C PRO E 26 21.04 41.43 -18.18
N SER E 27 20.03 42.01 -18.82
CA SER E 27 19.11 42.95 -18.18
C SER E 27 18.29 42.31 -17.05
N GLU E 28 17.81 41.10 -17.28
CA GLU E 28 17.07 40.33 -16.27
C GLU E 28 17.94 40.12 -15.03
N LEU E 29 19.18 39.67 -15.26
CA LEU E 29 20.16 39.45 -14.21
C LEU E 29 20.45 40.73 -13.44
N GLN E 30 20.46 41.85 -14.15
CA GLN E 30 20.60 43.16 -13.52
C GLN E 30 19.38 43.45 -12.62
N TYR E 31 18.20 42.98 -13.01
CA TYR E 31 17.01 43.10 -12.16
C TYR E 31 17.18 42.28 -10.87
N VAL E 32 17.68 41.06 -11.03
CA VAL E 32 17.97 40.20 -9.88
C VAL E 32 18.92 40.86 -8.88
N LYS E 33 20.03 41.39 -9.39
CA LYS E 33 21.03 42.05 -8.55
C LYS E 33 20.43 43.23 -7.82
N LYS E 34 19.76 44.10 -8.56
CA LYS E 34 19.08 45.26 -7.99
C LYS E 34 18.12 44.81 -6.89
N THR E 35 17.25 43.88 -7.25
CA THR E 35 16.18 43.40 -6.37
C THR E 35 16.70 42.75 -5.08
N THR E 36 17.79 42.00 -5.19
CA THR E 36 18.25 41.22 -4.06
C THR E 36 19.37 41.90 -3.31
N MET E 37 19.66 43.16 -3.68
CA MET E 37 20.71 43.92 -3.00
C MET E 37 20.44 43.99 -1.50
N GLY E 38 21.42 43.53 -0.72
CA GLY E 38 21.35 43.58 0.73
C GLY E 38 20.47 42.51 1.35
N HIS E 39 20.20 41.44 0.61
CA HIS E 39 19.39 40.33 1.12
C HIS E 39 20.05 39.00 0.82
N PRO E 40 19.85 38.01 1.71
CA PRO E 40 20.45 36.70 1.46
C PRO E 40 19.91 36.00 0.21
N LEU E 41 20.81 35.33 -0.50
CA LEU E 41 20.44 34.45 -1.58
C LEU E 41 20.57 33.01 -1.10
N ILE E 42 19.48 32.25 -1.23
CA ILE E 42 19.47 30.86 -0.81
C ILE E 42 19.46 29.97 -2.04
N MET E 43 20.47 29.11 -2.19
CA MET E 43 20.51 28.23 -3.35
C MET E 43 21.10 26.84 -3.07
N GLY E 44 20.65 25.85 -3.84
CA GLY E 44 21.26 24.54 -3.78
C GLY E 44 22.67 24.58 -4.34
N ARG E 45 23.46 23.57 -4.04
CA ARG E 45 24.84 23.49 -4.51
C ARG E 45 24.94 23.51 -6.05
N LYS E 46 24.20 22.65 -6.74
CA LYS E 46 24.22 22.62 -8.22
C LYS E 46 23.92 24.01 -8.83
N ASN E 47 22.99 24.73 -8.23
CA ASN E 47 22.65 26.09 -8.66
C ASN E 47 23.80 27.08 -8.44
N TYR E 48 24.50 26.94 -7.32
CA TYR E 48 25.63 27.83 -7.04
C TYR E 48 26.78 27.59 -8.00
N GLU E 49 27.00 26.32 -8.35
CA GLU E 49 28.11 25.95 -9.21
C GLU E 49 27.88 26.48 -10.62
N ALA E 50 26.62 26.48 -11.05
CA ALA E 50 26.25 26.99 -12.36
C ALA E 50 26.60 28.48 -12.47
N ILE E 51 26.35 29.23 -11.41
CA ILE E 51 26.70 30.65 -11.34
C ILE E 51 28.22 30.84 -11.35
N GLY E 52 28.92 30.01 -10.57
CA GLY E 52 30.37 30.00 -10.62
C GLY E 52 31.09 30.76 -9.53
N ARG E 53 30.38 31.68 -8.89
CA ARG E 53 31.01 32.55 -7.89
C ARG E 53 30.01 33.08 -6.89
N PRO E 54 30.50 33.51 -5.72
CA PRO E 54 29.63 34.25 -4.81
C PRO E 54 29.24 35.59 -5.45
N LEU E 55 27.94 35.89 -5.46
CA LEU E 55 27.48 37.20 -5.88
C LEU E 55 27.71 38.16 -4.71
N PRO E 56 28.59 39.16 -4.92
CA PRO E 56 29.00 40.08 -3.86
C PRO E 56 27.86 40.98 -3.41
N GLY E 57 27.95 41.51 -2.18
CA GLY E 57 26.92 42.39 -1.67
C GLY E 57 25.75 41.63 -1.06
N ARG E 58 25.79 40.29 -1.14
CA ARG E 58 24.73 39.44 -0.60
C ARG E 58 25.28 38.26 0.18
N ARG E 59 24.51 37.81 1.18
CA ARG E 59 24.78 36.55 1.86
C ARG E 59 24.46 35.40 0.91
N ASN E 60 25.46 34.60 0.56
CA ASN E 60 25.25 33.44 -0.28
C ASN E 60 25.16 32.20 0.60
N ILE E 61 23.94 31.71 0.84
CA ILE E 61 23.76 30.52 1.65
C ILE E 61 23.47 29.34 0.74
N ILE E 62 24.30 28.31 0.83
CA ILE E 62 24.15 27.14 -0.02
C ILE E 62 23.48 26.01 0.75
N VAL E 63 22.53 25.34 0.11
CA VAL E 63 21.77 24.29 0.77
C VAL E 63 22.13 22.91 0.21
N THR E 64 22.61 22.02 1.09
CA THR E 64 23.05 20.67 0.71
C THR E 64 23.00 19.71 1.91
N ARG E 65 22.58 18.45 1.66
CA ARG E 65 22.60 17.44 2.72
C ARG E 65 24.03 16.93 2.98
N ASN E 66 24.93 17.16 2.03
CA ASN E 66 26.32 16.77 2.20
C ASN E 66 26.97 17.52 3.37
N GLU E 67 27.29 16.78 4.43
CA GLU E 67 27.83 17.38 5.64
C GLU E 67 29.31 17.67 5.56
N GLY E 68 29.96 17.21 4.48
CA GLY E 68 31.37 17.47 4.30
C GLY E 68 31.59 18.78 3.58
N TYR E 69 30.51 19.31 3.04
CA TYR E 69 30.58 20.42 2.08
C TYR E 69 30.82 21.79 2.70
N HIS E 70 31.82 22.49 2.16
CA HIS E 70 32.06 23.91 2.41
C HIS E 70 32.74 24.49 1.17
N VAL E 71 32.44 25.75 0.85
CA VAL E 71 33.20 26.50 -0.15
C VAL E 71 33.41 27.95 0.29
N GLU E 72 34.51 28.55 -0.15
CA GLU E 72 34.86 29.92 0.23
C GLU E 72 33.79 30.93 -0.18
N GLY E 73 33.54 31.92 0.69
CA GLY E 73 32.62 32.99 0.39
C GLY E 73 31.16 32.65 0.63
N CYS E 74 30.89 31.42 1.05
CA CYS E 74 29.51 31.01 1.26
C CYS E 74 29.27 30.38 2.63
N GLU E 75 28.12 30.71 3.23
CA GLU E 75 27.64 29.96 4.39
C GLU E 75 26.86 28.76 3.87
N VAL E 76 26.92 27.66 4.63
CA VAL E 76 26.26 26.43 4.22
C VAL E 76 25.18 26.03 5.20
N ALA E 77 24.00 25.70 4.67
CA ALA E 77 22.94 25.11 5.48
C ALA E 77 22.58 23.73 4.94
N HIS E 78 22.15 22.84 5.83
CA HIS E 78 21.85 21.48 5.43
C HIS E 78 20.37 21.15 5.58
N SER E 79 19.56 22.17 5.86
CA SER E 79 18.14 21.96 6.11
C SER E 79 17.41 23.29 6.10
N VAL E 80 16.10 23.25 5.86
CA VAL E 80 15.29 24.46 5.93
C VAL E 80 15.44 25.08 7.33
N GLU E 81 15.51 24.22 8.36
CA GLU E 81 15.72 24.65 9.74
C GLU E 81 16.96 25.55 9.91
N GLU E 82 18.09 25.13 9.34
CA GLU E 82 19.32 25.88 9.53
C GLU E 82 19.25 27.21 8.79
N VAL E 83 18.56 27.21 7.65
CA VAL E 83 18.36 28.45 6.89
C VAL E 83 17.62 29.51 7.72
N PHE E 84 16.49 29.12 8.29
CA PHE E 84 15.70 30.00 9.14
C PHE E 84 16.46 30.49 10.36
N GLU E 85 17.27 29.61 10.96
CA GLU E 85 18.18 30.01 12.03
C GLU E 85 19.21 31.05 11.55
N LEU E 86 19.88 30.75 10.44
CA LEU E 86 20.87 31.67 9.88
C LEU E 86 20.24 33.02 9.50
N CYS E 87 19.04 32.99 8.95
CA CYS E 87 18.34 34.21 8.57
C CYS E 87 17.34 34.73 9.60
N LYS E 88 17.56 34.35 10.87
CA LYS E 88 16.74 34.73 12.02
C LYS E 88 16.23 36.16 12.00
N ASN E 89 17.15 37.11 11.87
CA ASN E 89 16.76 38.51 11.94
C ASN E 89 16.69 39.19 10.57
N GLU E 90 16.61 38.41 9.51
CA GLU E 90 16.52 38.98 8.16
C GLU E 90 15.11 39.47 7.86
N GLU E 91 14.98 40.64 7.23
CA GLU E 91 13.65 41.09 6.81
C GLU E 91 13.15 40.29 5.62
N GLU E 92 14.03 40.02 4.67
CA GLU E 92 13.63 39.29 3.47
C GLU E 92 14.77 38.43 2.92
N ILE E 93 14.43 37.20 2.52
CA ILE E 93 15.43 36.30 1.96
C ILE E 93 14.93 35.81 0.60
N PHE E 94 15.86 35.51 -0.29
CA PHE E 94 15.50 35.07 -1.64
C PHE E 94 15.95 33.66 -1.90
N ILE E 95 14.96 32.78 -2.12
CA ILE E 95 15.22 31.41 -2.55
C ILE E 95 15.59 31.49 -4.03
N PHE E 96 16.87 31.25 -4.33
CA PHE E 96 17.43 31.50 -5.66
C PHE E 96 17.35 30.30 -6.60
N GLY E 97 16.91 29.17 -6.06
CA GLY E 97 16.55 28.07 -6.91
C GLY E 97 17.42 26.84 -6.88
N GLY E 98 17.17 26.00 -7.87
CA GLY E 98 17.28 24.59 -7.72
C GLY E 98 15.81 24.28 -7.50
N ALA E 99 15.19 23.59 -8.45
CA ALA E 99 13.79 23.26 -8.36
C ALA E 99 13.51 22.62 -7.00
N GLN E 100 14.44 21.80 -6.54
CA GLN E 100 14.27 21.11 -5.26
C GLN E 100 14.39 22.09 -4.09
N ILE E 101 15.11 23.19 -4.29
CA ILE E 101 15.19 24.23 -3.28
C ILE E 101 13.87 25.00 -3.15
N TYR E 102 13.24 25.35 -4.27
CA TYR E 102 11.91 25.95 -4.23
C TYR E 102 10.94 24.98 -3.53
N ASP E 103 11.01 23.70 -3.89
CA ASP E 103 10.12 22.71 -3.26
C ASP E 103 10.30 22.69 -1.75
N LEU E 104 11.55 22.83 -1.31
CA LEU E 104 11.83 22.86 0.13
C LEU E 104 11.19 24.06 0.83
N PHE E 105 11.11 25.22 0.17
CA PHE E 105 10.59 26.42 0.83
C PHE E 105 9.15 26.79 0.51
N LEU E 106 8.51 25.94 -0.29
CA LEU E 106 7.09 26.06 -0.62
C LEU E 106 6.12 26.24 0.57
N PRO E 107 6.35 25.52 1.69
CA PRO E 107 5.44 25.72 2.83
C PRO E 107 5.58 27.09 3.50
N TYR E 108 6.66 27.80 3.16
CA TYR E 108 6.96 29.04 3.85
C TYR E 108 6.96 30.29 2.96
N VAL E 109 6.80 30.10 1.65
CA VAL E 109 6.94 31.25 0.74
C VAL E 109 5.87 32.34 0.95
N ASP E 110 6.31 33.59 0.98
CA ASP E 110 5.39 34.71 1.22
C ASP E 110 5.24 35.60 0.01
N LYS E 111 6.20 35.52 -0.90
CA LYS E 111 6.28 36.48 -2.00
C LYS E 111 6.96 35.85 -3.22
N LEU E 112 6.46 36.20 -4.41
CA LEU E 112 6.96 35.62 -5.65
C LEU E 112 7.43 36.69 -6.60
N TYR E 113 8.72 36.65 -6.96
CA TYR E 113 9.26 37.54 -7.99
C TYR E 113 9.57 36.66 -9.16
N ILE E 114 8.67 36.66 -10.13
CA ILE E 114 8.76 35.72 -11.23
C ILE E 114 8.98 36.45 -12.55
N THR E 115 10.06 36.10 -13.25
CA THR E 115 10.27 36.66 -14.58
C THR E 115 9.74 35.62 -15.57
N LYS E 116 8.80 36.02 -16.41
CA LYS E 116 8.21 35.10 -17.35
C LYS E 116 8.71 35.42 -18.73
N ILE E 117 9.46 34.50 -19.32
CA ILE E 117 9.97 34.69 -20.66
C ILE E 117 9.02 34.08 -21.68
N HIS E 118 8.60 34.90 -22.64
CA HIS E 118 7.62 34.50 -23.65
C HIS E 118 8.29 33.73 -24.80
N HIS E 119 8.83 32.57 -24.47
CA HIS E 119 9.50 31.70 -25.44
C HIS E 119 9.52 30.30 -24.85
N ALA E 120 9.66 29.31 -25.73
CA ALA E 120 9.78 27.93 -25.27
C ALA E 120 11.19 27.44 -25.58
N PHE E 121 11.95 27.16 -24.53
CA PHE E 121 13.34 26.75 -24.67
C PHE E 121 13.45 25.25 -24.50
N GLU E 122 14.62 24.72 -24.81
CA GLU E 122 14.95 23.34 -24.44
C GLU E 122 15.38 23.38 -22.96
N GLY E 123 14.78 22.54 -22.12
CA GLY E 123 15.10 22.55 -20.70
C GLY E 123 15.03 21.16 -20.09
N ASP E 124 15.61 21.02 -18.91
CA ASP E 124 15.55 19.74 -18.20
C ASP E 124 15.12 19.92 -16.75
N THR E 125 15.06 21.17 -16.29
CA THR E 125 14.61 21.45 -14.93
C THR E 125 13.54 22.57 -14.91
N PHE E 126 12.62 22.48 -13.94
CA PHE E 126 11.38 23.25 -14.01
C PHE E 126 10.99 23.94 -12.71
N PHE E 127 10.41 25.13 -12.83
CA PHE E 127 9.83 25.78 -11.67
C PHE E 127 8.54 25.04 -11.30
N PRO E 128 8.46 24.55 -10.05
CA PRO E 128 7.31 23.73 -9.64
C PRO E 128 5.98 24.48 -9.75
N GLU E 129 4.91 23.72 -10.01
CA GLU E 129 3.59 24.28 -10.16
C GLU E 129 3.12 24.91 -8.86
N MET E 130 2.33 25.96 -8.98
CA MET E 130 1.81 26.64 -7.80
C MET E 130 0.40 27.11 -8.10
N ASP E 131 -0.49 26.91 -7.13
CA ASP E 131 -1.83 27.46 -7.21
C ASP E 131 -1.74 28.98 -7.06
N MET E 132 -1.85 29.68 -8.18
CA MET E 132 -1.71 31.12 -8.18
C MET E 132 -2.98 31.84 -7.73
N THR E 133 -4.08 31.10 -7.57
CA THR E 133 -5.31 31.67 -7.04
C THR E 133 -5.12 32.15 -5.58
N ASN E 134 -4.09 31.64 -4.92
CA ASN E 134 -3.72 32.11 -3.58
C ASN E 134 -2.96 33.43 -3.62
N TRP E 135 -2.53 33.82 -4.82
CA TRP E 135 -1.58 34.90 -5.00
C TRP E 135 -2.13 36.08 -5.79
N LYS E 136 -1.60 37.26 -5.52
CA LYS E 136 -2.08 38.48 -6.13
C LYS E 136 -0.90 39.28 -6.62
N GLU E 137 -0.99 39.68 -7.89
CA GLU E 137 0.05 40.48 -8.50
C GLU E 137 0.03 41.91 -7.96
N VAL E 138 1.17 42.35 -7.46
CA VAL E 138 1.28 43.72 -6.95
C VAL E 138 2.14 44.58 -7.84
N PHE E 139 2.88 43.93 -8.73
CA PHE E 139 3.73 44.65 -9.68
C PHE E 139 3.95 43.86 -10.96
N VAL E 140 4.03 44.56 -12.09
CA VAL E 140 4.40 43.95 -13.36
C VAL E 140 5.19 44.97 -14.19
N GLU E 141 6.17 44.49 -14.96
CA GLU E 141 6.94 45.36 -15.85
C GLU E 141 7.55 44.56 -17.00
N LYS E 142 7.31 45.04 -18.23
CA LYS E 142 7.88 44.41 -19.42
C LYS E 142 9.39 44.62 -19.41
N GLY E 143 10.13 43.53 -19.54
CA GLY E 143 11.58 43.61 -19.52
C GLY E 143 12.11 44.22 -20.80
N LEU E 144 13.38 44.64 -20.78
CA LEU E 144 14.00 45.24 -21.94
C LEU E 144 14.33 44.18 -23.01
N THR E 145 13.75 44.37 -24.20
CA THR E 145 14.06 43.48 -25.32
C THR E 145 14.85 44.26 -26.37
N ASP E 146 16.07 43.80 -26.64
CA ASP E 146 16.97 44.45 -27.59
C ASP E 146 18.00 43.46 -28.06
N GLU E 147 19.02 43.98 -28.74
CA GLU E 147 20.14 43.20 -29.29
C GLU E 147 20.71 42.21 -28.28
N LYS E 148 20.93 42.68 -27.05
CA LYS E 148 21.54 41.86 -26.00
C LYS E 148 20.56 41.02 -25.19
N ASN E 149 19.28 41.35 -25.30
CA ASN E 149 18.20 40.65 -24.57
C ASN E 149 17.11 40.31 -25.56
N PRO E 150 17.34 39.29 -26.40
CA PRO E 150 16.55 39.07 -27.62
C PRO E 150 15.08 38.72 -27.35
N TYR E 151 14.83 38.02 -26.26
CA TYR E 151 13.48 37.53 -25.98
C TYR E 151 12.57 38.56 -25.34
N THR E 152 11.27 38.29 -25.39
CA THR E 152 10.30 39.13 -24.72
C THR E 152 10.03 38.48 -23.35
N TYR E 153 10.12 39.27 -22.28
CA TYR E 153 9.92 38.74 -20.94
C TYR E 153 9.33 39.83 -20.05
N TYR E 154 8.70 39.41 -18.95
CA TYR E 154 8.03 40.34 -18.06
C TYR E 154 8.41 40.04 -16.61
N TYR E 155 8.61 41.09 -15.82
CA TYR E 155 8.79 40.93 -14.38
C TYR E 155 7.42 40.93 -13.70
N HIS E 156 7.17 39.93 -12.86
CA HIS E 156 5.94 39.87 -12.07
C HIS E 156 6.29 39.73 -10.60
N VAL E 157 5.57 40.46 -9.76
CA VAL E 157 5.71 40.30 -8.32
C VAL E 157 4.35 39.96 -7.74
N TYR E 158 4.31 38.90 -6.93
CA TYR E 158 3.06 38.43 -6.32
C TYR E 158 3.20 38.37 -4.80
N GLU E 159 2.11 38.70 -4.09
CA GLU E 159 2.01 38.47 -2.65
C GLU E 159 0.71 37.67 -2.37
N LYS E 160 0.61 37.07 -1.18
CA LYS E 160 -0.58 36.31 -0.82
C LYS E 160 -1.84 37.15 -0.96
N GLN E 161 -2.94 36.52 -1.36
CA GLN E 161 -4.23 37.19 -1.44
C GLN E 161 -4.88 37.28 -0.05
N GLN E 162 -5.02 38.48 0.49
CA GLN E 162 -5.67 38.66 1.78
C GLN E 162 -7.14 38.29 1.67
N LEU E 163 -7.51 37.15 2.24
CA LEU E 163 -8.89 36.73 2.23
C LEU E 163 -9.75 37.65 3.09
N VAL E 164 -10.95 37.94 2.60
CA VAL E 164 -11.94 38.64 3.38
C VAL E 164 -12.74 37.58 4.14
N PRO E 165 -12.86 37.72 5.47
CA PRO E 165 -13.52 36.66 6.25
C PRO E 165 -15.01 36.54 5.95
N ARG E 166 -15.51 35.30 5.93
CA ARG E 166 -16.92 35.05 5.79
C ARG E 166 -17.66 35.61 7.00
N MET F 1 16.82 -8.55 -0.16
CA MET F 1 17.75 -8.79 -1.25
C MET F 1 16.95 -9.03 -2.52
N ILE F 2 17.15 -8.18 -3.52
CA ILE F 2 16.49 -8.42 -4.81
C ILE F 2 17.27 -9.46 -5.61
N VAL F 3 16.57 -10.52 -6.02
CA VAL F 3 17.19 -11.54 -6.84
C VAL F 3 16.70 -11.37 -8.27
N SER F 4 17.60 -10.90 -9.14
CA SER F 4 17.25 -10.57 -10.50
C SER F 4 17.90 -11.56 -11.46
N PHE F 5 17.15 -11.99 -12.47
CA PHE F 5 17.73 -12.78 -13.57
C PHE F 5 18.18 -11.78 -14.63
N MET F 6 19.34 -12.01 -15.21
CA MET F 6 19.79 -11.16 -16.32
C MET F 6 20.00 -12.08 -17.51
N VAL F 7 19.24 -11.85 -18.57
CA VAL F 7 19.28 -12.79 -19.69
C VAL F 7 19.05 -12.12 -21.05
N ALA F 8 19.70 -12.66 -22.06
CA ALA F 8 19.52 -12.25 -23.45
C ALA F 8 19.11 -13.51 -24.22
N MET F 9 17.93 -13.54 -24.83
CA MET F 9 17.53 -14.75 -25.57
C MET F 9 16.89 -14.44 -26.92
N ASP F 10 16.81 -15.43 -27.81
CA ASP F 10 16.20 -15.20 -29.12
C ASP F 10 14.71 -15.55 -29.15
N GLU F 11 14.15 -15.68 -30.35
CA GLU F 11 12.72 -15.97 -30.53
C GLU F 11 12.27 -17.28 -29.89
N ASN F 12 13.19 -18.23 -29.76
CA ASN F 12 12.84 -19.54 -29.22
C ASN F 12 13.56 -19.81 -27.92
N ARG F 13 13.99 -18.72 -27.26
CA ARG F 13 14.61 -18.75 -25.92
C ARG F 13 16.03 -19.28 -25.91
N VAL F 14 16.64 -19.38 -27.08
CA VAL F 14 18.06 -19.73 -27.15
C VAL F 14 18.87 -18.73 -26.34
N ILE F 15 19.74 -19.23 -25.47
CA ILE F 15 20.65 -18.35 -24.74
C ILE F 15 22.11 -18.72 -25.01
N GLY F 16 22.32 -19.72 -25.87
CA GLY F 16 23.68 -20.13 -26.20
C GLY F 16 23.78 -21.16 -27.30
N LYS F 17 24.97 -21.26 -27.88
CA LYS F 17 25.29 -22.24 -28.91
C LYS F 17 26.80 -22.48 -28.83
N ASP F 18 27.19 -23.74 -28.65
CA ASP F 18 28.60 -24.08 -28.41
C ASP F 18 29.15 -23.27 -27.23
N ASN F 19 28.34 -23.16 -26.18
CA ASN F 19 28.68 -22.38 -24.99
C ASN F 19 28.84 -20.86 -25.19
N ASN F 20 28.68 -20.39 -26.43
CA ASN F 20 28.84 -18.96 -26.72
C ASN F 20 27.56 -18.29 -27.20
N LEU F 21 27.64 -16.99 -27.48
CA LEU F 21 26.47 -16.24 -27.98
C LEU F 21 26.44 -16.29 -29.51
N PRO F 22 25.27 -16.67 -30.08
CA PRO F 22 25.14 -16.83 -31.53
C PRO F 22 25.06 -15.47 -32.24
N TRP F 23 24.71 -14.45 -31.48
CA TRP F 23 24.68 -13.08 -31.97
C TRP F 23 25.85 -12.31 -31.38
N ARG F 24 26.27 -11.25 -32.08
CA ARG F 24 27.25 -10.34 -31.50
C ARG F 24 26.64 -8.94 -31.42
N LEU F 25 26.19 -8.59 -30.22
CA LEU F 25 25.51 -7.32 -29.97
C LEU F 25 26.22 -6.54 -28.88
N PRO F 26 27.29 -5.81 -29.26
CA PRO F 26 28.10 -4.98 -28.38
C PRO F 26 27.25 -4.06 -27.51
N SER F 27 26.20 -3.48 -28.10
CA SER F 27 25.34 -2.54 -27.39
C SER F 27 24.55 -3.23 -26.27
N GLU F 28 24.10 -4.45 -26.55
CA GLU F 28 23.41 -5.24 -25.53
C GLU F 28 24.31 -5.49 -24.32
N LEU F 29 25.57 -5.82 -24.56
CA LEU F 29 26.51 -6.02 -23.46
C LEU F 29 26.82 -4.75 -22.67
N GLN F 30 26.81 -3.59 -23.34
CA GLN F 30 26.94 -2.34 -22.60
C GLN F 30 25.74 -2.13 -21.67
N TYR F 31 24.57 -2.60 -22.10
CA TYR F 31 23.38 -2.51 -21.26
C TYR F 31 23.59 -3.38 -20.02
N VAL F 32 24.05 -4.61 -20.22
CA VAL F 32 24.35 -5.49 -19.10
C VAL F 32 25.30 -4.80 -18.14
N LYS F 33 26.38 -4.26 -18.71
CA LYS F 33 27.39 -3.54 -17.91
C LYS F 33 26.77 -2.43 -17.07
N LYS F 34 25.99 -1.56 -17.70
CA LYS F 34 25.38 -0.44 -17.00
C LYS F 34 24.43 -0.91 -15.89
N THR F 35 23.59 -1.87 -16.22
CA THR F 35 22.56 -2.39 -15.30
C THR F 35 23.18 -3.11 -14.10
N THR F 36 24.24 -3.87 -14.33
CA THR F 36 24.80 -4.69 -13.27
C THR F 36 25.89 -3.98 -12.45
N MET F 37 26.24 -2.75 -12.84
CA MET F 37 27.23 -1.96 -12.11
C MET F 37 27.03 -1.92 -10.60
N GLY F 38 28.04 -2.38 -9.87
CA GLY F 38 28.03 -2.29 -8.42
C GLY F 38 27.24 -3.41 -7.78
N HIS F 39 26.74 -4.33 -8.60
CA HIS F 39 26.01 -5.47 -8.07
C HIS F 39 26.68 -6.78 -8.44
N PRO F 40 26.60 -7.77 -7.54
CA PRO F 40 27.15 -9.08 -7.85
C PRO F 40 26.55 -9.68 -9.12
N LEU F 41 27.40 -10.38 -9.86
CA LEU F 41 26.98 -11.19 -10.99
C LEU F 41 27.14 -12.64 -10.55
N ILE F 42 26.05 -13.41 -10.60
CA ILE F 42 26.09 -14.81 -10.21
C ILE F 42 26.02 -15.71 -11.45
N MET F 43 27.02 -16.58 -11.62
CA MET F 43 27.04 -17.43 -12.80
C MET F 43 27.69 -18.78 -12.54
N GLY F 44 27.26 -19.79 -13.30
CA GLY F 44 27.87 -21.10 -13.21
C GLY F 44 29.25 -21.10 -13.87
N ARG F 45 30.07 -22.07 -13.49
CA ARG F 45 31.42 -22.23 -14.02
C ARG F 45 31.47 -22.26 -15.54
N LYS F 46 30.64 -23.11 -16.15
CA LYS F 46 30.54 -23.20 -17.61
C LYS F 46 30.33 -21.81 -18.23
N ASN F 47 29.47 -21.03 -17.60
CA ASN F 47 29.13 -19.69 -18.08
C ASN F 47 30.31 -18.73 -17.95
N TYR F 48 30.94 -18.72 -16.78
CA TYR F 48 32.13 -17.89 -16.58
C TYR F 48 33.27 -18.26 -17.53
N GLU F 49 33.47 -19.55 -17.77
CA GLU F 49 34.57 -19.96 -18.62
C GLU F 49 34.36 -19.53 -20.07
N ALA F 50 33.09 -19.37 -20.46
CA ALA F 50 32.75 -18.90 -21.80
C ALA F 50 33.10 -17.42 -21.97
N ILE F 51 32.74 -16.62 -20.97
CA ILE F 51 33.14 -15.22 -20.91
C ILE F 51 34.67 -15.12 -20.90
N GLY F 52 35.30 -15.93 -20.07
CA GLY F 52 36.76 -16.06 -20.10
C GLY F 52 37.51 -15.18 -19.12
N ARG F 53 36.87 -14.11 -18.65
CA ARG F 53 37.52 -13.19 -17.73
C ARG F 53 36.52 -12.63 -16.73
N PRO F 54 36.99 -12.23 -15.54
CA PRO F 54 36.07 -11.56 -14.62
C PRO F 54 35.58 -10.24 -15.21
N LEU F 55 34.30 -9.94 -15.04
CA LEU F 55 33.78 -8.65 -15.49
C LEU F 55 34.04 -7.62 -14.39
N PRO F 56 34.85 -6.59 -14.72
CA PRO F 56 35.35 -5.68 -13.67
C PRO F 56 34.26 -4.74 -13.12
N GLY F 57 34.48 -4.24 -11.90
CA GLY F 57 33.53 -3.34 -11.27
C GLY F 57 32.37 -4.05 -10.60
N ARG F 58 32.31 -5.38 -10.74
CA ARG F 58 31.27 -6.18 -10.08
C ARG F 58 31.88 -7.35 -9.35
N ARG F 59 31.20 -7.77 -8.28
CA ARG F 59 31.56 -9.03 -7.62
C ARG F 59 31.19 -10.18 -8.53
N ASN F 60 32.19 -10.93 -8.96
CA ASN F 60 31.96 -12.14 -9.75
C ASN F 60 31.88 -13.34 -8.83
N ILE F 61 30.74 -14.00 -8.84
CA ILE F 61 30.54 -15.17 -8.00
C ILE F 61 30.14 -16.35 -8.87
N ILE F 62 31.02 -17.34 -8.89
CA ILE F 62 30.84 -18.51 -9.72
C ILE F 62 30.25 -19.63 -8.89
N VAL F 63 29.22 -20.27 -9.43
CA VAL F 63 28.55 -21.35 -8.72
C VAL F 63 28.97 -22.70 -9.29
N THR F 64 29.47 -23.55 -8.40
CA THR F 64 29.87 -24.88 -8.79
C THR F 64 29.85 -25.80 -7.58
N ARG F 65 29.46 -27.06 -7.83
CA ARG F 65 29.52 -28.15 -6.87
C ARG F 65 30.97 -28.40 -6.39
N ASN F 66 31.92 -28.08 -7.25
CA ASN F 66 33.33 -28.30 -6.99
C ASN F 66 33.86 -27.46 -5.83
N GLU F 67 34.06 -28.09 -4.67
CA GLU F 67 34.55 -27.43 -3.46
C GLU F 67 36.00 -26.95 -3.56
N GLY F 68 36.76 -27.52 -4.51
CA GLY F 68 38.12 -27.07 -4.74
C GLY F 68 38.27 -26.09 -5.90
N TYR F 69 37.16 -25.60 -6.44
CA TYR F 69 37.26 -24.68 -7.58
C TYR F 69 37.65 -23.28 -7.13
N HIS F 70 38.71 -22.74 -7.72
CA HIS F 70 39.15 -21.38 -7.41
C HIS F 70 39.48 -20.63 -8.71
N VAL F 71 39.10 -19.36 -8.78
CA VAL F 71 39.48 -18.49 -9.89
C VAL F 71 39.88 -17.12 -9.37
N GLU F 72 41.06 -16.64 -9.77
CA GLU F 72 41.53 -15.33 -9.36
C GLU F 72 40.55 -14.24 -9.80
N GLY F 73 40.31 -13.27 -8.93
CA GLY F 73 39.38 -12.19 -9.21
C GLY F 73 37.93 -12.59 -9.06
N CYS F 74 37.68 -13.83 -8.66
CA CYS F 74 36.30 -14.30 -8.47
C CYS F 74 36.09 -14.89 -7.09
N GLU F 75 34.85 -14.88 -6.65
CA GLU F 75 34.44 -15.62 -5.47
C GLU F 75 33.70 -16.87 -5.93
N VAL F 76 33.74 -17.91 -5.11
CA VAL F 76 33.12 -19.19 -5.48
C VAL F 76 32.14 -19.67 -4.42
N ALA F 77 30.89 -19.89 -4.83
CA ALA F 77 29.89 -20.50 -3.93
C ALA F 77 29.54 -21.87 -4.48
N HIS F 78 29.01 -22.73 -3.61
CA HIS F 78 28.75 -24.11 -4.01
C HIS F 78 27.30 -24.47 -3.85
N SER F 79 26.48 -23.47 -3.55
CA SER F 79 25.06 -23.69 -3.34
C SER F 79 24.34 -22.37 -3.26
N VAL F 80 23.04 -22.43 -3.46
CA VAL F 80 22.18 -21.26 -3.29
C VAL F 80 22.42 -20.66 -1.90
N GLU F 81 22.40 -21.53 -0.88
CA GLU F 81 22.65 -21.10 0.49
C GLU F 81 23.91 -20.23 0.60
N GLU F 82 25.03 -20.71 0.06
CA GLU F 82 26.29 -19.98 0.14
C GLU F 82 26.25 -18.64 -0.58
N VAL F 83 25.59 -18.62 -1.74
CA VAL F 83 25.41 -17.37 -2.48
C VAL F 83 24.66 -16.36 -1.60
N PHE F 84 23.61 -16.81 -0.95
CA PHE F 84 22.82 -15.91 -0.11
C PHE F 84 23.62 -15.42 1.08
N GLU F 85 24.45 -16.30 1.64
CA GLU F 85 25.39 -15.91 2.70
C GLU F 85 26.42 -14.86 2.20
N LEU F 86 27.05 -15.12 1.06
CA LEU F 86 28.02 -14.17 0.50
C LEU F 86 27.38 -12.82 0.22
N CYS F 87 26.15 -12.86 -0.26
CA CYS F 87 25.46 -11.63 -0.69
C CYS F 87 24.51 -11.05 0.35
N LYS F 88 24.70 -11.46 1.59
CA LYS F 88 23.78 -11.10 2.66
C LYS F 88 23.59 -9.59 2.83
N ASN F 89 24.59 -8.80 2.43
CA ASN F 89 24.47 -7.35 2.53
C ASN F 89 24.14 -6.63 1.23
N GLU F 90 23.82 -7.39 0.17
CA GLU F 90 23.56 -6.81 -1.16
C GLU F 90 22.12 -6.35 -1.33
N GLU F 91 21.92 -5.18 -1.94
CA GLU F 91 20.57 -4.75 -2.32
C GLU F 91 20.02 -5.59 -3.48
N GLU F 92 20.89 -5.97 -4.41
CA GLU F 92 20.44 -6.68 -5.61
C GLU F 92 21.56 -7.52 -6.20
N ILE F 93 21.21 -8.74 -6.63
CA ILE F 93 22.18 -9.61 -7.30
C ILE F 93 21.62 -10.09 -8.65
N PHE F 94 22.52 -10.40 -9.57
CA PHE F 94 22.11 -10.73 -10.91
C PHE F 94 22.50 -12.16 -11.23
N ILE F 95 21.48 -13.00 -11.40
CA ILE F 95 21.71 -14.35 -11.90
C ILE F 95 22.06 -14.21 -13.39
N PHE F 96 23.30 -14.56 -13.72
CA PHE F 96 23.86 -14.29 -15.04
C PHE F 96 23.75 -15.51 -15.94
N GLY F 97 23.29 -16.60 -15.35
CA GLY F 97 22.94 -17.75 -16.14
C GLY F 97 23.89 -18.91 -16.20
N GLY F 98 23.73 -19.62 -17.31
CA GLY F 98 23.81 -21.05 -17.31
C GLY F 98 22.36 -21.39 -17.00
N ALA F 99 21.70 -22.12 -17.90
CA ALA F 99 20.31 -22.53 -17.73
C ALA F 99 20.06 -23.13 -16.36
N GLN F 100 20.94 -24.05 -15.96
CA GLN F 100 20.84 -24.72 -14.66
C GLN F 100 20.92 -23.73 -13.51
N ILE F 101 21.69 -22.65 -13.70
CA ILE F 101 21.80 -21.65 -12.65
C ILE F 101 20.48 -20.90 -12.49
N TYR F 102 19.86 -20.51 -13.61
CA TYR F 102 18.52 -19.94 -13.53
C TYR F 102 17.57 -20.88 -12.76
N ASP F 103 17.59 -22.18 -13.09
CA ASP F 103 16.69 -23.12 -12.42
C ASP F 103 16.92 -23.14 -10.91
N LEU F 104 18.18 -23.03 -10.49
CA LEU F 104 18.52 -23.00 -9.07
C LEU F 104 17.90 -21.84 -8.32
N PHE F 105 17.88 -20.67 -8.94
CA PHE F 105 17.45 -19.46 -8.25
C PHE F 105 16.00 -19.11 -8.52
N LEU F 106 15.39 -19.90 -9.39
CA LEU F 106 13.98 -19.74 -9.72
C LEU F 106 13.03 -19.57 -8.51
N PRO F 107 13.22 -20.37 -7.43
CA PRO F 107 12.26 -20.17 -6.33
C PRO F 107 12.44 -18.82 -5.62
N TYR F 108 13.47 -18.05 -5.99
CA TYR F 108 13.77 -16.83 -5.25
C TYR F 108 13.71 -15.59 -6.13
N VAL F 109 13.61 -15.76 -7.44
CA VAL F 109 13.73 -14.62 -8.34
C VAL F 109 12.63 -13.56 -8.10
N ASP F 110 13.02 -12.29 -8.13
CA ASP F 110 12.12 -11.18 -7.86
C ASP F 110 11.96 -10.28 -9.06
N LYS F 111 12.90 -10.37 -9.99
CA LYS F 111 12.96 -9.40 -11.08
C LYS F 111 13.61 -10.03 -12.31
N LEU F 112 13.07 -9.75 -13.48
CA LEU F 112 13.59 -10.34 -14.72
C LEU F 112 14.05 -9.22 -15.64
N TYR F 113 15.31 -9.26 -16.05
CA TYR F 113 15.83 -8.33 -17.04
C TYR F 113 16.10 -9.19 -18.25
N ILE F 114 15.17 -9.15 -19.18
CA ILE F 114 15.23 -10.04 -20.32
C ILE F 114 15.45 -9.24 -21.57
N THR F 115 16.53 -9.55 -22.29
CA THR F 115 16.70 -8.99 -23.63
C THR F 115 16.14 -9.99 -24.64
N LYS F 116 15.15 -9.55 -25.41
CA LYS F 116 14.52 -10.42 -26.41
C LYS F 116 15.01 -10.06 -27.81
N ILE F 117 15.64 -11.00 -28.49
CA ILE F 117 16.18 -10.74 -29.83
C ILE F 117 15.24 -11.33 -30.89
N HIS F 118 14.76 -10.46 -31.77
CA HIS F 118 13.78 -10.86 -32.80
C HIS F 118 14.43 -11.59 -33.97
N HIS F 119 15.06 -12.71 -33.65
CA HIS F 119 15.69 -13.57 -34.64
C HIS F 119 15.68 -15.00 -34.10
N ALA F 120 15.77 -15.97 -34.99
CA ALA F 120 15.92 -17.36 -34.56
C ALA F 120 17.31 -17.90 -34.95
N PHE F 121 18.12 -18.19 -33.93
CA PHE F 121 19.46 -18.74 -34.16
C PHE F 121 19.49 -20.24 -33.93
N GLU F 122 20.60 -20.86 -34.30
CA GLU F 122 20.91 -22.23 -33.90
C GLU F 122 21.44 -22.20 -32.48
N GLY F 123 20.80 -22.96 -31.59
CA GLY F 123 21.19 -22.96 -30.20
C GLY F 123 21.13 -24.33 -29.60
N ASP F 124 21.75 -24.50 -28.44
CA ASP F 124 21.77 -25.80 -27.77
C ASP F 124 21.45 -25.65 -26.28
N THR F 125 21.36 -24.40 -25.82
CA THR F 125 20.91 -24.15 -24.47
C THR F 125 19.90 -23.00 -24.43
N PHE F 126 18.99 -23.08 -23.47
CA PHE F 126 17.76 -22.31 -23.52
C PHE F 126 17.42 -21.68 -22.19
N PHE F 127 16.68 -20.58 -22.24
CA PHE F 127 16.16 -19.98 -21.03
C PHE F 127 14.89 -20.74 -20.70
N PRO F 128 14.86 -21.37 -19.51
CA PRO F 128 13.72 -22.21 -19.12
C PRO F 128 12.40 -21.44 -19.20
N GLU F 129 11.31 -22.14 -19.52
CA GLU F 129 10.01 -21.52 -19.63
C GLU F 129 9.56 -20.98 -18.27
N MET F 130 8.89 -19.83 -18.29
CA MET F 130 8.36 -19.23 -17.07
C MET F 130 6.94 -18.77 -17.29
N ASP F 131 6.09 -19.02 -16.30
CA ASP F 131 4.74 -18.51 -16.34
C ASP F 131 4.76 -17.01 -16.12
N MET F 132 4.56 -16.27 -17.21
CA MET F 132 4.66 -14.81 -17.17
C MET F 132 3.37 -14.14 -16.70
N THR F 133 2.34 -14.94 -16.42
CA THR F 133 1.11 -14.41 -15.83
C THR F 133 1.35 -13.94 -14.39
N ASN F 134 2.41 -14.45 -13.76
CA ASN F 134 2.81 -14.00 -12.43
C ASN F 134 3.71 -12.76 -12.47
N TRP F 135 4.08 -12.32 -13.67
CA TRP F 135 5.04 -11.23 -13.82
C TRP F 135 4.46 -9.97 -14.48
N LYS F 136 5.05 -8.81 -14.15
CA LYS F 136 4.54 -7.52 -14.64
C LYS F 136 5.65 -6.70 -15.25
N GLU F 137 5.50 -6.34 -16.52
CA GLU F 137 6.55 -5.56 -17.17
C GLU F 137 6.59 -4.16 -16.56
N VAL F 138 7.74 -3.77 -16.05
CA VAL F 138 7.84 -2.43 -15.49
C VAL F 138 8.64 -1.48 -16.42
N PHE F 139 9.27 -2.06 -17.45
CA PHE F 139 10.10 -1.28 -18.34
C PHE F 139 10.39 -2.01 -19.65
N VAL F 140 10.48 -1.22 -20.72
CA VAL F 140 10.82 -1.73 -22.04
C VAL F 140 11.58 -0.65 -22.81
N GLU F 141 12.49 -1.08 -23.68
CA GLU F 141 13.23 -0.17 -24.52
C GLU F 141 13.78 -0.93 -25.72
N LYS F 142 13.56 -0.39 -26.91
CA LYS F 142 14.09 -1.03 -28.11
C LYS F 142 15.62 -0.87 -28.15
N GLY F 143 16.31 -1.99 -28.33
CA GLY F 143 17.76 -1.99 -28.44
C GLY F 143 18.28 -1.22 -29.65
N LEU F 144 19.53 -0.75 -29.55
CA LEU F 144 20.18 -0.08 -30.66
C LEU F 144 20.55 -1.07 -31.76
N THR F 145 19.94 -0.88 -32.92
CA THR F 145 20.21 -1.71 -34.10
C THR F 145 20.96 -0.87 -35.14
N ASP F 146 22.14 -1.34 -35.55
CA ASP F 146 23.03 -0.61 -36.47
C ASP F 146 24.10 -1.58 -37.03
N GLU F 147 25.15 -1.04 -37.63
CA GLU F 147 26.17 -1.83 -38.34
C GLU F 147 26.84 -2.85 -37.43
N LYS F 148 27.04 -2.46 -36.18
CA LYS F 148 27.69 -3.34 -35.20
C LYS F 148 26.68 -4.18 -34.44
N ASN F 149 25.40 -3.83 -34.56
CA ASN F 149 24.34 -4.56 -33.87
C ASN F 149 23.22 -4.91 -34.84
N PRO F 150 23.45 -5.93 -35.68
CA PRO F 150 22.62 -6.18 -36.86
C PRO F 150 21.38 -7.02 -36.58
N TYR F 151 20.84 -6.93 -35.37
CA TYR F 151 19.56 -7.56 -35.10
C TYR F 151 18.63 -6.60 -34.43
N THR F 152 17.35 -6.88 -34.52
CA THR F 152 16.39 -6.11 -33.75
C THR F 152 16.17 -6.86 -32.42
N TYR F 153 16.17 -6.11 -31.33
CA TYR F 153 16.08 -6.70 -29.99
C TYR F 153 15.55 -5.66 -29.03
N TYR F 154 14.98 -6.10 -27.91
CA TYR F 154 14.37 -5.18 -26.96
C TYR F 154 14.75 -5.56 -25.54
N TYR F 155 14.99 -4.56 -24.70
CA TYR F 155 15.18 -4.81 -23.27
C TYR F 155 13.84 -4.80 -22.59
N HIS F 156 13.58 -5.83 -21.79
CA HIS F 156 12.37 -5.95 -20.98
C HIS F 156 12.72 -6.16 -19.50
N VAL F 157 12.00 -5.48 -18.62
CA VAL F 157 12.16 -5.67 -17.18
C VAL F 157 10.81 -5.99 -16.53
N TYR F 158 10.79 -7.04 -15.71
CA TYR F 158 9.54 -7.52 -15.11
C TYR F 158 9.69 -7.63 -13.59
N GLU F 159 8.64 -7.28 -12.86
CA GLU F 159 8.58 -7.58 -11.43
C GLU F 159 7.40 -8.49 -11.13
N LYS F 160 7.44 -9.16 -9.99
CA LYS F 160 6.36 -10.05 -9.61
C LYS F 160 5.07 -9.27 -9.53
N GLN F 161 4.04 -9.80 -10.16
CA GLN F 161 2.72 -9.21 -10.08
C GLN F 161 2.23 -9.38 -8.64
N GLN F 162 1.74 -8.32 -8.03
CA GLN F 162 1.24 -8.44 -6.66
C GLN F 162 -0.13 -9.08 -6.64
N LEU F 163 -0.42 -9.84 -5.59
CA LEU F 163 -1.70 -10.54 -5.51
C LEU F 163 -2.76 -9.67 -4.85
N VAL F 164 -3.90 -9.56 -5.52
CA VAL F 164 -5.06 -8.91 -4.94
C VAL F 164 -5.86 -9.99 -4.22
N PRO F 165 -6.09 -9.84 -2.89
CA PRO F 165 -6.80 -10.92 -2.19
C PRO F 165 -8.25 -11.06 -2.65
N ARG F 166 -8.76 -12.29 -2.57
CA ARG F 166 -10.19 -12.52 -2.75
C ARG F 166 -10.92 -12.11 -1.47
N MET G 1 6.92 -23.12 38.41
CA MET G 1 7.66 -22.25 37.49
C MET G 1 8.41 -23.11 36.49
N ILE G 2 8.16 -22.89 35.20
CA ILE G 2 8.88 -23.66 34.17
C ILE G 2 10.22 -23.01 33.82
N VAL G 3 11.29 -23.77 33.99
CA VAL G 3 12.61 -23.30 33.63
C VAL G 3 12.93 -23.82 32.23
N SER G 4 12.98 -22.91 31.26
CA SER G 4 13.18 -23.28 29.87
C SER G 4 14.51 -22.79 29.31
N PHE G 5 15.21 -23.68 28.61
CA PHE G 5 16.39 -23.27 27.86
C PHE G 5 15.91 -22.78 26.49
N MET G 6 16.38 -21.61 26.10
CA MET G 6 16.14 -21.11 24.74
C MET G 6 17.50 -21.06 24.04
N VAL G 7 17.70 -21.93 23.06
CA VAL G 7 19.00 -21.97 22.37
C VAL G 7 18.92 -22.18 20.85
N ALA G 8 19.78 -21.46 20.14
CA ALA G 8 20.07 -21.70 18.73
C ALA G 8 21.49 -22.26 18.60
N MET G 9 21.65 -23.41 17.96
CA MET G 9 22.98 -24.02 17.82
C MET G 9 23.18 -24.75 16.50
N ASP G 10 24.44 -24.99 16.15
CA ASP G 10 24.73 -25.69 14.89
C ASP G 10 24.93 -27.20 15.06
N GLU G 11 25.53 -27.84 14.06
CA GLU G 11 25.63 -29.30 14.02
C GLU G 11 26.56 -29.83 15.10
N ASN G 12 27.50 -29.00 15.51
CA ASN G 12 28.44 -29.35 16.57
C ASN G 12 28.20 -28.53 17.83
N ARG G 13 26.95 -28.10 18.00
CA ARG G 13 26.49 -27.39 19.22
C ARG G 13 27.11 -26.01 19.42
N VAL G 14 27.56 -25.39 18.33
CA VAL G 14 28.10 -24.03 18.44
C VAL G 14 26.97 -23.05 18.71
N ILE G 15 27.21 -22.14 19.66
CA ILE G 15 26.21 -21.12 20.00
C ILE G 15 26.78 -19.70 19.93
N GLY G 16 28.10 -19.59 19.76
CA GLY G 16 28.71 -18.30 19.55
C GLY G 16 30.11 -18.35 18.95
N LYS G 17 30.55 -17.20 18.44
CA LYS G 17 31.92 -17.01 17.99
C LYS G 17 32.27 -15.55 18.25
N ASP G 18 33.34 -15.30 19.02
CA ASP G 18 33.73 -13.94 19.40
C ASP G 18 32.57 -13.21 20.11
N ASN G 19 31.76 -13.98 20.84
CA ASN G 19 30.52 -13.47 21.46
C ASN G 19 29.53 -12.89 20.46
N ASN G 20 29.38 -13.54 19.31
CA ASN G 20 28.33 -13.21 18.36
C ASN G 20 27.75 -14.48 17.74
N LEU G 21 26.59 -14.38 17.11
CA LEU G 21 26.07 -15.49 16.32
C LEU G 21 26.82 -15.59 15.00
N PRO G 22 27.33 -16.78 14.68
CA PRO G 22 28.08 -16.99 13.43
C PRO G 22 27.14 -16.97 12.23
N TRP G 23 25.84 -17.05 12.48
CA TRP G 23 24.86 -16.98 11.40
C TRP G 23 24.02 -15.73 11.55
N ARG G 24 23.26 -15.42 10.50
CA ARG G 24 22.36 -14.28 10.54
C ARG G 24 21.03 -14.72 9.99
N LEU G 25 20.14 -15.05 10.91
CA LEU G 25 18.85 -15.62 10.60
C LEU G 25 17.79 -14.78 11.31
N PRO G 26 17.42 -13.63 10.73
CA PRO G 26 16.41 -12.78 11.37
C PRO G 26 15.12 -13.53 11.71
N SER G 27 14.75 -14.52 10.89
CA SER G 27 13.53 -15.26 11.13
C SER G 27 13.61 -16.06 12.43
N GLU G 28 14.79 -16.62 12.68
CA GLU G 28 15.04 -17.36 13.91
C GLU G 28 14.84 -16.46 15.12
N LEU G 29 15.38 -15.24 15.04
CA LEU G 29 15.23 -14.28 16.13
C LEU G 29 13.78 -13.81 16.30
N GLN G 30 13.02 -13.78 15.22
CA GLN G 30 11.58 -13.48 15.32
C GLN G 30 10.87 -14.62 16.08
N TYR G 31 11.34 -15.84 15.86
CA TYR G 31 10.81 -16.98 16.62
C TYR G 31 11.11 -16.79 18.11
N VAL G 32 12.31 -16.35 18.43
CA VAL G 32 12.67 -16.10 19.83
C VAL G 32 11.75 -15.06 20.48
N LYS G 33 11.50 -13.97 19.76
CA LYS G 33 10.69 -12.88 20.26
C LYS G 33 9.26 -13.33 20.57
N LYS G 34 8.62 -13.98 19.60
CA LYS G 34 7.27 -14.49 19.77
C LYS G 34 7.18 -15.49 20.93
N THR G 35 8.09 -16.45 20.93
CA THR G 35 8.06 -17.53 21.91
C THR G 35 8.25 -17.03 23.35
N THR G 36 9.14 -16.04 23.52
CA THR G 36 9.46 -15.55 24.86
C THR G 36 8.64 -14.34 25.30
N MET G 37 7.72 -13.88 24.45
CA MET G 37 6.92 -12.71 24.78
C MET G 37 6.24 -12.90 26.13
N GLY G 38 6.42 -11.91 27.01
CA GLY G 38 5.77 -11.91 28.31
C GLY G 38 6.47 -12.77 29.33
N HIS G 39 7.69 -13.21 29.02
CA HIS G 39 8.44 -14.07 29.93
C HIS G 39 9.87 -13.57 30.10
N PRO G 40 10.46 -13.82 31.29
CA PRO G 40 11.81 -13.31 31.53
C PRO G 40 12.84 -13.98 30.65
N LEU G 41 13.80 -13.18 30.17
CA LEU G 41 15.01 -13.71 29.55
C LEU G 41 16.11 -13.69 30.60
N ILE G 42 16.65 -14.86 30.89
CA ILE G 42 17.75 -14.95 31.83
C ILE G 42 19.02 -15.15 31.01
N MET G 43 20.00 -14.25 31.18
CA MET G 43 21.21 -14.35 30.39
C MET G 43 22.42 -13.79 31.11
N GLY G 44 23.61 -14.25 30.69
CA GLY G 44 24.84 -13.76 31.26
C GLY G 44 25.21 -12.39 30.72
N ARG G 45 26.02 -11.67 31.49
CA ARG G 45 26.55 -10.38 31.07
C ARG G 45 27.10 -10.39 29.63
N LYS G 46 28.11 -11.21 29.36
CA LYS G 46 28.71 -11.28 28.01
C LYS G 46 27.65 -11.51 26.94
N ASN G 47 26.65 -12.32 27.27
CA ASN G 47 25.56 -12.58 26.35
C ASN G 47 24.74 -11.32 26.11
N TYR G 48 24.43 -10.62 27.20
CA TYR G 48 23.67 -9.38 27.07
C TYR G 48 24.44 -8.28 26.33
N GLU G 49 25.76 -8.23 26.50
CA GLU G 49 26.54 -7.17 25.85
C GLU G 49 26.71 -7.44 24.34
N ALA G 50 26.63 -8.71 23.96
CA ALA G 50 26.63 -9.12 22.55
C ALA G 50 25.37 -8.60 21.88
N ILE G 51 24.25 -8.77 22.59
CA ILE G 51 22.96 -8.26 22.14
C ILE G 51 22.95 -6.73 22.14
N GLY G 52 23.60 -6.13 23.15
CA GLY G 52 23.86 -4.69 23.15
C GLY G 52 22.76 -3.79 23.69
N ARG G 53 21.58 -4.36 23.94
CA ARG G 53 20.45 -3.59 24.46
C ARG G 53 19.36 -4.49 25.04
N PRO G 54 18.56 -3.96 25.99
CA PRO G 54 17.46 -4.77 26.53
C PRO G 54 16.47 -5.15 25.44
N LEU G 55 15.79 -6.28 25.61
CA LEU G 55 14.75 -6.70 24.67
C LEU G 55 13.39 -6.37 25.29
N PRO G 56 12.67 -5.40 24.70
CA PRO G 56 11.45 -4.84 25.28
C PRO G 56 10.35 -5.89 25.37
N GLY G 57 9.34 -5.64 26.19
CA GLY G 57 8.25 -6.58 26.36
C GLY G 57 8.64 -7.81 27.18
N ARG G 58 9.86 -7.82 27.70
CA ARG G 58 10.36 -8.94 28.51
C ARG G 58 11.09 -8.41 29.73
N ARG G 59 11.03 -9.16 30.83
CA ARG G 59 11.99 -8.95 31.91
C ARG G 59 13.34 -9.46 31.43
N ASN G 60 14.30 -8.54 31.32
CA ASN G 60 15.67 -8.94 31.02
C ASN G 60 16.39 -9.06 32.36
N ILE G 61 16.88 -10.26 32.66
CA ILE G 61 17.63 -10.47 33.90
C ILE G 61 19.05 -10.90 33.57
N ILE G 62 20.01 -10.14 34.07
CA ILE G 62 21.40 -10.44 33.78
C ILE G 62 22.00 -11.15 34.98
N VAL G 63 22.72 -12.24 34.70
CA VAL G 63 23.34 -13.04 35.74
C VAL G 63 24.84 -12.78 35.76
N THR G 64 25.31 -12.23 36.85
CA THR G 64 26.74 -11.95 36.99
C THR G 64 27.17 -12.03 38.45
N ARG G 65 28.37 -12.57 38.67
CA ARG G 65 29.01 -12.64 39.98
C ARG G 65 29.20 -11.23 40.55
N ASN G 66 29.21 -10.24 39.65
CA ASN G 66 29.51 -8.86 40.01
C ASN G 66 28.37 -8.13 40.72
N GLU G 67 28.47 -8.00 42.05
CA GLU G 67 27.46 -7.28 42.84
C GLU G 67 27.34 -5.80 42.41
N GLY G 68 28.40 -5.27 41.82
CA GLY G 68 28.39 -3.90 41.33
C GLY G 68 27.80 -3.71 39.93
N TYR G 69 27.44 -4.80 39.26
CA TYR G 69 26.94 -4.68 37.89
C TYR G 69 25.49 -4.19 37.82
N HIS G 70 25.28 -3.07 37.11
CA HIS G 70 23.94 -2.53 36.87
C HIS G 70 23.80 -2.08 35.42
N VAL G 71 22.63 -2.30 34.83
CA VAL G 71 22.29 -1.65 33.55
C VAL G 71 20.84 -1.18 33.58
N GLU G 72 20.58 -0.04 32.93
CA GLU G 72 19.21 0.44 32.82
C GLU G 72 18.41 -0.54 31.97
N GLY G 73 17.13 -0.70 32.32
CA GLY G 73 16.28 -1.62 31.57
C GLY G 73 16.24 -3.04 32.11
N CYS G 74 17.34 -3.50 32.70
CA CYS G 74 17.39 -4.88 33.18
C CYS G 74 17.53 -4.98 34.69
N GLU G 75 17.15 -6.15 35.20
CA GLU G 75 17.43 -6.47 36.59
C GLU G 75 18.67 -7.36 36.58
N VAL G 76 19.36 -7.42 37.71
CA VAL G 76 20.60 -8.19 37.82
C VAL G 76 20.53 -9.21 38.97
N ALA G 77 20.89 -10.45 38.69
CA ALA G 77 20.96 -11.47 39.72
C ALA G 77 22.37 -12.04 39.79
N HIS G 78 22.76 -12.59 40.93
CA HIS G 78 24.16 -12.97 41.11
C HIS G 78 24.32 -14.44 41.41
N SER G 79 23.20 -15.14 41.43
CA SER G 79 23.19 -16.56 41.71
C SER G 79 21.93 -17.12 41.13
N VAL G 80 21.92 -18.43 40.97
CA VAL G 80 20.72 -19.14 40.55
C VAL G 80 19.58 -18.85 41.55
N GLU G 81 19.91 -18.89 42.83
CA GLU G 81 18.93 -18.59 43.87
C GLU G 81 18.26 -17.22 43.71
N GLU G 82 19.03 -16.19 43.36
CA GLU G 82 18.47 -14.85 43.17
C GLU G 82 17.55 -14.80 41.96
N VAL G 83 17.87 -15.59 40.94
CA VAL G 83 17.00 -15.67 39.76
C VAL G 83 15.66 -16.28 40.16
N PHE G 84 15.70 -17.36 40.96
CA PHE G 84 14.47 -18.02 41.39
C PHE G 84 13.65 -17.10 42.29
N GLU G 85 14.33 -16.30 43.12
CA GLU G 85 13.64 -15.29 43.93
C GLU G 85 12.97 -14.21 43.08
N LEU G 86 13.71 -13.64 42.14
CA LEU G 86 13.17 -12.63 41.22
C LEU G 86 11.99 -13.15 40.43
N CYS G 87 12.00 -14.44 40.12
CA CYS G 87 11.02 -15.04 39.23
C CYS G 87 10.03 -15.95 39.96
N LYS G 88 9.91 -15.73 41.26
CA LYS G 88 9.15 -16.65 42.12
C LYS G 88 7.69 -16.73 41.73
N ASN G 89 7.18 -15.69 41.08
CA ASN G 89 5.79 -15.68 40.64
C ASN G 89 5.63 -15.92 39.14
N GLU G 90 6.73 -16.21 38.47
CA GLU G 90 6.70 -16.37 37.01
C GLU G 90 6.16 -17.74 36.58
N GLU G 91 5.40 -17.75 35.50
CA GLU G 91 4.89 -18.99 34.93
C GLU G 91 6.00 -19.80 34.23
N GLU G 92 6.86 -19.10 33.51
CA GLU G 92 7.95 -19.74 32.76
C GLU G 92 9.05 -18.72 32.49
N ILE G 93 10.31 -19.18 32.57
CA ILE G 93 11.43 -18.29 32.33
C ILE G 93 12.32 -18.94 31.28
N PHE G 94 13.07 -18.12 30.57
CA PHE G 94 13.90 -18.63 29.48
C PHE G 94 15.36 -18.34 29.74
N ILE G 95 16.12 -19.41 29.90
CA ILE G 95 17.55 -19.26 30.08
C ILE G 95 18.08 -19.03 28.67
N PHE G 96 18.69 -17.86 28.48
CA PHE G 96 18.94 -17.33 27.15
C PHE G 96 20.40 -17.46 26.77
N GLY G 97 21.16 -18.06 27.68
CA GLY G 97 22.48 -18.48 27.30
C GLY G 97 23.63 -17.63 27.75
N GLY G 98 24.74 -17.99 27.12
CA GLY G 98 26.00 -18.05 27.77
C GLY G 98 26.05 -19.52 28.15
N ALA G 99 27.12 -20.19 27.74
CA ALA G 99 27.28 -21.61 27.98
C ALA G 99 27.29 -21.89 29.49
N GLN G 100 27.94 -21.00 30.23
CA GLN G 100 28.08 -21.14 31.66
C GLN G 100 26.73 -20.90 32.33
N ILE G 101 25.89 -20.07 31.71
CA ILE G 101 24.57 -19.82 32.28
C ILE G 101 23.66 -21.05 32.07
N TYR G 102 23.75 -21.71 30.91
CA TYR G 102 23.02 -22.98 30.76
C TYR G 102 23.47 -23.97 31.82
N ASP G 103 24.79 -24.03 32.07
CA ASP G 103 25.33 -24.98 33.05
C ASP G 103 24.75 -24.76 34.44
N LEU G 104 24.62 -23.50 34.85
CA LEU G 104 24.04 -23.16 36.16
C LEU G 104 22.60 -23.65 36.31
N PHE G 105 21.83 -23.59 35.23
CA PHE G 105 20.40 -23.88 35.34
C PHE G 105 20.01 -25.29 34.93
N LEU G 106 21.02 -26.06 34.54
CA LEU G 106 20.87 -27.46 34.18
C LEU G 106 20.19 -28.37 35.24
N PRO G 107 20.45 -28.11 36.54
CA PRO G 107 19.74 -29.01 37.48
C PRO G 107 18.26 -28.68 37.59
N TYR G 108 17.83 -27.58 36.99
CA TYR G 108 16.45 -27.14 37.16
C TYR G 108 15.62 -27.09 35.87
N VAL G 109 16.22 -27.46 34.74
CA VAL G 109 15.54 -27.25 33.45
C VAL G 109 14.40 -28.24 33.22
N ASP G 110 13.30 -27.69 32.69
CA ASP G 110 12.04 -28.41 32.53
C ASP G 110 11.62 -28.52 31.09
N LYS G 111 12.12 -27.60 30.27
CA LYS G 111 11.71 -27.53 28.88
C LYS G 111 12.89 -27.05 28.03
N LEU G 112 13.01 -27.63 26.85
CA LEU G 112 14.09 -27.28 25.94
C LEU G 112 13.54 -26.72 24.64
N TYR G 113 13.91 -25.48 24.32
CA TYR G 113 13.55 -24.90 23.04
C TYR G 113 14.83 -24.74 22.25
N ILE G 114 15.06 -25.69 21.34
CA ILE G 114 16.34 -25.81 20.67
C ILE G 114 16.18 -25.63 19.17
N THR G 115 16.83 -24.59 18.66
CA THR G 115 16.94 -24.42 17.21
C THR G 115 18.20 -25.11 16.70
N LYS G 116 18.01 -26.15 15.89
CA LYS G 116 19.14 -26.84 15.30
C LYS G 116 19.39 -26.33 13.86
N ILE G 117 20.55 -25.72 13.63
CA ILE G 117 20.95 -25.19 12.32
C ILE G 117 21.83 -26.23 11.59
N HIS G 118 21.44 -26.58 10.36
CA HIS G 118 22.10 -27.67 9.64
C HIS G 118 23.33 -27.20 8.86
N HIS G 119 24.34 -26.77 9.62
CA HIS G 119 25.60 -26.27 9.07
C HIS G 119 26.68 -26.35 10.16
N ALA G 120 27.94 -26.46 9.75
CA ALA G 120 29.04 -26.40 10.72
C ALA G 120 29.76 -25.05 10.59
N PHE G 121 29.63 -24.21 11.61
CA PHE G 121 30.28 -22.89 11.61
C PHE G 121 31.56 -22.93 12.39
N GLU G 122 32.31 -21.83 12.32
CA GLU G 122 33.45 -21.64 13.19
C GLU G 122 32.95 -21.10 14.52
N GLY G 123 33.20 -21.81 15.62
CA GLY G 123 32.71 -21.39 16.92
C GLY G 123 33.75 -21.51 18.03
N ASP G 124 33.52 -20.81 19.14
CA ASP G 124 34.42 -20.92 20.29
C ASP G 124 33.67 -21.25 21.57
N THR G 125 32.34 -21.16 21.51
CA THR G 125 31.50 -21.53 22.65
C THR G 125 30.34 -22.45 22.21
N PHE G 126 29.92 -23.34 23.11
CA PHE G 126 29.06 -24.47 22.78
C PHE G 126 27.92 -24.71 23.77
N PHE G 127 26.83 -25.26 23.26
CA PHE G 127 25.72 -25.68 24.12
C PHE G 127 26.15 -26.99 24.74
N PRO G 128 26.14 -27.05 26.09
CA PRO G 128 26.57 -28.23 26.86
C PRO G 128 25.79 -29.49 26.44
N GLU G 129 26.50 -30.63 26.42
CA GLU G 129 25.89 -31.91 26.08
C GLU G 129 24.71 -32.21 27.01
N MET G 130 23.73 -32.95 26.49
CA MET G 130 22.58 -33.35 27.28
C MET G 130 22.10 -34.72 26.81
N ASP G 131 21.85 -35.61 27.78
CA ASP G 131 21.30 -36.92 27.47
C ASP G 131 19.86 -36.73 27.03
N MET G 132 19.63 -36.81 25.71
CA MET G 132 18.31 -36.52 25.19
C MET G 132 17.31 -37.67 25.40
N THR G 133 17.77 -38.77 26.00
CA THR G 133 16.83 -39.86 26.31
C THR G 133 15.93 -39.49 27.50
N ASN G 134 16.29 -38.47 28.27
CA ASN G 134 15.43 -37.96 29.34
C ASN G 134 14.36 -36.98 28.83
N TRP G 135 14.37 -36.73 27.52
CA TRP G 135 13.55 -35.68 26.95
C TRP G 135 12.67 -36.21 25.80
N LYS G 136 11.52 -35.57 25.60
CA LYS G 136 10.59 -35.96 24.56
C LYS G 136 10.19 -34.77 23.74
N GLU G 137 10.31 -34.91 22.43
CA GLU G 137 9.98 -33.82 21.53
C GLU G 137 8.47 -33.62 21.49
N VAL G 138 8.00 -32.42 21.80
CA VAL G 138 6.55 -32.14 21.72
C VAL G 138 6.17 -31.26 20.52
N PHE G 139 7.17 -30.79 19.80
CA PHE G 139 6.90 -29.93 18.65
C PHE G 139 8.13 -29.79 17.82
N VAL G 140 7.93 -29.66 16.50
CA VAL G 140 9.03 -29.41 15.57
C VAL G 140 8.47 -28.57 14.43
N GLU G 141 9.30 -27.66 13.93
CA GLU G 141 8.94 -26.90 12.75
C GLU G 141 10.20 -26.51 11.99
N LYS G 142 10.18 -26.68 10.68
CA LYS G 142 11.32 -26.26 9.84
C LYS G 142 11.31 -24.74 9.77
N GLY G 143 12.46 -24.12 10.00
CA GLY G 143 12.53 -22.67 9.95
C GLY G 143 12.52 -22.14 8.52
N LEU G 144 12.24 -20.85 8.37
CA LEU G 144 12.21 -20.22 7.05
C LEU G 144 13.60 -20.08 6.45
N THR G 145 13.84 -20.80 5.36
CA THR G 145 15.10 -20.68 4.60
C THR G 145 14.86 -19.89 3.32
N ASP G 146 15.59 -18.78 3.16
CA ASP G 146 15.45 -17.92 2.01
C ASP G 146 16.66 -17.01 1.87
N GLU G 147 16.52 -15.92 1.11
CA GLU G 147 17.61 -14.98 0.85
C GLU G 147 18.22 -14.38 2.12
N LYS G 148 17.37 -13.98 3.07
CA LYS G 148 17.83 -13.35 4.31
C LYS G 148 18.15 -14.35 5.42
N ASN G 149 17.68 -15.59 5.26
CA ASN G 149 17.98 -16.65 6.22
C ASN G 149 18.54 -17.81 5.43
N PRO G 150 19.85 -17.77 5.13
CA PRO G 150 20.37 -18.67 4.09
C PRO G 150 20.35 -20.13 4.52
N TYR G 151 20.63 -20.39 5.79
CA TYR G 151 20.79 -21.78 6.22
C TYR G 151 19.49 -22.51 6.47
N THR G 152 19.61 -23.83 6.56
CA THR G 152 18.50 -24.70 6.86
C THR G 152 18.57 -24.97 8.37
N TYR G 153 17.47 -24.72 9.08
CA TYR G 153 17.42 -24.89 10.53
C TYR G 153 16.00 -25.32 10.91
N TYR G 154 15.87 -25.91 12.09
CA TYR G 154 14.60 -26.43 12.57
C TYR G 154 14.37 -26.07 14.03
N TYR G 155 13.14 -25.69 14.37
CA TYR G 155 12.73 -25.47 15.76
C TYR G 155 12.27 -26.77 16.38
N HIS G 156 12.79 -27.04 17.58
CA HIS G 156 12.45 -28.23 18.34
C HIS G 156 12.06 -27.80 19.75
N VAL G 157 11.02 -28.43 20.30
CA VAL G 157 10.67 -28.19 21.70
C VAL G 157 10.57 -29.54 22.40
N TYR G 158 11.28 -29.66 23.52
CA TYR G 158 11.33 -30.92 24.27
C TYR G 158 10.80 -30.71 25.71
N GLU G 159 10.10 -31.71 26.24
CA GLU G 159 9.70 -31.74 27.66
C GLU G 159 10.28 -33.00 28.27
N LYS G 160 10.21 -33.14 29.59
CA LYS G 160 10.78 -34.30 30.23
C LYS G 160 9.99 -35.52 29.80
N GLN G 161 10.70 -36.62 29.55
CA GLN G 161 10.03 -37.88 29.25
C GLN G 161 9.33 -38.32 30.53
N GLN G 162 8.07 -38.71 30.44
CA GLN G 162 7.37 -39.23 31.61
C GLN G 162 7.71 -40.71 31.73
N LEU G 163 8.12 -41.13 32.93
CA LEU G 163 8.47 -42.53 33.11
C LEU G 163 7.25 -43.35 33.55
N VAL G 164 7.17 -44.56 33.03
CA VAL G 164 6.15 -45.52 33.42
C VAL G 164 6.78 -46.40 34.50
N PRO G 165 6.08 -46.57 35.64
CA PRO G 165 6.65 -47.34 36.76
C PRO G 165 6.78 -48.81 36.42
N ARG G 166 7.75 -49.49 37.03
CA ARG G 166 7.94 -50.93 36.82
C ARG G 166 6.83 -51.76 37.47
N MET H 1 7.44 17.25 -45.99
CA MET H 1 6.98 17.26 -44.62
C MET H 1 6.70 15.84 -44.14
N ILE H 2 6.99 15.59 -42.87
CA ILE H 2 6.53 14.37 -42.25
C ILE H 2 5.09 14.59 -41.81
N VAL H 3 4.17 13.82 -42.36
CA VAL H 3 2.80 13.86 -41.88
C VAL H 3 2.63 12.80 -40.79
N SER H 4 2.47 13.25 -39.55
CA SER H 4 2.39 12.33 -38.41
C SER H 4 1.00 12.26 -37.78
N PHE H 5 0.57 11.06 -37.38
CA PHE H 5 -0.62 10.91 -36.58
C PHE H 5 -0.22 10.91 -35.12
N MET H 6 -0.98 11.62 -34.30
CA MET H 6 -0.80 11.57 -32.85
C MET H 6 -2.08 11.01 -32.28
N VAL H 7 -1.99 9.86 -31.61
CA VAL H 7 -3.19 9.19 -31.12
C VAL H 7 -3.00 8.43 -29.79
N ALA H 8 -4.01 8.51 -28.94
CA ALA H 8 -4.09 7.66 -27.75
C ALA H 8 -5.35 6.79 -27.90
N MET H 9 -5.17 5.47 -27.87
CA MET H 9 -6.32 4.58 -28.02
C MET H 9 -6.20 3.39 -27.09
N ASP H 10 -7.33 2.73 -26.84
CA ASP H 10 -7.34 1.58 -25.95
C ASP H 10 -7.18 0.28 -26.74
N GLU H 11 -7.43 -0.86 -26.09
CA GLU H 11 -7.15 -2.17 -26.69
C GLU H 11 -8.01 -2.44 -27.90
N ASN H 12 -9.14 -1.74 -27.99
CA ASN H 12 -10.04 -1.90 -29.12
C ASN H 12 -10.10 -0.60 -29.94
N ARG H 13 -9.01 0.17 -29.88
CA ARG H 13 -8.80 1.36 -30.70
C ARG H 13 -9.79 2.49 -30.40
N VAL H 14 -10.41 2.43 -29.23
CA VAL H 14 -11.23 3.54 -28.75
C VAL H 14 -10.40 4.82 -28.58
N ILE H 15 -10.91 5.93 -29.11
CA ILE H 15 -10.23 7.22 -28.96
C ILE H 15 -11.13 8.27 -28.34
N GLY H 16 -12.39 7.89 -28.09
CA GLY H 16 -13.31 8.79 -27.43
C GLY H 16 -14.62 8.17 -27.02
N LYS H 17 -15.30 8.84 -26.09
CA LYS H 17 -16.66 8.54 -25.71
C LYS H 17 -17.30 9.88 -25.32
N ASP H 18 -18.45 10.19 -25.93
CA ASP H 18 -19.19 11.42 -25.63
C ASP H 18 -18.29 12.67 -25.66
N ASN H 19 -17.56 12.84 -26.76
CA ASN H 19 -16.68 14.00 -26.95
C ASN H 19 -15.67 14.19 -25.81
N ASN H 20 -15.16 13.08 -25.29
CA ASN H 20 -14.14 13.15 -24.25
C ASN H 20 -13.32 11.88 -24.24
N LEU H 21 -12.28 11.86 -23.42
CA LEU H 21 -11.47 10.65 -23.21
C LEU H 21 -12.01 9.86 -22.01
N PRO H 22 -12.20 8.55 -22.18
CA PRO H 22 -12.73 7.66 -21.13
C PRO H 22 -11.70 7.44 -20.04
N TRP H 23 -10.48 7.85 -20.34
CA TRP H 23 -9.39 7.80 -19.38
C TRP H 23 -8.89 9.20 -19.13
N ARG H 24 -8.22 9.39 -18.00
CA ARG H 24 -7.66 10.67 -17.65
C ARG H 24 -6.23 10.40 -17.19
N LEU H 25 -5.30 10.68 -18.08
CA LEU H 25 -3.91 10.34 -17.86
C LEU H 25 -3.09 11.56 -18.15
N PRO H 26 -2.99 12.48 -17.17
CA PRO H 26 -2.27 13.76 -17.36
C PRO H 26 -0.87 13.55 -17.95
N SER H 27 -0.17 12.51 -17.49
CA SER H 27 1.16 12.22 -18.00
C SER H 27 1.18 11.94 -19.52
N GLU H 28 0.17 11.23 -20.01
CA GLU H 28 0.07 10.97 -21.44
C GLU H 28 -0.01 12.29 -22.19
N LEU H 29 -0.80 13.23 -21.66
CA LEU H 29 -0.96 14.52 -22.31
C LEU H 29 0.31 15.37 -22.27
N GLN H 30 1.11 15.22 -21.20
CA GLN H 30 2.40 15.88 -21.15
C GLN H 30 3.31 15.36 -22.27
N TYR H 31 3.12 14.10 -22.66
CA TYR H 31 3.89 13.52 -23.75
C TYR H 31 3.47 14.19 -25.05
N VAL H 32 2.16 14.30 -25.27
CA VAL H 32 1.65 15.02 -26.42
C VAL H 32 2.21 16.46 -26.49
N LYS H 33 2.25 17.13 -25.35
CA LYS H 33 2.77 18.49 -25.32
C LYS H 33 4.25 18.54 -25.71
N LYS H 34 5.03 17.65 -25.12
CA LYS H 34 6.46 17.59 -25.39
C LYS H 34 6.71 17.22 -26.84
N THR H 35 6.03 16.19 -27.32
CA THR H 35 6.21 15.70 -28.69
C THR H 35 5.77 16.69 -29.78
N THR H 36 4.65 17.39 -29.56
CA THR H 36 4.09 18.28 -30.58
C THR H 36 4.68 19.69 -30.55
N MET H 37 5.54 19.96 -29.57
CA MET H 37 6.03 21.31 -29.33
C MET H 37 6.71 21.92 -30.56
N GLY H 38 6.23 23.09 -30.97
CA GLY H 38 6.81 23.78 -32.11
C GLY H 38 6.40 23.20 -33.45
N HIS H 39 5.48 22.23 -33.43
CA HIS H 39 4.95 21.64 -34.65
C HIS H 39 3.45 21.89 -34.71
N PRO H 40 2.91 21.99 -35.93
CA PRO H 40 1.47 22.26 -36.03
C PRO H 40 0.59 21.08 -35.61
N LEU H 41 -0.49 21.39 -34.90
CA LEU H 41 -1.48 20.39 -34.51
C LEU H 41 -2.70 20.57 -35.41
N ILE H 42 -3.00 19.54 -36.20
CA ILE H 42 -4.16 19.60 -37.08
C ILE H 42 -5.28 18.75 -36.48
N MET H 43 -6.47 19.34 -36.34
CA MET H 43 -7.57 18.61 -35.74
C MET H 43 -8.91 19.12 -36.29
N GLY H 44 -9.88 18.23 -36.33
CA GLY H 44 -11.23 18.63 -36.69
C GLY H 44 -11.82 19.49 -35.59
N ARG H 45 -12.76 20.35 -35.99
CA ARG H 45 -13.44 21.28 -35.08
C ARG H 45 -14.06 20.56 -33.89
N LYS H 46 -14.76 19.45 -34.17
CA LYS H 46 -15.40 18.66 -33.12
C LYS H 46 -14.38 18.26 -32.06
N ASN H 47 -13.25 17.74 -32.53
CA ASN H 47 -12.17 17.32 -31.65
C ASN H 47 -11.60 18.52 -30.88
N TYR H 48 -11.45 19.66 -31.56
CA TYR H 48 -10.95 20.86 -30.90
C TYR H 48 -11.89 21.36 -29.80
N GLU H 49 -13.20 21.23 -30.03
CA GLU H 49 -14.17 21.70 -29.04
C GLU H 49 -14.29 20.75 -27.86
N ALA H 50 -13.99 19.47 -28.10
CA ALA H 50 -13.95 18.48 -27.02
C ALA H 50 -12.82 18.86 -26.08
N ILE H 51 -11.69 19.21 -26.67
CA ILE H 51 -10.47 19.57 -25.94
C ILE H 51 -10.62 20.75 -24.97
N GLY H 52 -11.25 21.83 -25.44
CA GLY H 52 -11.41 23.00 -24.59
C GLY H 52 -10.83 24.26 -25.21
N ARG H 53 -9.61 24.63 -24.83
CA ARG H 53 -8.97 25.81 -25.39
C ARG H 53 -7.79 25.44 -26.28
N PRO H 54 -7.49 26.29 -27.27
CA PRO H 54 -6.34 26.04 -28.15
C PRO H 54 -5.08 25.80 -27.33
N LEU H 55 -4.27 24.84 -27.76
CA LEU H 55 -3.09 24.42 -27.03
C LEU H 55 -1.86 25.25 -27.44
N PRO H 56 -1.35 26.07 -26.51
CA PRO H 56 -0.36 27.14 -26.76
C PRO H 56 1.01 26.60 -27.16
N GLY H 57 1.77 27.39 -27.92
CA GLY H 57 3.08 26.99 -28.36
C GLY H 57 2.98 26.04 -29.54
N ARG H 58 1.80 26.01 -30.14
CA ARG H 58 1.56 25.19 -31.32
C ARG H 58 0.83 25.97 -32.37
N ARG H 59 1.24 25.76 -33.61
CA ARG H 59 0.48 26.19 -34.75
C ARG H 59 -0.77 25.31 -34.77
N ASN H 60 -1.82 25.79 -34.10
CA ASN H 60 -3.07 25.06 -34.06
C ASN H 60 -3.79 25.24 -35.39
N ILE H 61 -4.12 24.15 -36.06
CA ILE H 61 -4.87 24.26 -37.31
C ILE H 61 -6.14 23.41 -37.24
N ILE H 62 -7.28 24.06 -37.41
CA ILE H 62 -8.56 23.36 -37.29
C ILE H 62 -9.14 23.08 -38.67
N VAL H 63 -9.64 21.85 -38.86
CA VAL H 63 -10.20 21.46 -40.14
C VAL H 63 -11.72 21.34 -40.09
N THR H 64 -12.38 22.20 -40.86
CA THR H 64 -13.84 22.25 -40.90
C THR H 64 -14.31 22.77 -42.25
N ARG H 65 -15.54 22.42 -42.62
CA ARG H 65 -16.16 22.90 -43.85
C ARG H 65 -16.45 24.41 -43.80
N ASN H 66 -16.74 24.90 -42.60
CA ASN H 66 -17.10 26.30 -42.37
C ASN H 66 -16.05 27.29 -42.85
N GLU H 67 -16.37 27.97 -43.95
CA GLU H 67 -15.43 28.88 -44.60
C GLU H 67 -15.30 30.21 -43.87
N GLY H 68 -15.88 30.27 -42.67
CA GLY H 68 -15.75 31.43 -41.81
C GLY H 68 -15.70 31.04 -40.36
N TYR H 69 -14.94 29.99 -40.05
CA TYR H 69 -14.68 29.63 -38.66
C TYR H 69 -13.46 30.43 -38.19
N HIS H 70 -13.43 30.75 -36.91
CA HIS H 70 -12.29 31.47 -36.37
C HIS H 70 -12.08 31.17 -34.89
N VAL H 71 -10.83 30.96 -34.52
CA VAL H 71 -10.42 31.01 -33.12
C VAL H 71 -9.15 31.85 -33.01
N GLU H 72 -8.99 32.49 -31.86
CA GLU H 72 -7.75 33.17 -31.54
C GLU H 72 -6.64 32.14 -31.44
N GLY H 73 -5.41 32.54 -31.77
CA GLY H 73 -4.26 31.64 -31.76
C GLY H 73 -4.41 30.40 -32.63
N CYS H 74 -5.29 30.50 -33.62
CA CYS H 74 -5.61 29.35 -34.47
C CYS H 74 -5.77 29.70 -35.95
N GLU H 75 -5.34 28.79 -36.81
CA GLU H 75 -5.63 28.91 -38.25
C GLU H 75 -6.67 27.85 -38.62
N VAL H 76 -7.45 28.14 -39.65
CA VAL H 76 -8.47 27.21 -40.11
C VAL H 76 -8.25 26.80 -41.56
N ALA H 77 -8.35 25.50 -41.83
CA ALA H 77 -8.38 25.00 -43.20
C ALA H 77 -9.69 24.26 -43.45
N HIS H 78 -10.00 24.06 -44.72
CA HIS H 78 -11.31 23.52 -45.10
C HIS H 78 -11.15 22.30 -45.98
N SER H 79 -9.91 21.82 -46.08
CA SER H 79 -9.60 20.70 -46.97
C SER H 79 -8.17 20.24 -46.73
N VAL H 80 -7.85 19.03 -47.18
CA VAL H 80 -6.49 18.53 -47.01
C VAL H 80 -5.47 19.40 -47.76
N GLU H 81 -5.82 19.83 -48.96
CA GLU H 81 -4.89 20.58 -49.78
C GLU H 81 -4.52 21.90 -49.12
N GLU H 82 -5.51 22.58 -48.54
CA GLU H 82 -5.26 23.83 -47.84
C GLU H 82 -4.28 23.63 -46.68
N VAL H 83 -4.46 22.54 -45.94
CA VAL H 83 -3.54 22.21 -44.86
C VAL H 83 -2.12 22.05 -45.40
N PHE H 84 -2.01 21.38 -46.55
CA PHE H 84 -0.69 21.09 -47.12
C PHE H 84 -0.04 22.38 -47.60
N GLU H 85 -0.85 23.28 -48.13
CA GLU H 85 -0.38 24.59 -48.57
C GLU H 85 0.13 25.40 -47.37
N LEU H 86 -0.63 25.40 -46.28
CA LEU H 86 -0.25 26.15 -45.07
C LEU H 86 1.02 25.60 -44.46
N CYS H 87 1.16 24.28 -44.49
CA CYS H 87 2.32 23.64 -43.91
C CYS H 87 3.37 23.27 -44.95
N LYS H 88 3.41 24.01 -46.06
CA LYS H 88 4.28 23.77 -47.21
C LYS H 88 5.70 23.37 -46.81
N ASN H 89 6.41 24.26 -46.14
CA ASN H 89 7.70 23.92 -45.56
C ASN H 89 7.59 23.81 -44.05
N GLU H 90 6.98 22.73 -43.61
CA GLU H 90 7.05 22.34 -42.22
C GLU H 90 7.81 21.05 -42.24
N GLU H 91 8.64 20.80 -41.24
CA GLU H 91 9.39 19.55 -41.22
C GLU H 91 8.47 18.41 -40.82
N GLU H 92 7.50 18.71 -39.95
CA GLU H 92 6.57 17.71 -39.44
C GLU H 92 5.28 18.34 -38.90
N ILE H 93 4.15 17.72 -39.25
CA ILE H 93 2.83 18.12 -38.73
C ILE H 93 2.17 16.91 -38.05
N PHE H 94 1.28 17.19 -37.11
CA PHE H 94 0.63 16.15 -36.30
C PHE H 94 -0.86 16.19 -36.51
N ILE H 95 -1.41 15.11 -37.03
CA ILE H 95 -2.84 14.99 -37.21
C ILE H 95 -3.34 14.51 -35.85
N PHE H 96 -4.15 15.35 -35.20
CA PHE H 96 -4.47 15.16 -33.78
C PHE H 96 -5.81 14.48 -33.59
N GLY H 97 -6.47 14.20 -34.69
CA GLY H 97 -7.62 13.36 -34.63
C GLY H 97 -8.98 13.96 -34.80
N GLY H 98 -9.92 13.15 -34.33
CA GLY H 98 -11.18 13.00 -34.97
C GLY H 98 -10.93 11.83 -35.89
N ALA H 99 -11.68 10.76 -35.70
CA ALA H 99 -11.68 9.60 -36.60
C ALA H 99 -11.58 10.04 -38.04
N GLN H 100 -12.48 10.95 -38.43
CA GLN H 100 -12.60 11.37 -39.83
C GLN H 100 -11.38 12.13 -40.35
N ILE H 101 -10.73 12.87 -39.46
CA ILE H 101 -9.57 13.68 -39.81
C ILE H 101 -8.39 12.75 -40.11
N TYR H 102 -8.31 11.66 -39.35
CA TYR H 102 -7.29 10.66 -39.59
C TYR H 102 -7.53 10.05 -40.97
N ASP H 103 -8.79 9.77 -41.29
CA ASP H 103 -9.11 9.16 -42.59
C ASP H 103 -8.67 10.08 -43.72
N LEU H 104 -8.87 11.38 -43.52
CA LEU H 104 -8.49 12.37 -44.54
C LEU H 104 -7.00 12.38 -44.82
N PHE H 105 -6.18 12.17 -43.80
CA PHE H 105 -4.74 12.27 -43.94
C PHE H 105 -4.04 10.92 -44.14
N LEU H 106 -4.84 9.86 -44.10
CA LEU H 106 -4.37 8.49 -44.31
C LEU H 106 -3.51 8.26 -45.58
N PRO H 107 -3.91 8.83 -46.74
CA PRO H 107 -3.03 8.57 -47.90
C PRO H 107 -1.64 9.23 -47.78
N TYR H 108 -1.47 10.11 -46.80
CA TYR H 108 -0.25 10.89 -46.73
C TYR H 108 0.58 10.60 -45.48
N VAL H 109 0.05 9.78 -44.58
CA VAL H 109 0.71 9.62 -43.29
C VAL H 109 2.09 8.99 -43.43
N ASP H 110 3.07 9.60 -42.77
CA ASP H 110 4.45 9.11 -42.79
C ASP H 110 4.92 8.57 -41.44
N LYS H 111 4.27 8.98 -40.35
CA LYS H 111 4.71 8.56 -39.01
C LYS H 111 3.51 8.38 -38.10
N LEU H 112 3.57 7.38 -37.22
CA LEU H 112 2.51 7.17 -36.25
C LEU H 112 3.06 7.32 -34.84
N TYR H 113 2.46 8.22 -34.08
CA TYR H 113 2.72 8.30 -32.65
C TYR H 113 1.49 7.77 -31.93
N ILE H 114 1.54 6.49 -31.58
CA ILE H 114 0.36 5.84 -31.03
C ILE H 114 0.58 5.49 -29.56
N THR H 115 -0.25 6.06 -28.68
CA THR H 115 -0.26 5.56 -27.30
C THR H 115 -1.29 4.42 -27.19
N LYS H 116 -0.82 3.24 -26.77
CA LYS H 116 -1.68 2.08 -26.56
C LYS H 116 -1.99 1.89 -25.06
N ILE H 117 -3.26 2.00 -24.70
CA ILE H 117 -3.67 1.91 -23.30
C ILE H 117 -4.20 0.50 -23.05
N HIS H 118 -3.60 -0.19 -22.07
CA HIS H 118 -3.93 -1.59 -21.83
C HIS H 118 -5.20 -1.76 -20.99
N HIS H 119 -6.33 -1.45 -21.62
CA HIS H 119 -7.64 -1.52 -20.97
C HIS H 119 -8.69 -1.45 -22.07
N ALA H 120 -9.85 -2.06 -21.83
CA ALA H 120 -10.98 -1.91 -22.73
C ALA H 120 -12.04 -0.98 -22.11
N PHE H 121 -12.22 0.20 -22.70
CA PHE H 121 -13.25 1.14 -22.22
C PHE H 121 -14.51 1.07 -23.08
N GLU H 122 -15.53 1.82 -22.67
CA GLU H 122 -16.67 2.10 -23.54
C GLU H 122 -16.41 3.33 -24.42
N GLY H 123 -16.50 3.16 -25.74
CA GLY H 123 -16.20 4.23 -26.66
C GLY H 123 -17.20 4.31 -27.81
N ASP H 124 -17.31 5.49 -28.41
CA ASP H 124 -18.22 5.66 -29.54
C ASP H 124 -17.46 6.04 -30.82
N THR H 125 -16.20 6.39 -30.66
CA THR H 125 -15.36 6.74 -31.81
C THR H 125 -14.03 6.00 -31.75
N PHE H 126 -13.48 5.66 -32.91
CA PHE H 126 -12.39 4.68 -33.00
C PHE H 126 -11.27 5.07 -33.94
N PHE H 127 -10.06 4.63 -33.62
CA PHE H 127 -8.94 4.82 -34.53
C PHE H 127 -9.04 3.80 -35.67
N PRO H 128 -9.23 4.31 -36.90
CA PRO H 128 -9.47 3.47 -38.09
C PRO H 128 -8.40 2.38 -38.18
N GLU H 129 -8.76 1.23 -38.73
CA GLU H 129 -7.81 0.13 -38.82
C GLU H 129 -6.67 0.49 -39.76
N MET H 130 -5.49 -0.05 -39.48
CA MET H 130 -4.34 0.20 -40.34
C MET H 130 -3.53 -1.08 -40.53
N ASP H 131 -3.14 -1.34 -41.76
CA ASP H 131 -2.23 -2.44 -42.06
C ASP H 131 -0.84 -2.02 -41.57
N MET H 132 -0.39 -2.63 -40.48
CA MET H 132 0.89 -2.25 -39.88
C MET H 132 2.06 -3.06 -40.48
N THR H 133 1.79 -3.82 -41.53
CA THR H 133 2.83 -4.63 -42.18
C THR H 133 3.96 -3.80 -42.78
N ASN H 134 3.65 -2.58 -43.23
CA ASN H 134 4.70 -1.73 -43.79
C ASN H 134 5.14 -0.63 -42.83
N TRP H 135 4.76 -0.80 -41.56
CA TRP H 135 5.18 0.13 -40.51
C TRP H 135 6.23 -0.51 -39.60
N LYS H 136 7.23 0.28 -39.23
CA LYS H 136 8.33 -0.22 -38.42
C LYS H 136 8.36 0.55 -37.12
N GLU H 137 8.13 -0.14 -36.01
CA GLU H 137 8.30 0.48 -34.71
C GLU H 137 9.74 0.91 -34.52
N VAL H 138 9.95 2.20 -34.25
CA VAL H 138 11.31 2.73 -34.07
C VAL H 138 11.54 3.19 -32.63
N PHE H 139 10.46 3.30 -31.87
CA PHE H 139 10.58 3.67 -30.46
C PHE H 139 9.40 3.14 -29.67
N VAL H 140 9.66 2.68 -28.45
CA VAL H 140 8.60 2.30 -27.51
C VAL H 140 9.00 2.70 -26.09
N GLU H 141 8.02 3.15 -25.30
CA GLU H 141 8.27 3.48 -23.91
C GLU H 141 7.01 3.28 -23.08
N LYS H 142 7.16 2.62 -21.94
CA LYS H 142 6.01 2.44 -21.04
C LYS H 142 5.67 3.77 -20.39
N GLY H 143 4.40 4.17 -20.49
CA GLY H 143 3.95 5.40 -19.88
C GLY H 143 3.96 5.33 -18.37
N LEU H 144 3.95 6.49 -17.72
CA LEU H 144 3.91 6.56 -16.26
C LEU H 144 2.55 6.13 -15.69
N THR H 145 2.55 5.04 -14.93
CA THR H 145 1.36 4.57 -14.22
C THR H 145 1.51 4.82 -12.71
N ASP H 146 0.56 5.55 -12.13
CA ASP H 146 0.58 5.91 -10.71
C ASP H 146 -0.81 6.35 -10.31
N GLU H 147 -0.91 7.12 -9.23
CA GLU H 147 -2.21 7.48 -8.64
C GLU H 147 -3.05 8.36 -9.58
N LYS H 148 -2.39 9.28 -10.28
CA LYS H 148 -3.08 10.22 -11.14
C LYS H 148 -3.20 9.68 -12.58
N ASN H 149 -2.41 8.64 -12.90
CA ASN H 149 -2.49 7.95 -14.19
C ASN H 149 -2.71 6.46 -13.95
N PRO H 150 -3.97 6.06 -13.75
CA PRO H 150 -4.22 4.71 -13.22
C PRO H 150 -3.86 3.57 -14.17
N TYR H 151 -4.19 3.75 -15.44
CA TYR H 151 -4.02 2.66 -16.39
C TYR H 151 -2.55 2.44 -16.81
N THR H 152 -2.32 1.24 -17.34
CA THR H 152 -1.04 0.90 -17.95
C THR H 152 -1.10 1.28 -19.44
N TYR H 153 -0.08 1.98 -19.93
CA TYR H 153 -0.07 2.41 -21.33
C TYR H 153 1.35 2.58 -21.87
N TYR H 154 1.49 2.54 -23.20
CA TYR H 154 2.79 2.57 -23.84
C TYR H 154 2.81 3.55 -25.01
N TYR H 155 3.86 4.35 -25.10
CA TYR H 155 4.10 5.17 -26.27
C TYR H 155 4.79 4.33 -27.32
N HIS H 156 4.24 4.33 -28.53
CA HIS H 156 4.87 3.65 -29.68
C HIS H 156 5.08 4.65 -30.83
N VAL H 157 6.23 4.57 -31.49
CA VAL H 157 6.44 5.40 -32.67
C VAL H 157 6.73 4.50 -33.88
N TYR H 158 6.00 4.71 -34.97
CA TYR H 158 6.22 3.89 -36.16
C TYR H 158 6.55 4.73 -37.39
N GLU H 159 7.52 4.28 -38.20
CA GLU H 159 7.82 4.89 -39.51
C GLU H 159 7.61 3.88 -40.64
N LYS H 160 7.48 4.38 -41.87
CA LYS H 160 7.37 3.49 -43.01
C LYS H 160 8.56 2.53 -43.07
N GLN H 161 8.26 1.26 -43.33
CA GLN H 161 9.30 0.32 -43.75
C GLN H 161 9.74 0.78 -45.12
N GLN H 162 11.04 0.78 -45.37
CA GLN H 162 11.46 0.92 -46.76
C GLN H 162 11.41 -0.51 -47.31
N LEU H 163 10.82 -0.68 -48.49
CA LEU H 163 10.80 -2.00 -49.08
C LEU H 163 12.19 -2.31 -49.61
N VAL H 164 12.57 -3.58 -49.51
CA VAL H 164 13.75 -4.06 -50.18
C VAL H 164 13.29 -4.43 -51.58
N PRO H 165 14.01 -3.99 -52.62
CA PRO H 165 13.61 -4.36 -53.98
C PRO H 165 13.76 -5.86 -54.17
N ARG H 166 12.85 -6.49 -54.90
CA ARG H 166 13.07 -7.90 -55.24
C ARG H 166 13.98 -8.03 -56.47
N01 52J I . -28.82 -21.63 13.12
C02 52J I . -29.13 -21.47 11.66
C03 52J I . -28.61 -20.38 10.96
C04 52J I . -27.76 -19.38 11.68
C05 52J I . -27.56 -18.08 10.83
C06 52J I . -26.25 -17.53 10.66
C07 52J I . -26.05 -16.37 9.92
O08 52J I . -24.79 -15.86 9.76
C09 52J I . -23.66 -16.71 10.01
C10 52J I . -27.15 -15.72 9.32
O11 52J I . -26.95 -14.57 8.57
C12 52J I . -27.06 -14.62 7.15
C13 52J I . -28.44 -16.25 9.47
O30 52J I . -31.63 -13.48 8.37
C31 52J I . -28.64 -17.46 10.25
C32 52J I . -28.91 -20.24 9.56
N33 52J I . -29.70 -21.18 8.97
C34 52J I . -30.18 -22.22 9.67
N35 52J I . -31.00 -23.20 9.02
N36 52J I . -29.90 -22.37 11.02
C14 52J I . -29.66 -15.54 8.81
C15 52J I . -30.86 -15.35 9.53
C16 52J I . -31.93 -14.47 8.98
N17 52J I . -33.30 -14.80 9.16
N18 52J I . -33.66 -15.91 9.83
C19 52J I . -34.52 -15.65 10.95
C20 52J I . -34.32 -13.95 8.63
C21 52J I . -34.89 -14.58 7.35
C22 52J I . -35.84 -13.70 6.47
C23 52J I . -35.12 -12.66 5.65
C24 52J I . -35.44 -13.76 9.61
C25 52J I . -35.52 -14.57 10.72
C26 52J I . -36.57 -14.39 11.66
C27 52J I . -37.53 -13.37 11.45
C28 52J I . -37.44 -12.56 10.35
C29 52J I . -36.38 -12.75 9.40
C37 52J I . -36.91 -14.55 5.62
CA CA J . -34.90 -31.80 26.95
CL CL K . -21.79 -17.65 18.86
N01 52J L . -7.26 0.82 9.77
C02 52J L . -7.71 1.12 11.18
C03 52J L . -8.73 0.36 11.77
C04 52J L . -9.37 -0.73 10.99
C05 52J L . -10.61 -1.31 11.75
C06 52J L . -10.54 -2.65 12.29
C07 52J L . -11.64 -3.18 12.98
O08 52J L . -11.57 -4.45 13.48
C09 52J L . -10.54 -5.34 13.01
C10 52J L . -12.80 -2.43 13.13
O11 52J L . -13.90 -2.97 13.81
C12 52J L . -14.97 -2.11 14.18
C13 52J L . -12.88 -1.12 12.61
O30 52J L . -16.38 1.25 13.89
C31 52J L . -11.75 -0.57 11.91
C32 52J L . -9.14 0.68 13.12
N33 52J L . -8.51 1.70 13.77
C34 52J L . -7.53 2.40 13.16
N35 52J L . -6.88 3.47 13.88
N36 52J L . -7.12 2.12 11.87
C14 52J L . -14.19 -0.30 12.79
C15 52J L . -14.15 1.03 13.28
C16 52J L . -15.43 1.79 13.43
N17 52J L . -15.51 3.15 13.01
N18 52J L . -14.44 3.78 12.49
C19 52J L . -14.70 4.33 11.19
C20 52J L . -16.74 3.87 13.17
C21 52J L . -16.74 4.61 14.50
C22 52J L . -17.83 4.20 15.55
C23 52J L . -18.20 2.74 15.49
C24 52J L . -16.98 4.84 12.06
C25 52J L . -15.99 5.06 11.11
C26 52J L . -16.22 5.98 10.05
C27 52J L . -17.44 6.67 9.96
C28 52J L . -18.42 6.46 10.90
C29 52J L . -18.20 5.53 11.96
C37 52J L . -17.53 4.72 17.03
CA CA M . 1.68 8.87 -3.60
CL CL N . -8.43 -7.44 4.24
C10 52I O . -11.84 -3.61 13.17
C12 52I O . -13.65 -5.22 13.31
N01 52I O . -7.20 0.80 9.74
C02 52I O . -7.70 1.00 11.08
C03 52I O . -8.70 0.17 11.63
C04 52I O . -9.30 -0.98 10.80
C05 52I O . -10.20 -1.90 11.65
C06 52I O . -9.81 -3.23 11.88
C07 52I O . -10.63 -4.09 12.65
O08 52I O . -10.24 -5.40 12.89
C09 52I O . -8.94 -5.79 12.62
O11 52I O . -12.66 -4.46 13.93
C13 52I O . -12.24 -2.28 12.94
C31 52I O . -11.42 -1.43 12.18
C32 52I O . -9.15 0.41 12.94
N33 52I O . -8.57 1.44 13.62
C34 52I O . -7.61 2.23 13.09
N35 52I O . -7.05 3.32 13.88
N36 52I O . -7.17 2.02 11.84
C14 52I O . -13.56 -1.78 13.52
O30 52I O . -16.27 -0.98 14.02
C16 52I O . -15.49 -0.14 13.59
N17 52I O . -15.88 1.27 13.55
N18 52I O . -15.00 2.19 13.08
C19 52I O . -15.52 3.50 12.86
C25 52I O . -16.40 3.97 13.98
C26 52I O . -16.40 5.31 14.42
C27 52I O . -17.25 5.69 15.46
C28 52I O . -18.10 4.75 16.06
C29 52I O . -18.09 3.42 15.62
C24 52I O . -17.24 3.04 14.55
C20 52I O . -17.18 1.64 14.05
C21 52I O . -18.22 1.46 12.90
C15 52I O . -14.11 -0.56 13.09
C22 52I O . -19.45 0.56 13.18
C23 52I O . -19.28 -0.87 12.70
C37 52I O . -20.78 1.20 12.76
N01 52J P . -24.83 -16.54 -28.70
C02 52J P . -24.66 -15.64 -29.89
C03 52J P . -23.51 -15.71 -30.66
C04 52J P . -22.44 -16.69 -30.31
C05 52J P . -21.13 -16.42 -31.12
C06 52J P . -20.50 -17.50 -31.82
C07 52J P . -19.32 -17.28 -32.55
O08 52J P . -18.73 -18.31 -33.21
C09 52J P . -19.33 -19.61 -33.17
C10 52J P . -18.75 -16.00 -32.59
O11 52J P . -17.58 -15.78 -33.31
C12 52J P . -17.63 -15.71 -34.73
C13 52J P . -19.36 -14.93 -31.90
O30 52J P . -16.74 -11.55 -31.28
C31 52J P . -20.57 -15.16 -31.15
C32 52J P . -23.38 -14.82 -31.80
N33 52J P . -24.39 -13.95 -32.07
C34 52J P . -25.49 -13.92 -31.29
N35 52J P . -26.54 -12.99 -31.60
N36 52J P . -25.64 -14.75 -30.20
C14 52J P . -18.72 -13.51 -31.94
C15 52J P . -18.70 -12.69 -30.80
C16 52J P . -17.80 -11.50 -30.75
N17 52J P . -18.21 -10.31 -30.08
N18 52J P . -19.41 -10.23 -29.47
C19 52J P . -19.32 -9.90 -28.08
C20 52J P . -17.35 -9.18 -30.04
C21 52J P . -17.83 -8.14 -31.06
C22 52J P . -16.75 -7.19 -31.69
C23 52J P . -15.62 -7.92 -32.36
C24 52J P . -17.31 -8.56 -28.68
C25 52J P . -18.26 -8.91 -27.75
C26 52J P . -18.23 -8.35 -26.45
C27 52J P . -17.23 -7.41 -26.11
C28 52J P . -16.29 -7.05 -27.04
C29 52J P . -16.32 -7.64 -28.35
C37 52J P . -17.38 -6.00 -32.57
CA CA Q . -35.24 -17.06 -14.04
CL CL R . -20.48 -24.96 -26.31
N01 52J S . 12.09 27.34 32.75
C02 52J S . 11.71 27.55 31.30
C03 52J S . 12.22 28.64 30.59
C04 52J S . 13.17 29.59 31.26
C05 52J S . 13.16 30.97 30.51
C06 52J S . 14.40 31.58 30.14
C07 52J S . 14.41 32.81 29.47
O08 52J S . 15.59 33.40 29.13
C09 52J S . 16.83 32.70 29.40
C10 52J S . 13.20 33.44 29.16
O11 52J S . 13.20 34.67 28.50
C12 52J S . 14.27 34.97 27.60
C13 52J S . 11.98 32.84 29.52
O30 52J S . 9.35 36.67 27.97
C31 52J S . 11.97 31.59 30.21
C32 52J S . 11.84 28.80 29.22
N33 52J S . 10.99 27.91 28.66
C34 52J S . 10.51 26.88 29.39
N35 52J S . 9.60 25.94 28.76
N36 52J S . 10.86 26.69 30.70
C14 52J S . 10.62 33.55 29.18
C15 52J S . 10.63 34.87 28.68
C16 52J S . 9.34 35.58 28.43
N17 52J S . 8.09 34.94 28.72
N18 52J S . 8.06 33.70 29.25
C19 52J S . 7.34 33.62 30.48
C20 52J S . 6.87 35.62 28.48
C21 52J S . 6.24 35.09 27.20
C22 52J S . 5.30 36.06 26.39
C23 52J S . 6.04 37.15 25.67
C24 52J S . 5.90 35.44 29.61
C25 52J S . 6.14 34.47 30.57
C26 52J S . 5.22 34.29 31.64
C27 52J S . 4.08 35.11 31.73
C28 52J S . 3.84 36.08 30.79
C29 52J S . 4.77 36.25 29.70
C37 52J S . 4.23 35.29 25.47
CA CA T . 5.75 17.60 46.54
CL CL U . 19.05 31.28 38.81
N01 52J V . 16.64 32.29 -9.36
C02 52J V . 16.88 33.19 -10.53
C03 52J V . 18.01 33.01 -11.33
C04 52J V . 18.99 31.94 -10.99
C05 52J V . 20.28 32.05 -11.86
C06 52J V . 20.77 30.88 -12.55
C07 52J V . 21.94 30.96 -13.33
O08 52J V . 22.39 29.85 -13.97
C09 52J V . 21.47 28.80 -14.30
C10 52J V . 22.62 32.18 -13.44
O11 52J V . 23.77 32.25 -14.22
C12 52J V . 23.70 32.78 -15.54
C13 52J V . 22.14 33.32 -12.77
O30 52J V . 25.23 36.35 -12.53
C31 52J V . 20.96 33.24 -11.97
C32 52J V . 18.22 33.89 -12.45
N33 52J V . 17.28 34.86 -12.71
C34 52J V . 16.21 34.99 -11.92
N35 52J V . 15.24 36.02 -12.22
N36 52J V . 15.99 34.16 -10.84
C14 52J V . 22.91 34.67 -12.91
C15 52J V . 23.23 35.44 -11.77
C16 52J V . 24.26 36.51 -11.87
N17 52J V . 24.08 37.75 -11.16
N18 52J V . 22.99 37.96 -10.40
C19 52J V . 23.30 38.28 -9.03
C20 52J V . 25.07 38.78 -11.26
C21 52J V . 24.60 39.85 -12.23
C22 52J V . 25.64 40.91 -12.72
C23 52J V . 26.84 40.30 -13.42
C24 52J V . 25.34 39.40 -9.93
C25 52J V . 24.49 39.16 -8.87
C26 52J V . 24.75 39.75 -7.60
C27 52J V . 25.87 40.58 -7.43
C28 52J V . 26.72 40.82 -8.48
C29 52J V . 26.46 40.22 -9.76
C37 52J V . 24.99 42.15 -13.51
CA CA W . 6.43 32.58 5.51
CL CL X . 20.18 23.24 -6.89
N01 52J Y . 22.92 -13.35 -18.80
C02 52J Y . 23.15 -12.37 -19.91
C03 52J Y . 24.30 -12.49 -20.70
C04 52J Y . 25.28 -13.57 -20.44
C05 52J Y . 26.65 -13.26 -21.13
C06 52J Y . 27.21 -14.21 -22.05
C07 52J Y . 28.45 -13.95 -22.67
O08 52J Y . 28.98 -14.85 -23.54
C09 52J Y . 28.37 -16.15 -23.68
C10 52J Y . 29.13 -12.76 -22.40
O11 52J Y . 30.33 -12.49 -23.01
C12 52J Y . 30.47 -12.73 -24.41
C13 52J Y . 28.58 -11.82 -21.49
O30 52J Y . 32.18 -8.65 -22.18
C31 52J Y . 27.31 -12.10 -20.86
C32 52J Y . 24.51 -11.53 -21.77
N33 52J Y . 23.57 -10.56 -21.97
C34 52J Y . 22.49 -10.48 -21.18
N35 52J Y . 21.52 -9.44 -21.41
N36 52J Y . 22.26 -11.38 -20.15
C14 52J Y . 29.33 -10.49 -21.18
C15 52J Y . 30.28 -9.98 -22.08
C16 52J Y . 31.08 -8.78 -21.74
N17 52J Y . 30.55 -7.76 -20.88
N18 52J Y . 29.31 -7.88 -20.36
C19 52J Y . 29.28 -7.81 -18.92
C20 52J Y . 31.33 -6.62 -20.55
C21 52J Y . 30.89 -5.45 -21.44
C22 52J Y . 31.98 -4.76 -22.33
C23 52J Y . 31.94 -5.20 -23.78
C24 52J Y . 31.19 -6.22 -19.12
C25 52J Y . 30.20 -6.80 -18.34
C26 52J Y . 30.07 -6.44 -16.98
C27 52J Y . 30.94 -5.48 -16.41
C28 52J Y . 31.91 -4.90 -17.19
C29 52J Y . 32.05 -5.27 -18.57
C37 52J Y . 32.05 -3.17 -22.14
CA CA Z . 13.11 -13.16 -3.56
CL CL AA . 26.75 -22.37 -16.27
N01 52J BA . 19.54 -18.21 23.45
C02 52J BA . 19.21 -17.94 22.01
C03 52J BA . 19.83 -16.87 21.35
C04 52J BA . 20.79 -16.00 22.07
C05 52J BA . 21.23 -14.77 21.20
C06 52J BA . 22.63 -14.52 21.00
C07 52J BA . 23.05 -13.42 20.23
O08 52J BA . 24.37 -13.18 20.05
C09 52J BA . 25.34 -14.10 20.59
C10 52J BA . 22.09 -12.57 19.64
O11 52J BA . 22.51 -11.50 18.89
C12 52J BA . 22.08 -11.38 17.52
C13 52J BA . 20.72 -12.82 19.84
O30 52J BA . 17.98 -9.61 18.78
C31 52J BA . 20.29 -13.95 20.63
C32 52J BA . 19.49 -16.64 19.95
N33 52J BA . 18.61 -17.47 19.35
C34 52J BA . 18.05 -18.48 20.02
N35 52J BA . 17.10 -19.35 19.36
N36 52J BA . 18.34 -18.74 21.35
C14 52J BA . 19.66 -11.88 19.19
C15 52J BA . 18.45 -11.62 19.85
C16 52J BA . 17.54 -10.54 19.36
N17 52J BA . 16.12 -10.64 19.58
N18 52J BA . 15.61 -11.70 20.24
C19 52J BA . 14.85 -11.33 21.40
C20 52J BA . 15.25 -9.62 19.11
C21 52J BA . 14.60 -10.07 17.80
C22 52J BA . 13.65 -9.06 17.07
C23 52J BA . 14.39 -8.02 16.27
C24 52J BA . 14.18 -9.30 20.12
C25 52J BA . 14.00 -10.13 21.21
C26 52J BA . 12.99 -9.84 22.16
C27 52J BA . 12.17 -8.71 22.00
C28 52J BA . 12.35 -7.88 20.92
C29 52J BA . 13.38 -8.18 19.96
C37 52J BA . 12.44 -9.75 16.28
CA CA CA . 12.38 -27.33 37.26
CL CL DA . 27.02 -15.14 29.02
C10 52I EA . 22.10 -12.76 19.68
C12 52I EA . 23.77 -11.12 19.06
N01 52I EA . 19.48 -18.39 23.46
C02 52I EA . 19.19 -18.08 22.08
C03 52I EA . 19.84 -17.01 21.42
C04 52I EA . 20.86 -16.13 22.15
C05 52I EA . 21.30 -14.94 21.27
C06 52I EA . 22.66 -14.63 21.15
C07 52I EA . 23.07 -13.54 20.35
O08 52I EA . 24.41 -13.22 20.23
C09 52I EA . 25.36 -14.16 20.61
O11 52I EA . 22.50 -11.67 18.89
C13 52I EA . 20.74 -13.07 19.80
C31 52I EA . 20.34 -14.17 20.60
C32 52I EA . 19.51 -16.76 20.07
N33 52I EA . 18.59 -17.56 19.46
C34 52I EA . 17.98 -18.59 20.11
N35 52I EA . 17.01 -19.41 19.41
N36 52I EA . 18.27 -18.84 21.40
C14 52I EA . 19.69 -12.23 19.07
O30 52I EA . 19.21 -9.33 18.40
C16 52I EA . 18.44 -10.02 19.03
N17 52I EA . 17.03 -9.67 19.09
N18 52I EA . 16.15 -10.43 19.79
C19 52I EA . 15.06 -10.92 18.99
C25 52I EA . 14.54 -9.93 17.98
C26 52I EA . 13.33 -10.19 17.31
C27 52I EA . 12.83 -9.28 16.38
C28 52I EA . 13.55 -8.11 16.09
C29 52I EA . 14.76 -7.85 16.75
C24 52I EA . 15.25 -8.78 17.70
C20 52I EA . 16.54 -8.50 18.41
C21 52I EA . 16.35 -7.36 19.43
C15 52I EA . 18.95 -11.27 19.77
C22 52I EA . 16.82 -5.94 19.03
C23 52I EA . 18.20 -5.57 19.56
C37 52I EA . 15.77 -4.85 19.26
N01 52J FA . -4.85 12.68 -30.65
C02 52J FA . -4.42 12.48 -29.23
C03 52J FA . -5.20 12.99 -28.20
C04 52J FA . -6.45 13.73 -28.50
C05 52J FA . -7.02 14.47 -27.24
C06 52J FA . -8.43 14.41 -26.97
C07 52J FA . -8.97 15.06 -25.85
O08 52J FA . -10.30 15.00 -25.59
C09 52J FA . -11.10 14.02 -26.27
C10 52J FA . -8.12 15.77 -24.98
O11 52J FA . -8.64 16.42 -23.87
C12 52J FA . -8.74 15.73 -22.63
C13 52J FA . -6.74 15.84 -25.25
O30 52J FA . -4.89 19.05 -23.01
C31 52J FA . -6.19 15.18 -26.40
C32 52J FA . -4.77 12.77 -26.83
N33 52J FA . -3.61 12.08 -26.61
C34 52J FA . -2.89 11.60 -27.65
N35 52J FA . -1.68 10.86 -27.39
N36 52J FA . -3.29 11.79 -28.96
C14 52J FA . -5.80 16.63 -24.28
C15 52J FA . -4.88 17.56 -24.79
C16 52J FA . -4.24 18.55 -23.87
N17 52J FA . -2.86 18.90 -24.02
N18 52J FA . -2.12 18.34 -25.00
C19 52J FA . -1.53 19.29 -25.88
C20 52J FA . -2.25 19.84 -23.15
C21 52J FA . -1.38 19.10 -22.14
C22 52J FA . -0.78 19.92 -20.94
C23 52J FA . -1.82 20.29 -19.91
C24 52J FA . -1.42 20.82 -23.91
C25 52J FA . -1.08 20.54 -25.22
C26 52J FA . -0.29 21.47 -25.96
C27 52J FA . 0.14 22.68 -25.34
C28 52J FA . -0.20 22.94 -24.04
C29 52J FA . -0.99 22.00 -23.31
C37 52J FA . 0.55 19.29 -20.32
CL CL GA . -13.17 15.72 -35.33
CA CA HA . 3.59 11.53 -46.91
#